data_3MBH
#
_entry.id   3MBH
#
_cell.length_a   93.723
_cell.length_b   138.368
_cell.length_c   143.539
_cell.angle_alpha   90.000
_cell.angle_beta   90.000
_cell.angle_gamma   90.000
#
_symmetry.space_group_name_H-M   'P 21 21 21'
#
loop_
_entity.id
_entity.type
_entity.pdbx_description
1 polymer 'Putative phosphomethylpyrimidine kinase'
2 non-polymer 3-HYDROXY-5-(HYDROXYMETHYL)-2-METHYLISONICOTINALDEHYDE
3 non-polymer 'CHLORIDE ION'
4 water water
#
_entity_poly.entity_id   1
_entity_poly.type   'polypeptide(L)'
_entity_poly.pdbx_seq_one_letter_code
;G(MSE)YANKVKKIAAVHDLSG(MSE)GRVSLTVVIPILSS(MSE)GFQVCPLPTAVLSNHTQYPGFSFLDLTDE(MSE)
PKIIAEWKKLEVQFDAIYTGYLGSPRQIQIVSDFIKDFRQPDSLIVADPVLGDNGRLYTNFD(MSE)E(MSE)VKE
(MSE)RHLITKADVITPNLTELFYLLDEPYKADSTDEELKEYLRLLSDKGPQVVIITSVPVHDEPHKTSVYAYNRQGNRY
WKVTCPYLPAHYPGTGDTFTSVITGSL(MSE)QGDSLP(MSE)ALDRATQFILQGIRATFGYEYDNREGILLEKVLHNLD
(MSE)PIQ(MSE)ASYELI
;
_entity_poly.pdbx_strand_id   A,B,C,D,E,F
#
loop_
_chem_comp.id
_chem_comp.type
_chem_comp.name
_chem_comp.formula
CL non-polymer 'CHLORIDE ION' 'Cl -1'
PXL non-polymer 3-HYDROXY-5-(HYDROXYMETHYL)-2-METHYLISONICOTINALDEHYDE 'C8 H9 N O3'
#
# COMPACT_ATOMS: atom_id res chain seq x y z
N MSE A 2 -17.36 -25.01 9.75
CA MSE A 2 -16.44 -23.86 10.03
C MSE A 2 -15.86 -23.24 8.74
O MSE A 2 -15.59 -23.95 7.76
CB MSE A 2 -15.28 -24.30 10.92
CG MSE A 2 -14.42 -23.13 11.48
SE MSE A 2 -12.53 -23.58 11.90
CE MSE A 2 -11.56 -22.89 10.30
N TYR A 3 -15.68 -21.91 8.78
CA TYR A 3 -15.12 -21.10 7.67
C TYR A 3 -14.23 -21.93 6.73
N ALA A 4 -14.64 -22.02 5.47
CA ALA A 4 -13.74 -22.33 4.35
C ALA A 4 -14.03 -21.31 3.23
N ASN A 5 -13.00 -20.59 2.77
CA ASN A 5 -13.17 -19.53 1.76
C ASN A 5 -11.99 -19.56 0.76
N LYS A 6 -12.02 -20.54 -0.15
CA LYS A 6 -10.92 -20.90 -1.06
C LYS A 6 -10.60 -19.85 -2.14
N VAL A 7 -9.41 -19.94 -2.72
CA VAL A 7 -9.09 -19.23 -3.98
C VAL A 7 -9.98 -19.78 -5.11
N LYS A 8 -10.82 -18.93 -5.70
N LYS A 8 -10.83 -18.95 -5.70
CA LYS A 8 -11.71 -19.38 -6.78
CA LYS A 8 -11.71 -19.41 -6.78
C LYS A 8 -10.94 -19.61 -8.09
C LYS A 8 -10.95 -19.61 -8.10
N LYS A 9 -11.46 -20.52 -8.92
CA LYS A 9 -10.82 -20.90 -10.17
C LYS A 9 -11.66 -20.48 -11.39
N ILE A 10 -10.97 -19.93 -12.37
CA ILE A 10 -11.58 -19.52 -13.62
C ILE A 10 -11.01 -20.31 -14.78
N ALA A 11 -11.83 -21.02 -15.53
CA ALA A 11 -11.35 -21.67 -16.72
C ALA A 11 -11.31 -20.58 -17.84
N ALA A 12 -10.14 -20.36 -18.44
CA ALA A 12 -9.90 -19.33 -19.41
C ALA A 12 -9.72 -19.95 -20.80
N VAL A 13 -10.74 -19.79 -21.63
CA VAL A 13 -10.81 -20.37 -22.99
C VAL A 13 -10.41 -19.26 -24.02
N HIS A 14 -9.10 -19.13 -24.20
CA HIS A 14 -8.50 -18.10 -24.98
C HIS A 14 -7.24 -18.69 -25.60
N ASP A 15 -6.73 -18.01 -26.62
CA ASP A 15 -5.47 -18.35 -27.20
C ASP A 15 -4.25 -17.90 -26.37
N LEU A 16 -3.09 -18.50 -26.68
CA LEU A 16 -1.79 -18.10 -26.15
C LEU A 16 -1.00 -17.49 -27.27
N SER A 17 -0.78 -16.18 -27.14
CA SER A 17 0.00 -15.41 -28.05
C SER A 17 1.31 -14.92 -27.39
N GLY A 18 2.42 -15.14 -28.09
CA GLY A 18 3.72 -14.74 -27.62
C GLY A 18 3.91 -13.24 -27.42
N MSE A 19 3.66 -12.44 -28.46
CA MSE A 19 3.86 -10.99 -28.38
C MSE A 19 2.49 -10.33 -28.59
O MSE A 19 1.56 -10.93 -29.09
CB MSE A 19 4.91 -10.53 -29.38
CG MSE A 19 6.32 -10.41 -28.76
SE MSE A 19 6.18 -8.76 -27.68
CE MSE A 19 5.88 -7.41 -29.14
N GLY A 20 2.38 -9.10 -28.14
CA GLY A 20 1.15 -8.41 -28.05
C GLY A 20 0.56 -8.71 -26.70
N ARG A 21 -0.35 -7.87 -26.26
CA ARG A 21 -0.99 -8.14 -25.01
C ARG A 21 -2.47 -8.46 -25.28
N VAL A 22 -2.74 -9.72 -25.58
CA VAL A 22 -4.06 -10.21 -25.87
C VAL A 22 -4.27 -11.49 -25.09
N SER A 23 -5.51 -11.91 -24.99
CA SER A 23 -5.86 -13.29 -24.66
C SER A 23 -5.18 -13.78 -23.36
N LEU A 24 -4.64 -14.99 -23.31
CA LEU A 24 -4.15 -15.53 -22.04
C LEU A 24 -3.05 -14.67 -21.33
N THR A 25 -2.21 -14.00 -22.11
CA THR A 25 -1.13 -13.22 -21.53
C THR A 25 -1.68 -11.93 -20.92
N VAL A 26 -2.98 -11.67 -21.07
CA VAL A 26 -3.65 -10.56 -20.37
C VAL A 26 -4.53 -11.14 -19.24
N VAL A 27 -5.30 -12.18 -19.55
CA VAL A 27 -6.25 -12.77 -18.63
C VAL A 27 -5.56 -13.35 -17.40
N ILE A 28 -4.43 -14.03 -17.59
CA ILE A 28 -3.73 -14.66 -16.47
C ILE A 28 -3.20 -13.60 -15.44
N PRO A 29 -2.41 -12.63 -15.88
CA PRO A 29 -1.91 -11.63 -14.90
C PRO A 29 -3.00 -10.81 -14.21
N ILE A 30 -4.02 -10.39 -14.95
CA ILE A 30 -5.07 -9.56 -14.36
C ILE A 30 -5.87 -10.37 -13.31
N LEU A 31 -6.40 -11.52 -13.70
CA LEU A 31 -7.24 -12.28 -12.79
C LEU A 31 -6.40 -12.83 -11.61
N SER A 32 -5.15 -13.29 -11.84
CA SER A 32 -4.31 -13.71 -10.72
C SER A 32 -4.13 -12.55 -9.72
N SER A 33 -3.83 -11.36 -10.24
N SER A 33 -3.87 -11.36 -10.26
CA SER A 33 -3.67 -10.16 -9.41
CA SER A 33 -3.67 -10.17 -9.45
C SER A 33 -4.93 -9.90 -8.61
C SER A 33 -4.93 -9.75 -8.73
N MSE A 34 -6.09 -10.18 -9.21
CA MSE A 34 -7.35 -9.94 -8.57
C MSE A 34 -7.72 -11.07 -7.61
O MSE A 34 -8.76 -10.99 -6.97
CB MSE A 34 -8.44 -9.71 -9.57
CG MSE A 34 -8.19 -8.39 -10.39
SE MSE A 34 -9.58 -8.00 -11.67
CE MSE A 34 -10.80 -7.15 -10.44
N GLY A 35 -6.88 -12.09 -7.51
CA GLY A 35 -7.07 -13.11 -6.48
C GLY A 35 -7.61 -14.43 -6.95
N PHE A 36 -7.65 -14.65 -8.27
CA PHE A 36 -8.27 -15.85 -8.83
C PHE A 36 -7.23 -16.69 -9.50
N GLN A 37 -7.34 -18.00 -9.38
CA GLN A 37 -6.49 -18.89 -10.17
C GLN A 37 -7.10 -19.06 -11.58
N VAL A 38 -6.31 -18.84 -12.62
CA VAL A 38 -6.71 -18.96 -13.99
C VAL A 38 -6.15 -20.28 -14.52
N CYS A 39 -7.06 -21.09 -15.06
CA CYS A 39 -6.77 -22.40 -15.58
C CYS A 39 -7.02 -22.35 -17.08
N PRO A 40 -5.94 -22.26 -17.86
CA PRO A 40 -6.09 -22.10 -19.31
C PRO A 40 -6.57 -23.36 -20.05
N LEU A 41 -7.58 -23.16 -20.91
CA LEU A 41 -7.99 -24.09 -21.95
C LEU A 41 -7.64 -23.39 -23.27
N PRO A 42 -6.42 -23.60 -23.77
CA PRO A 42 -5.91 -22.81 -24.86
C PRO A 42 -6.53 -23.18 -26.21
N THR A 43 -6.95 -22.17 -26.98
CA THR A 43 -7.70 -22.36 -28.23
C THR A 43 -6.78 -22.44 -29.44
N ALA A 44 -5.58 -21.91 -29.29
CA ALA A 44 -4.62 -21.75 -30.37
C ALA A 44 -3.30 -21.28 -29.77
N VAL A 45 -2.23 -21.50 -30.51
CA VAL A 45 -0.92 -20.92 -30.20
C VAL A 45 -0.46 -20.01 -31.34
N LEU A 46 -0.12 -18.77 -30.99
CA LEU A 46 0.37 -17.82 -31.97
C LEU A 46 1.64 -17.14 -31.49
N SER A 47 2.51 -16.73 -32.42
CA SER A 47 3.69 -15.94 -32.15
C SER A 47 3.33 -14.55 -31.58
N ASN A 48 2.17 -14.05 -32.03
CA ASN A 48 1.71 -12.71 -31.74
C ASN A 48 0.28 -12.55 -32.23
N HIS A 49 -0.38 -11.46 -31.83
CA HIS A 49 -1.78 -11.31 -32.22
C HIS A 49 -1.92 -11.08 -33.73
N THR A 50 -3.15 -11.23 -34.23
CA THR A 50 -3.43 -11.18 -35.67
C THR A 50 -3.59 -9.77 -36.27
N GLN A 51 -3.35 -8.73 -35.49
CA GLN A 51 -3.31 -7.36 -36.03
C GLN A 51 -1.88 -6.91 -36.40
N TYR A 52 -0.90 -7.75 -36.14
CA TYR A 52 0.39 -7.60 -36.80
C TYR A 52 0.28 -8.08 -38.27
N PRO A 53 1.24 -7.68 -39.12
CA PRO A 53 1.11 -8.11 -40.52
C PRO A 53 1.12 -9.65 -40.68
N GLY A 54 1.79 -10.38 -39.82
CA GLY A 54 1.86 -11.82 -39.98
C GLY A 54 1.90 -12.45 -38.58
N PHE A 55 1.70 -13.75 -38.55
CA PHE A 55 1.73 -14.48 -37.32
C PHE A 55 1.82 -15.96 -37.63
N SER A 56 2.43 -16.72 -36.71
CA SER A 56 2.33 -18.18 -36.69
C SER A 56 0.99 -18.53 -36.07
N PHE A 57 0.45 -19.68 -36.45
CA PHE A 57 -0.83 -20.08 -35.95
C PHE A 57 -0.91 -21.61 -35.84
N LEU A 58 -1.24 -22.11 -34.65
CA LEU A 58 -1.53 -23.51 -34.44
C LEU A 58 -2.91 -23.62 -33.73
N ASP A 59 -3.82 -24.31 -34.42
CA ASP A 59 -5.20 -24.50 -34.00
C ASP A 59 -5.18 -25.59 -32.99
N LEU A 60 -5.69 -25.37 -31.79
CA LEU A 60 -5.67 -26.43 -30.77
C LEU A 60 -7.03 -27.14 -30.56
N THR A 61 -7.95 -27.01 -31.54
CA THR A 61 -9.30 -27.57 -31.47
C THR A 61 -9.26 -29.01 -31.01
N ASP A 62 -8.41 -29.82 -31.65
CA ASP A 62 -8.40 -31.21 -31.31
C ASP A 62 -7.73 -31.60 -29.99
N GLU A 63 -6.99 -30.69 -29.38
CA GLU A 63 -6.45 -30.97 -28.05
C GLU A 63 -7.46 -30.64 -26.94
N MSE A 64 -8.38 -29.74 -27.20
N MSE A 64 -8.37 -29.73 -27.23
CA MSE A 64 -9.30 -29.25 -26.17
CA MSE A 64 -9.33 -29.19 -26.27
C MSE A 64 -10.17 -30.36 -25.56
C MSE A 64 -10.22 -30.27 -25.61
O MSE A 64 -10.29 -30.46 -24.34
O MSE A 64 -10.38 -30.27 -24.39
CB MSE A 64 -10.16 -28.07 -26.71
CB MSE A 64 -10.17 -28.08 -26.95
CG MSE A 64 -9.35 -26.79 -26.97
CG MSE A 64 -11.30 -27.50 -26.12
SE MSE A 64 -10.28 -25.38 -27.95
SE MSE A 64 -12.06 -25.82 -26.84
CE MSE A 64 -11.19 -26.54 -29.13
CE MSE A 64 -12.55 -26.43 -28.61
N PRO A 65 -10.76 -31.22 -26.39
CA PRO A 65 -11.51 -32.32 -25.77
C PRO A 65 -10.63 -33.23 -24.89
N LYS A 66 -9.36 -33.36 -25.27
CA LYS A 66 -8.44 -34.21 -24.49
C LYS A 66 -8.16 -33.58 -23.13
N ILE A 67 -8.01 -32.26 -23.11
CA ILE A 67 -7.84 -31.51 -21.88
C ILE A 67 -9.10 -31.58 -21.01
N ILE A 68 -10.26 -31.27 -21.59
CA ILE A 68 -11.55 -31.37 -20.87
C ILE A 68 -11.71 -32.76 -20.21
N ALA A 69 -11.32 -33.82 -20.91
CA ALA A 69 -11.50 -35.15 -20.42
C ALA A 69 -10.68 -35.39 -19.15
N GLU A 70 -9.45 -34.83 -19.12
CA GLU A 70 -8.61 -34.95 -17.94
C GLU A 70 -9.20 -34.13 -16.81
N TRP A 71 -9.72 -32.96 -17.13
CA TRP A 71 -10.30 -32.10 -16.10
C TRP A 71 -11.49 -32.82 -15.42
N LYS A 72 -12.26 -33.56 -16.21
CA LYS A 72 -13.34 -34.34 -15.65
C LYS A 72 -12.80 -35.42 -14.75
N LYS A 73 -11.72 -36.12 -15.15
CA LYS A 73 -11.14 -37.16 -14.28
C LYS A 73 -10.60 -36.57 -13.01
N LEU A 74 -10.03 -35.38 -13.06
CA LEU A 74 -9.52 -34.71 -11.86
C LEU A 74 -10.63 -34.19 -10.95
N GLU A 75 -11.87 -34.25 -11.42
N GLU A 75 -11.86 -34.23 -11.45
CA GLU A 75 -13.01 -33.66 -10.72
CA GLU A 75 -13.02 -33.63 -10.81
C GLU A 75 -12.83 -32.16 -10.41
C GLU A 75 -12.80 -32.17 -10.42
N VAL A 76 -12.19 -31.41 -11.33
CA VAL A 76 -11.97 -29.99 -11.13
C VAL A 76 -13.28 -29.25 -11.26
N GLN A 77 -13.47 -28.27 -10.39
N GLN A 77 -13.50 -28.29 -10.36
CA GLN A 77 -14.64 -27.43 -10.41
CA GLN A 77 -14.68 -27.43 -10.38
C GLN A 77 -14.26 -25.98 -10.65
C GLN A 77 -14.25 -25.99 -10.67
N PHE A 78 -14.96 -25.32 -11.57
CA PHE A 78 -14.70 -23.91 -11.83
C PHE A 78 -15.76 -23.00 -11.29
N ASP A 79 -15.34 -21.89 -10.73
CA ASP A 79 -16.25 -20.86 -10.23
C ASP A 79 -16.68 -19.96 -11.37
N ALA A 80 -15.87 -19.94 -12.43
CA ALA A 80 -16.24 -19.18 -13.59
C ALA A 80 -15.60 -19.76 -14.82
N ILE A 81 -16.20 -19.48 -15.98
CA ILE A 81 -15.67 -19.86 -17.29
C ILE A 81 -15.74 -18.59 -18.15
N TYR A 82 -14.57 -18.25 -18.74
CA TYR A 82 -14.42 -16.99 -19.44
C TYR A 82 -13.79 -17.31 -20.77
N THR A 83 -14.52 -17.00 -21.82
CA THR A 83 -14.10 -17.32 -23.16
C THR A 83 -13.77 -16.08 -23.96
N GLY A 84 -12.87 -16.26 -24.93
CA GLY A 84 -12.55 -15.21 -25.88
C GLY A 84 -12.21 -15.73 -27.26
N TYR A 85 -11.05 -15.35 -27.75
CA TYR A 85 -10.63 -15.74 -29.09
C TYR A 85 -10.59 -17.27 -29.21
N LEU A 86 -11.30 -17.81 -30.18
CA LEU A 86 -11.36 -19.25 -30.46
C LEU A 86 -10.63 -19.58 -31.74
N GLY A 87 -10.10 -20.75 -31.82
CA GLY A 87 -9.20 -21.12 -32.92
C GLY A 87 -9.79 -21.73 -34.18
N SER A 88 -11.07 -22.14 -34.13
CA SER A 88 -11.76 -22.58 -35.33
C SER A 88 -13.26 -22.54 -35.07
N PRO A 89 -14.08 -22.61 -36.11
CA PRO A 89 -15.53 -22.69 -35.85
C PRO A 89 -16.02 -23.95 -35.12
N ARG A 90 -15.24 -25.02 -35.18
CA ARG A 90 -15.55 -26.27 -34.47
C ARG A 90 -15.50 -26.08 -32.93
N GLN A 91 -14.80 -25.07 -32.47
CA GLN A 91 -14.65 -24.86 -31.05
C GLN A 91 -15.92 -24.39 -30.39
N ILE A 92 -16.81 -23.77 -31.14
CA ILE A 92 -18.00 -23.22 -30.48
C ILE A 92 -18.78 -24.33 -29.77
N GLN A 93 -18.97 -25.44 -30.44
CA GLN A 93 -19.77 -26.51 -29.85
C GLN A 93 -19.05 -27.27 -28.74
N ILE A 94 -17.75 -27.42 -28.90
CA ILE A 94 -16.89 -27.99 -27.84
C ILE A 94 -16.98 -27.14 -26.59
N VAL A 95 -16.93 -25.84 -26.79
CA VAL A 95 -16.96 -24.91 -25.68
C VAL A 95 -18.36 -24.85 -25.08
N SER A 96 -19.39 -24.86 -25.91
N SER A 96 -19.40 -24.86 -25.92
CA SER A 96 -20.76 -24.92 -25.40
CA SER A 96 -20.78 -24.92 -25.43
C SER A 96 -20.99 -26.14 -24.49
C SER A 96 -21.01 -26.14 -24.52
N ASP A 97 -20.50 -27.29 -24.92
CA ASP A 97 -20.58 -28.53 -24.12
C ASP A 97 -19.78 -28.45 -22.83
N PHE A 98 -18.63 -27.76 -22.87
CA PHE A 98 -17.80 -27.56 -21.73
C PHE A 98 -18.55 -26.76 -20.66
N ILE A 99 -19.17 -25.67 -21.10
CA ILE A 99 -20.00 -24.83 -20.23
C ILE A 99 -21.16 -25.65 -19.67
N LYS A 100 -21.81 -26.44 -20.52
CA LYS A 100 -22.93 -27.26 -20.04
C LYS A 100 -22.48 -28.20 -18.94
N ASP A 101 -21.34 -28.86 -19.13
CA ASP A 101 -20.86 -29.86 -18.20
C ASP A 101 -20.19 -29.29 -16.94
N PHE A 102 -19.68 -28.07 -17.01
CA PHE A 102 -18.90 -27.57 -15.89
C PHE A 102 -19.58 -26.43 -15.15
N ARG A 103 -20.73 -26.01 -15.62
CA ARG A 103 -21.33 -24.87 -14.95
C ARG A 103 -21.91 -25.38 -13.63
N GLN A 104 -22.01 -24.47 -12.69
CA GLN A 104 -22.61 -24.79 -11.41
C GLN A 104 -23.73 -23.79 -11.23
N PRO A 105 -24.58 -24.01 -10.23
CA PRO A 105 -25.60 -23.01 -9.92
C PRO A 105 -25.04 -21.62 -9.61
N ASP A 106 -23.91 -21.54 -8.93
CA ASP A 106 -23.31 -20.21 -8.67
C ASP A 106 -22.32 -19.76 -9.75
N SER A 107 -22.16 -20.48 -10.87
CA SER A 107 -21.13 -20.06 -11.89
C SER A 107 -21.41 -18.74 -12.61
N LEU A 108 -20.32 -18.15 -13.07
CA LEU A 108 -20.38 -16.96 -13.88
C LEU A 108 -19.77 -17.43 -15.18
N ILE A 109 -20.55 -17.41 -16.25
CA ILE A 109 -20.11 -17.71 -17.58
C ILE A 109 -20.00 -16.37 -18.33
N VAL A 110 -18.77 -16.06 -18.73
CA VAL A 110 -18.47 -14.85 -19.46
C VAL A 110 -17.96 -15.17 -20.84
N ALA A 111 -18.58 -14.59 -21.88
CA ALA A 111 -18.07 -14.78 -23.21
C ALA A 111 -17.83 -13.41 -23.81
N ASP A 112 -16.57 -13.16 -24.13
CA ASP A 112 -16.22 -12.07 -24.99
C ASP A 112 -16.34 -12.60 -26.43
N PRO A 113 -17.31 -12.10 -27.21
CA PRO A 113 -17.52 -12.63 -28.54
C PRO A 113 -16.48 -12.11 -29.55
N VAL A 114 -15.24 -12.54 -29.39
CA VAL A 114 -14.08 -12.04 -30.14
C VAL A 114 -14.22 -12.40 -31.64
N LEU A 115 -14.50 -11.38 -32.47
CA LEU A 115 -14.69 -11.57 -33.92
C LEU A 115 -14.00 -10.54 -34.80
N GLY A 116 -13.84 -9.33 -34.29
CA GLY A 116 -13.30 -8.23 -35.07
C GLY A 116 -13.35 -6.88 -34.37
N ASP A 117 -12.92 -5.85 -35.08
CA ASP A 117 -12.93 -4.51 -34.54
C ASP A 117 -12.74 -3.60 -35.75
N ASN A 118 -12.99 -2.31 -35.52
CA ASN A 118 -12.95 -1.29 -36.56
C ASN A 118 -13.74 -1.64 -37.75
N GLY A 119 -14.91 -2.26 -37.58
CA GLY A 119 -15.78 -2.53 -38.68
C GLY A 119 -15.37 -3.71 -39.56
N ARG A 120 -14.43 -4.54 -39.12
CA ARG A 120 -13.99 -5.66 -39.95
C ARG A 120 -13.80 -6.87 -39.05
N LEU A 121 -13.92 -8.06 -39.59
CA LEU A 121 -13.48 -9.27 -38.87
C LEU A 121 -11.99 -9.39 -38.71
N TYR A 122 -11.52 -10.04 -37.65
CA TYR A 122 -10.09 -10.32 -37.52
C TYR A 122 -9.57 -11.30 -38.60
N THR A 123 -8.26 -11.28 -38.84
CA THR A 123 -7.68 -11.98 -40.00
C THR A 123 -8.06 -13.45 -39.98
N ASN A 124 -8.53 -13.93 -41.11
CA ASN A 124 -8.94 -15.32 -41.28
C ASN A 124 -10.29 -15.68 -40.62
N PHE A 125 -10.97 -14.74 -39.98
CA PHE A 125 -12.35 -14.99 -39.56
C PHE A 125 -13.27 -14.73 -40.74
N ASP A 126 -14.32 -15.53 -40.88
CA ASP A 126 -15.37 -15.36 -41.88
C ASP A 126 -16.73 -15.59 -41.23
N MSE A 127 -17.78 -15.65 -42.04
CA MSE A 127 -19.10 -15.69 -41.47
C MSE A 127 -19.37 -16.98 -40.68
O MSE A 127 -20.26 -16.99 -39.87
CB MSE A 127 -20.18 -15.45 -42.53
CG MSE A 127 -20.25 -14.01 -43.10
SE MSE A 127 -20.36 -12.66 -41.73
CE MSE A 127 -22.18 -13.05 -41.11
N GLU A 128 -18.61 -18.07 -40.89
CA GLU A 128 -18.85 -19.28 -40.11
C GLU A 128 -18.52 -19.07 -38.65
N MSE A 129 -17.41 -18.41 -38.40
CA MSE A 129 -17.06 -18.03 -37.04
C MSE A 129 -18.17 -17.13 -36.47
O MSE A 129 -18.60 -17.35 -35.34
CB MSE A 129 -15.70 -17.35 -36.99
CG MSE A 129 -15.31 -17.01 -35.63
SE MSE A 129 -14.74 -18.68 -34.59
CE MSE A 129 -13.83 -19.46 -36.00
N VAL A 130 -18.68 -16.19 -37.25
CA VAL A 130 -19.74 -15.30 -36.76
C VAL A 130 -21.01 -16.09 -36.41
N LYS A 131 -21.49 -16.91 -37.36
CA LYS A 131 -22.69 -17.71 -37.13
C LYS A 131 -22.54 -18.60 -35.87
N GLU A 132 -21.39 -19.24 -35.69
CA GLU A 132 -21.17 -20.06 -34.47
C GLU A 132 -21.15 -19.21 -33.18
N MSE A 133 -20.49 -18.05 -33.25
CA MSE A 133 -20.41 -17.21 -32.08
C MSE A 133 -21.80 -16.78 -31.61
O MSE A 133 -22.05 -16.68 -30.42
CB MSE A 133 -19.49 -16.02 -32.34
CG MSE A 133 -19.20 -15.16 -31.13
SE MSE A 133 -18.26 -16.17 -29.73
CE MSE A 133 -16.45 -16.13 -30.44
N ARG A 134 -22.71 -16.54 -32.57
CA ARG A 134 -24.09 -16.25 -32.27
C ARG A 134 -24.73 -17.33 -31.38
N HIS A 135 -24.34 -18.58 -31.57
CA HIS A 135 -24.78 -19.65 -30.71
C HIS A 135 -24.14 -19.59 -29.32
N LEU A 136 -22.82 -19.43 -29.28
CA LEU A 136 -22.11 -19.46 -28.03
C LEU A 136 -22.61 -18.38 -27.06
N ILE A 137 -22.96 -17.20 -27.56
CA ILE A 137 -23.39 -16.15 -26.62
C ILE A 137 -24.69 -16.53 -25.87
N THR A 138 -25.49 -17.45 -26.41
CA THR A 138 -26.76 -17.83 -25.80
C THR A 138 -26.50 -18.61 -24.52
N LYS A 139 -25.26 -19.04 -24.34
CA LYS A 139 -24.91 -19.88 -23.24
C LYS A 139 -24.26 -19.08 -22.11
N ALA A 140 -24.04 -17.79 -22.29
CA ALA A 140 -23.27 -16.95 -21.33
C ALA A 140 -24.18 -16.17 -20.42
N ASP A 141 -23.64 -15.80 -19.26
CA ASP A 141 -24.30 -14.86 -18.33
C ASP A 141 -23.95 -13.41 -18.66
N VAL A 142 -22.72 -13.20 -19.09
CA VAL A 142 -22.17 -11.86 -19.34
C VAL A 142 -21.48 -11.93 -20.69
N ILE A 143 -21.81 -11.07 -21.64
CA ILE A 143 -21.07 -10.91 -22.87
C ILE A 143 -20.58 -9.48 -23.08
N THR A 144 -19.43 -9.35 -23.74
CA THR A 144 -18.77 -8.07 -23.85
C THR A 144 -18.38 -7.70 -25.32
N PRO A 145 -19.32 -7.78 -26.26
CA PRO A 145 -18.98 -7.34 -27.62
C PRO A 145 -18.57 -5.88 -27.74
N ASN A 146 -17.63 -5.61 -28.65
CA ASN A 146 -17.42 -4.26 -29.13
C ASN A 146 -18.47 -3.93 -30.17
N LEU A 147 -18.52 -2.68 -30.63
CA LEU A 147 -19.59 -2.27 -31.54
C LEU A 147 -19.61 -3.10 -32.84
N THR A 148 -18.43 -3.39 -33.35
CA THR A 148 -18.30 -4.22 -34.53
C THR A 148 -18.94 -5.59 -34.33
N GLU A 149 -18.55 -6.23 -33.24
CA GLU A 149 -19.02 -7.56 -32.88
C GLU A 149 -20.52 -7.53 -32.62
N LEU A 150 -21.02 -6.42 -32.12
CA LEU A 150 -22.46 -6.30 -31.88
C LEU A 150 -23.23 -6.44 -33.18
N PHE A 151 -22.80 -5.73 -34.19
CA PHE A 151 -23.56 -5.77 -35.44
C PHE A 151 -23.38 -7.15 -36.14
N TYR A 152 -22.20 -7.77 -36.03
CA TYR A 152 -22.02 -9.15 -36.53
C TYR A 152 -22.97 -10.13 -35.79
N LEU A 153 -23.09 -9.99 -34.47
CA LEU A 153 -23.97 -10.86 -33.70
C LEU A 153 -25.45 -10.65 -34.06
N LEU A 154 -25.86 -9.40 -34.25
CA LEU A 154 -27.25 -9.11 -34.63
C LEU A 154 -27.53 -9.30 -36.14
N ASP A 155 -26.50 -9.57 -36.94
CA ASP A 155 -26.64 -9.74 -38.37
C ASP A 155 -27.27 -8.49 -38.96
N GLU A 156 -26.66 -7.35 -38.69
CA GLU A 156 -27.07 -6.07 -39.22
C GLU A 156 -25.80 -5.33 -39.64
N PRO A 157 -25.91 -4.44 -40.63
CA PRO A 157 -24.70 -3.76 -41.08
C PRO A 157 -24.17 -2.80 -40.03
N TYR A 158 -22.84 -2.69 -39.98
CA TYR A 158 -22.14 -1.81 -39.07
C TYR A 158 -22.66 -0.40 -39.19
N LYS A 159 -22.90 0.26 -38.07
CA LYS A 159 -23.36 1.65 -38.08
C LYS A 159 -22.60 2.39 -36.97
N ALA A 160 -21.88 3.47 -37.31
CA ALA A 160 -21.14 4.24 -36.28
C ALA A 160 -21.97 5.26 -35.50
N ASP A 161 -23.12 5.68 -36.02
CA ASP A 161 -23.88 6.76 -35.36
C ASP A 161 -25.25 6.25 -34.91
N SER A 162 -25.26 5.35 -33.94
CA SER A 162 -26.51 4.94 -33.27
C SER A 162 -26.78 5.83 -32.06
N THR A 163 -28.05 6.06 -31.75
CA THR A 163 -28.48 6.82 -30.58
C THR A 163 -28.43 5.99 -29.30
N ASP A 164 -28.49 6.66 -28.15
CA ASP A 164 -28.62 5.96 -26.85
C ASP A 164 -29.82 5.02 -26.91
N GLU A 165 -30.94 5.56 -27.38
CA GLU A 165 -32.16 4.77 -27.53
C GLU A 165 -31.94 3.53 -28.35
N GLU A 166 -31.20 3.64 -29.46
CA GLU A 166 -30.92 2.46 -30.30
C GLU A 166 -29.95 1.49 -29.62
N LEU A 167 -28.96 2.02 -28.91
CA LEU A 167 -28.05 1.15 -28.17
C LEU A 167 -28.80 0.41 -27.08
N LYS A 168 -29.76 1.05 -26.42
CA LYS A 168 -30.59 0.36 -25.42
C LYS A 168 -31.35 -0.83 -26.03
N GLU A 169 -31.92 -0.60 -27.22
CA GLU A 169 -32.61 -1.66 -27.96
C GLU A 169 -31.62 -2.78 -28.33
N TYR A 170 -30.42 -2.47 -28.80
CA TYR A 170 -29.49 -3.57 -29.11
C TYR A 170 -29.16 -4.39 -27.84
N LEU A 171 -28.97 -3.72 -26.73
CA LEU A 171 -28.64 -4.38 -25.44
C LEU A 171 -29.75 -5.39 -25.08
N ARG A 172 -30.97 -4.93 -25.17
N ARG A 172 -30.99 -4.93 -25.15
CA ARG A 172 -32.11 -5.76 -24.87
CA ARG A 172 -32.15 -5.81 -24.92
C ARG A 172 -32.24 -6.96 -25.84
C ARG A 172 -32.14 -7.01 -25.85
N LEU A 173 -31.99 -6.75 -27.14
CA LEU A 173 -32.10 -7.83 -28.14
C LEU A 173 -31.09 -8.90 -27.86
N LEU A 174 -29.86 -8.50 -27.54
CA LEU A 174 -28.85 -9.43 -27.14
C LEU A 174 -29.17 -10.14 -25.81
N SER A 175 -29.74 -9.43 -24.84
CA SER A 175 -30.10 -10.09 -23.57
C SER A 175 -31.22 -11.11 -23.76
N ASP A 176 -32.13 -10.81 -24.66
CA ASP A 176 -33.20 -11.76 -25.01
C ASP A 176 -32.64 -13.09 -25.51
N LYS A 177 -31.42 -13.10 -26.02
CA LYS A 177 -30.85 -14.32 -26.54
C LYS A 177 -30.28 -15.23 -25.49
N GLY A 178 -30.18 -14.74 -24.25
CA GLY A 178 -29.57 -15.51 -23.16
C GLY A 178 -29.01 -14.67 -22.02
N PRO A 179 -28.04 -13.79 -22.32
CA PRO A 179 -27.24 -13.18 -21.28
C PRO A 179 -27.99 -12.22 -20.40
N GLN A 180 -27.82 -12.37 -19.09
CA GLN A 180 -28.42 -11.45 -18.15
C GLN A 180 -27.74 -10.09 -18.24
N VAL A 181 -26.45 -10.08 -18.54
CA VAL A 181 -25.65 -8.84 -18.65
C VAL A 181 -25.01 -8.76 -20.02
N VAL A 182 -25.24 -7.63 -20.67
CA VAL A 182 -24.66 -7.37 -21.96
C VAL A 182 -23.93 -6.05 -21.84
N ILE A 183 -22.68 -6.03 -22.29
CA ILE A 183 -21.87 -4.82 -22.29
C ILE A 183 -21.41 -4.59 -23.72
N ILE A 184 -21.64 -3.39 -24.26
CA ILE A 184 -21.16 -3.04 -25.57
C ILE A 184 -20.05 -2.02 -25.41
N THR A 185 -18.83 -2.36 -25.89
CA THR A 185 -17.71 -1.44 -25.79
C THR A 185 -17.42 -0.74 -27.13
N SER A 186 -16.56 0.24 -27.08
CA SER A 186 -16.04 0.92 -28.25
C SER A 186 -17.09 1.65 -29.06
N VAL A 187 -18.06 2.27 -28.38
CA VAL A 187 -19.07 3.06 -29.03
C VAL A 187 -18.54 4.48 -29.24
N PRO A 188 -18.56 4.98 -30.49
CA PRO A 188 -18.15 6.36 -30.72
C PRO A 188 -19.03 7.40 -30.03
N VAL A 189 -18.43 8.56 -29.78
CA VAL A 189 -19.14 9.61 -29.11
C VAL A 189 -19.35 10.72 -30.13
N HIS A 190 -20.61 11.08 -30.31
CA HIS A 190 -20.96 12.16 -31.24
C HIS A 190 -20.19 13.45 -30.92
N ASP A 191 -19.50 13.99 -31.92
CA ASP A 191 -18.77 15.27 -31.78
C ASP A 191 -17.63 15.19 -30.80
N GLU A 192 -17.20 14.00 -30.43
CA GLU A 192 -16.08 13.84 -29.54
C GLU A 192 -15.34 12.62 -30.03
N PRO A 193 -14.45 12.84 -30.99
CA PRO A 193 -13.71 11.76 -31.64
C PRO A 193 -12.50 11.24 -30.85
N HIS A 194 -12.15 11.89 -29.75
N HIS A 194 -12.13 11.90 -29.75
CA HIS A 194 -11.09 11.37 -28.89
CA HIS A 194 -11.08 11.35 -28.87
C HIS A 194 -11.66 10.48 -27.79
C HIS A 194 -11.67 10.49 -27.77
N LYS A 195 -12.96 10.21 -27.86
CA LYS A 195 -13.64 9.47 -26.81
C LYS A 195 -14.35 8.24 -27.29
N THR A 196 -14.56 7.36 -26.32
CA THR A 196 -15.27 6.14 -26.47
C THR A 196 -16.32 6.07 -25.34
N SER A 197 -17.42 5.37 -25.60
N SER A 197 -17.41 5.34 -25.60
CA SER A 197 -18.39 5.00 -24.56
CA SER A 197 -18.42 5.02 -24.58
C SER A 197 -18.58 3.49 -24.47
C SER A 197 -18.64 3.50 -24.48
N VAL A 198 -19.04 3.06 -23.29
CA VAL A 198 -19.40 1.70 -23.01
C VAL A 198 -20.86 1.77 -22.53
N TYR A 199 -21.69 0.86 -23.03
CA TYR A 199 -23.09 0.77 -22.66
C TYR A 199 -23.30 -0.61 -22.06
N ALA A 200 -24.21 -0.74 -21.09
CA ALA A 200 -24.48 -2.05 -20.46
C ALA A 200 -25.94 -2.14 -20.02
N TYR A 201 -26.38 -3.38 -19.93
CA TYR A 201 -27.72 -3.69 -19.47
C TYR A 201 -27.66 -4.89 -18.52
N ASN A 202 -28.43 -4.83 -17.45
CA ASN A 202 -28.55 -5.92 -16.48
C ASN A 202 -30.03 -6.26 -16.48
N ARG A 203 -30.36 -7.44 -16.93
CA ARG A 203 -31.76 -7.87 -16.97
C ARG A 203 -32.27 -7.95 -15.52
N GLN A 204 -31.39 -8.29 -14.58
CA GLN A 204 -31.79 -8.31 -13.22
C GLN A 204 -31.83 -6.87 -12.67
N GLY A 205 -33.03 -6.34 -12.49
CA GLY A 205 -33.24 -4.95 -12.11
C GLY A 205 -33.53 -4.08 -13.33
N ASN A 206 -33.23 -4.60 -14.52
CA ASN A 206 -33.62 -3.97 -15.79
C ASN A 206 -33.03 -2.57 -15.86
N ARG A 207 -31.74 -2.47 -15.56
CA ARG A 207 -31.04 -1.18 -15.57
C ARG A 207 -30.07 -1.09 -16.76
N TYR A 208 -29.92 0.13 -17.28
CA TYR A 208 -29.04 0.48 -18.39
C TYR A 208 -27.99 1.48 -17.93
N TRP A 209 -26.75 1.29 -18.32
CA TRP A 209 -25.64 2.11 -17.88
C TRP A 209 -24.84 2.61 -19.04
N LYS A 210 -24.23 3.77 -18.88
CA LYS A 210 -23.29 4.28 -19.84
C LYS A 210 -22.06 4.91 -19.15
N VAL A 211 -20.91 4.76 -19.74
CA VAL A 211 -19.72 5.45 -19.25
C VAL A 211 -18.93 5.95 -20.44
N THR A 212 -18.44 7.17 -20.39
CA THR A 212 -17.71 7.78 -21.49
C THR A 212 -16.30 7.96 -21.02
N CYS A 213 -15.34 7.65 -21.87
N CYS A 213 -15.28 7.55 -21.79
CA CYS A 213 -13.95 7.75 -21.48
CA CYS A 213 -13.88 7.63 -21.30
C CYS A 213 -13.11 8.37 -22.56
C CYS A 213 -12.96 8.10 -22.43
N PRO A 214 -12.02 9.02 -22.15
CA PRO A 214 -11.20 9.68 -23.14
C PRO A 214 -10.06 8.76 -23.58
N TYR A 215 -10.45 7.70 -24.28
CA TYR A 215 -9.49 6.83 -24.92
C TYR A 215 -10.17 6.10 -26.05
N LEU A 216 -9.33 5.61 -26.94
CA LEU A 216 -9.78 4.92 -28.14
C LEU A 216 -9.20 3.49 -28.07
N PRO A 217 -10.01 2.52 -27.59
CA PRO A 217 -9.54 1.18 -27.29
C PRO A 217 -9.05 0.42 -28.52
N ALA A 218 -9.62 0.75 -29.66
CA ALA A 218 -9.34 0.09 -30.93
C ALA A 218 -7.91 0.38 -31.37
N HIS A 219 -7.31 1.48 -30.92
CA HIS A 219 -5.89 1.73 -31.20
C HIS A 219 -4.94 0.74 -30.50
N TYR A 220 -5.41 0.00 -29.51
CA TYR A 220 -4.55 -0.91 -28.71
C TYR A 220 -5.14 -2.33 -28.67
N PRO A 221 -4.63 -3.23 -29.51
CA PRO A 221 -5.11 -4.58 -29.60
C PRO A 221 -5.08 -5.23 -28.24
N GLY A 222 -6.14 -5.99 -27.96
CA GLY A 222 -6.32 -6.71 -26.73
C GLY A 222 -6.96 -5.93 -25.60
N THR A 223 -7.39 -4.70 -25.87
N THR A 223 -7.41 -4.70 -25.87
CA THR A 223 -8.06 -3.94 -24.81
CA THR A 223 -8.09 -3.92 -24.81
C THR A 223 -9.41 -4.54 -24.41
C THR A 223 -9.45 -4.49 -24.43
N GLY A 224 -10.05 -5.27 -25.33
CA GLY A 224 -11.25 -6.03 -24.98
C GLY A 224 -10.97 -7.18 -23.98
N ASP A 225 -9.80 -7.80 -24.11
CA ASP A 225 -9.39 -8.80 -23.19
C ASP A 225 -9.07 -8.20 -21.82
N THR A 226 -8.46 -7.03 -21.80
CA THR A 226 -8.19 -6.35 -20.51
C THR A 226 -9.52 -5.94 -19.89
N PHE A 227 -10.38 -5.33 -20.69
CA PHE A 227 -11.70 -4.93 -20.23
C PHE A 227 -12.52 -6.09 -19.60
N THR A 228 -12.61 -7.19 -20.33
CA THR A 228 -13.43 -8.32 -19.92
C THR A 228 -12.82 -9.04 -18.73
N SER A 229 -11.47 -9.08 -18.67
CA SER A 229 -10.77 -9.68 -17.52
C SER A 229 -11.09 -8.87 -16.22
N VAL A 230 -11.06 -7.54 -16.31
CA VAL A 230 -11.38 -6.72 -15.13
C VAL A 230 -12.86 -6.86 -14.77
N ILE A 231 -13.73 -6.87 -15.78
CA ILE A 231 -15.16 -7.08 -15.52
C ILE A 231 -15.41 -8.42 -14.77
N THR A 232 -14.77 -9.49 -15.22
CA THR A 232 -14.95 -10.79 -14.62
C THR A 232 -14.47 -10.82 -13.20
N GLY A 233 -13.24 -10.32 -12.97
CA GLY A 233 -12.71 -10.28 -11.65
C GLY A 233 -13.57 -9.42 -10.71
N SER A 234 -14.01 -8.26 -11.19
CA SER A 234 -14.78 -7.33 -10.36
C SER A 234 -16.13 -7.96 -9.97
N LEU A 235 -16.83 -8.56 -10.93
CA LEU A 235 -18.12 -9.23 -10.64
C LEU A 235 -17.88 -10.40 -9.66
N MSE A 236 -16.81 -11.18 -9.89
N MSE A 236 -16.81 -11.18 -9.91
CA MSE A 236 -16.49 -12.27 -8.96
CA MSE A 236 -16.44 -12.28 -9.00
C MSE A 236 -16.11 -11.79 -7.58
C MSE A 236 -16.11 -11.80 -7.59
O MSE A 236 -16.31 -12.51 -6.62
O MSE A 236 -16.35 -12.51 -6.64
CB MSE A 236 -15.40 -13.16 -9.52
CB MSE A 236 -15.27 -13.08 -9.57
CG MSE A 236 -15.87 -13.92 -10.73
CG MSE A 236 -15.67 -13.92 -10.78
SE MSE A 236 -14.45 -15.01 -11.44
SE MSE A 236 -16.76 -15.46 -10.30
CE MSE A 236 -14.60 -16.48 -10.21
CE MSE A 236 -15.41 -16.38 -9.22
N GLN A 237 -15.59 -10.57 -7.46
CA GLN A 237 -15.36 -10.00 -6.13
C GLN A 237 -16.68 -9.44 -5.47
N GLY A 238 -17.82 -9.53 -6.15
CA GLY A 238 -19.09 -9.02 -5.62
C GLY A 238 -19.36 -7.55 -5.97
N ASP A 239 -18.60 -6.96 -6.89
CA ASP A 239 -18.87 -5.56 -7.25
C ASP A 239 -20.16 -5.53 -8.08
N SER A 240 -20.90 -4.44 -8.00
CA SER A 240 -22.01 -4.19 -8.89
C SER A 240 -21.54 -3.96 -10.34
N LEU A 241 -22.47 -4.07 -11.29
CA LEU A 241 -22.16 -3.90 -12.70
C LEU A 241 -21.57 -2.49 -12.95
N PRO A 242 -22.21 -1.41 -12.44
CA PRO A 242 -21.63 -0.11 -12.75
C PRO A 242 -20.23 0.05 -12.15
N MSE A 243 -20.01 -0.56 -10.97
CA MSE A 243 -18.68 -0.50 -10.36
C MSE A 243 -17.66 -1.26 -11.23
O MSE A 243 -16.55 -0.76 -11.42
CB MSE A 243 -18.68 -1.03 -8.92
CG MSE A 243 -17.29 -1.23 -8.36
SE MSE A 243 -16.52 0.51 -7.92
CE MSE A 243 -17.61 0.88 -6.30
N ALA A 244 -18.05 -2.42 -11.79
CA ALA A 244 -17.20 -3.20 -12.70
C ALA A 244 -16.82 -2.38 -13.90
N LEU A 245 -17.81 -1.74 -14.51
CA LEU A 245 -17.57 -0.82 -15.62
C LEU A 245 -16.53 0.31 -15.32
N ASP A 246 -16.64 0.91 -14.14
CA ASP A 246 -15.69 1.96 -13.71
C ASP A 246 -14.30 1.42 -13.49
N ARG A 247 -14.20 0.28 -12.80
CA ARG A 247 -12.91 -0.34 -12.57
C ARG A 247 -12.24 -0.67 -13.90
N ALA A 248 -12.98 -1.30 -14.83
CA ALA A 248 -12.42 -1.73 -16.14
C ALA A 248 -11.98 -0.53 -16.99
N THR A 249 -12.80 0.50 -17.09
CA THR A 249 -12.47 1.64 -17.91
C THR A 249 -11.31 2.46 -17.33
N GLN A 250 -11.26 2.63 -16.01
CA GLN A 250 -10.19 3.39 -15.39
C GLN A 250 -8.85 2.68 -15.49
N PHE A 251 -8.85 1.37 -15.39
CA PHE A 251 -7.64 0.57 -15.50
C PHE A 251 -7.09 0.72 -16.89
N ILE A 252 -7.94 0.58 -17.90
CA ILE A 252 -7.53 0.73 -19.29
C ILE A 252 -7.02 2.14 -19.59
N LEU A 253 -7.67 3.16 -19.06
CA LEU A 253 -7.22 4.54 -19.26
C LEU A 253 -5.81 4.74 -18.75
N GLN A 254 -5.54 4.19 -17.58
CA GLN A 254 -4.22 4.24 -16.97
C GLN A 254 -3.19 3.52 -17.79
N GLY A 255 -3.56 2.34 -18.27
CA GLY A 255 -2.72 1.58 -19.20
C GLY A 255 -2.41 2.28 -20.52
N ILE A 256 -3.35 3.04 -21.03
CA ILE A 256 -3.15 3.83 -22.26
C ILE A 256 -2.25 5.05 -21.98
N ARG A 257 -2.62 5.82 -20.94
N ARG A 257 -2.57 5.84 -20.97
CA ARG A 257 -1.87 6.98 -20.43
CA ARG A 257 -1.75 6.99 -20.67
C ARG A 257 -0.38 6.71 -20.14
C ARG A 257 -0.29 6.62 -20.41
N ALA A 258 -0.08 5.44 -19.80
CA ALA A 258 1.29 5.01 -19.50
C ALA A 258 2.13 4.91 -20.78
N THR A 259 1.50 4.79 -21.95
CA THR A 259 2.24 4.74 -23.23
C THR A 259 2.55 6.10 -23.82
N PHE A 260 2.12 7.18 -23.19
CA PHE A 260 2.23 8.49 -23.80
C PHE A 260 3.62 9.15 -23.57
N GLY A 261 4.03 9.92 -24.55
CA GLY A 261 5.21 10.77 -24.34
C GLY A 261 6.50 10.15 -24.83
N TYR A 262 6.39 9.06 -25.56
CA TYR A 262 7.55 8.53 -26.28
C TYR A 262 7.06 7.65 -27.38
N GLU A 263 7.97 7.26 -28.25
CA GLU A 263 7.59 6.56 -29.44
C GLU A 263 7.21 5.14 -29.08
N TYR A 264 5.95 4.82 -29.31
CA TYR A 264 5.41 3.59 -28.78
C TYR A 264 4.70 2.92 -29.93
N ASP A 265 4.87 1.62 -30.05
CA ASP A 265 4.15 0.81 -31.02
C ASP A 265 2.89 0.30 -30.37
N ASN A 266 1.79 1.00 -30.63
CA ASN A 266 0.50 0.71 -30.05
C ASN A 266 0.03 -0.72 -30.29
N ARG A 267 0.62 -1.41 -31.25
CA ARG A 267 0.25 -2.82 -31.41
C ARG A 267 0.69 -3.67 -30.21
N GLU A 268 1.63 -3.17 -29.41
CA GLU A 268 2.11 -3.95 -28.22
C GLU A 268 1.08 -3.94 -27.12
N GLY A 269 0.06 -3.08 -27.22
CA GLY A 269 -0.98 -3.01 -26.23
C GLY A 269 -0.80 -1.95 -25.18
N ILE A 270 -1.75 -1.92 -24.26
CA ILE A 270 -1.59 -1.12 -23.03
C ILE A 270 -0.38 -1.55 -22.22
N LEU A 271 0.19 -0.63 -21.44
CA LEU A 271 1.32 -1.01 -20.61
C LEU A 271 0.86 -1.67 -19.30
N LEU A 272 0.36 -2.88 -19.47
CA LEU A 272 -0.27 -3.66 -18.44
C LEU A 272 0.59 -3.74 -17.17
N GLU A 273 1.85 -4.12 -17.31
CA GLU A 273 2.71 -4.37 -16.13
C GLU A 273 2.99 -3.16 -15.39
N LYS A 274 2.89 -2.04 -16.08
CA LYS A 274 3.15 -0.79 -15.46
C LYS A 274 1.99 -0.35 -14.59
N VAL A 275 0.77 -0.82 -14.85
CA VAL A 275 -0.38 -0.33 -14.05
C VAL A 275 -1.08 -1.40 -13.24
N LEU A 276 -0.55 -2.60 -13.28
CA LEU A 276 -1.23 -3.74 -12.68
C LEU A 276 -1.50 -3.55 -11.17
N HIS A 277 -0.59 -2.95 -10.44
CA HIS A 277 -0.84 -2.76 -9.03
C HIS A 277 -1.88 -1.71 -8.72
N ASN A 278 -2.47 -1.06 -9.73
CA ASN A 278 -3.56 -0.14 -9.46
C ASN A 278 -4.92 -0.76 -9.49
N LEU A 279 -5.02 -2.04 -9.81
CA LEU A 279 -6.33 -2.73 -9.82
C LEU A 279 -7.03 -2.69 -8.48
N ASP A 280 -6.26 -2.54 -7.44
CA ASP A 280 -6.74 -2.61 -6.09
C ASP A 280 -7.41 -1.40 -5.50
N MSE A 281 -7.27 -0.28 -6.14
CA MSE A 281 -7.39 0.97 -5.43
C MSE A 281 -8.83 1.51 -5.35
O MSE A 281 -9.70 1.05 -6.07
CB MSE A 281 -6.52 1.97 -6.13
CG MSE A 281 -7.14 2.40 -7.40
SE MSE A 281 -5.90 3.50 -8.32
CE MSE A 281 -5.71 4.89 -7.01
N PRO A 282 -9.06 2.51 -4.48
CA PRO A 282 -10.33 3.21 -4.48
C PRO A 282 -10.69 3.73 -5.87
N ILE A 283 -11.96 3.69 -6.21
CA ILE A 283 -12.39 4.17 -7.50
C ILE A 283 -13.52 5.23 -7.36
N GLN A 284 -13.51 6.27 -8.18
CA GLN A 284 -14.61 7.21 -8.14
C GLN A 284 -15.45 6.88 -9.35
N MSE A 285 -16.76 6.95 -9.20
N MSE A 285 -16.77 6.95 -9.17
CA MSE A 285 -17.63 6.49 -10.23
CA MSE A 285 -17.74 6.56 -10.18
C MSE A 285 -17.88 7.49 -11.34
C MSE A 285 -17.80 7.53 -11.34
O MSE A 285 -18.12 8.67 -11.10
O MSE A 285 -17.80 8.74 -11.15
CB MSE A 285 -18.92 5.98 -9.62
CB MSE A 285 -19.12 6.47 -9.53
CG MSE A 285 -18.72 4.60 -8.97
CG MSE A 285 -19.73 7.82 -9.20
SE MSE A 285 -20.41 3.79 -8.51
SE MSE A 285 -21.22 8.33 -10.35
CE MSE A 285 -20.42 2.52 -9.89
CE MSE A 285 -20.29 9.09 -11.88
N ALA A 286 -17.84 6.99 -12.55
CA ALA A 286 -18.13 7.76 -13.76
C ALA A 286 -19.39 7.20 -14.50
N SER A 287 -19.72 5.94 -14.30
CA SER A 287 -20.89 5.34 -14.93
C SER A 287 -22.23 5.99 -14.51
N TYR A 288 -23.16 6.07 -15.44
CA TYR A 288 -24.45 6.58 -15.10
C TYR A 288 -25.57 5.87 -15.74
N GLU A 289 -26.70 5.97 -15.06
CA GLU A 289 -27.85 5.15 -15.44
C GLU A 289 -28.56 5.88 -16.57
N LEU A 290 -28.93 5.16 -17.63
CA LEU A 290 -29.86 5.64 -18.67
C LEU A 290 -31.25 5.24 -18.25
N ILE A 291 -32.03 6.23 -17.86
CA ILE A 291 -33.41 6.08 -17.41
C ILE A 291 -34.39 6.49 -18.51
N ASN B 5 -0.44 16.88 14.11
CA ASN B 5 0.19 17.54 12.92
C ASN B 5 1.64 18.07 13.20
N LYS B 6 2.43 17.30 13.99
CA LYS B 6 3.85 17.65 14.26
C LYS B 6 4.82 16.51 13.96
N VAL B 7 5.94 16.91 13.40
CA VAL B 7 7.00 16.02 13.04
C VAL B 7 8.17 16.55 13.85
N LYS B 8 8.79 15.69 14.65
CA LYS B 8 9.97 16.05 15.44
C LYS B 8 11.15 16.47 14.55
N LYS B 9 11.91 17.47 15.00
CA LYS B 9 13.02 18.07 14.25
C LYS B 9 14.34 17.65 14.90
N ILE B 10 15.29 17.30 14.05
CA ILE B 10 16.64 16.99 14.41
C ILE B 10 17.60 17.97 13.76
N ALA B 11 18.39 18.67 14.57
CA ALA B 11 19.51 19.45 14.06
C ALA B 11 20.67 18.52 13.73
N ALA B 12 21.09 18.47 12.48
CA ALA B 12 22.15 17.60 12.02
C ALA B 12 23.42 18.43 11.73
N VAL B 13 24.42 18.24 12.58
CA VAL B 13 25.66 18.99 12.50
C VAL B 13 26.72 18.10 11.81
N HIS B 14 26.67 18.17 10.47
CA HIS B 14 27.42 17.30 9.55
C HIS B 14 27.77 18.12 8.34
N ASP B 15 28.75 17.64 7.58
CA ASP B 15 29.14 18.29 6.32
C ASP B 15 28.16 17.89 5.19
N LEU B 16 28.16 18.68 4.10
CA LEU B 16 27.48 18.29 2.88
C LEU B 16 28.55 17.90 1.86
N SER B 17 28.50 16.63 1.44
CA SER B 17 29.42 16.05 0.47
C SER B 17 28.64 15.60 -0.73
N GLY B 18 29.05 16.03 -1.91
CA GLY B 18 28.34 15.68 -3.15
C GLY B 18 28.29 14.19 -3.51
N MSE B 19 29.45 13.55 -3.58
N MSE B 19 29.47 13.57 -3.68
CA MSE B 19 29.54 12.18 -3.97
CA MSE B 19 29.54 12.14 -3.98
C MSE B 19 30.06 11.36 -2.79
C MSE B 19 29.98 11.38 -2.76
O MSE B 19 30.70 11.91 -1.88
O MSE B 19 30.49 11.94 -1.78
CB MSE B 19 30.46 12.01 -5.18
CB MSE B 19 30.57 11.83 -5.06
CG MSE B 19 29.73 11.86 -6.48
CG MSE B 19 30.53 12.72 -6.24
SE MSE B 19 28.71 10.22 -6.60
SE MSE B 19 28.77 12.78 -7.04
CE MSE B 19 30.22 8.98 -6.59
CE MSE B 19 29.43 13.42 -8.75
N GLY B 20 29.82 10.06 -2.84
CA GLY B 20 30.11 9.18 -1.75
C GLY B 20 28.84 9.25 -0.98
N ARG B 21 28.66 8.42 -0.02
CA ARG B 21 27.42 8.53 0.76
C ARG B 21 27.82 8.63 2.20
N VAL B 22 28.11 9.86 2.60
CA VAL B 22 28.48 10.16 3.94
C VAL B 22 27.62 11.30 4.46
N SER B 23 27.74 11.57 5.73
CA SER B 23 27.30 12.83 6.35
C SER B 23 25.85 13.18 5.94
N LEU B 24 25.56 14.43 5.58
CA LEU B 24 24.18 14.85 5.38
C LEU B 24 23.43 14.08 4.29
N THR B 25 24.14 13.62 3.26
CA THR B 25 23.48 12.84 2.21
C THR B 25 23.12 11.43 2.62
N VAL B 26 23.52 11.02 3.83
CA VAL B 26 23.00 9.79 4.47
C VAL B 26 22.00 10.15 5.58
N VAL B 27 22.38 11.11 6.42
CA VAL B 27 21.53 11.53 7.56
C VAL B 27 20.12 11.98 7.10
N ILE B 28 20.07 12.85 6.06
CA ILE B 28 18.81 13.40 5.62
C ILE B 28 17.87 12.27 5.13
N PRO B 29 18.29 11.43 4.16
CA PRO B 29 17.32 10.42 3.67
C PRO B 29 16.86 9.41 4.70
N ILE B 30 17.77 8.97 5.55
CA ILE B 30 17.44 7.93 6.58
C ILE B 30 16.46 8.50 7.62
N LEU B 31 16.81 9.63 8.25
CA LEU B 31 15.96 10.18 9.28
C LEU B 31 14.60 10.68 8.74
N SER B 32 14.61 11.29 7.56
N SER B 32 14.59 11.27 7.54
CA SER B 32 13.36 11.67 6.94
CA SER B 32 13.30 11.61 6.93
C SER B 32 12.51 10.44 6.68
C SER B 32 12.47 10.37 6.68
N SER B 33 13.12 9.36 6.23
N SER B 33 13.09 9.31 6.21
CA SER B 33 12.38 8.13 5.98
CA SER B 33 12.37 8.06 5.97
C SER B 33 11.84 7.54 7.26
C SER B 33 11.88 7.45 7.26
N MSE B 34 12.53 7.78 8.37
CA MSE B 34 12.05 7.32 9.70
C MSE B 34 11.04 8.24 10.40
O MSE B 34 10.56 7.94 11.50
CB MSE B 34 13.23 7.00 10.60
CG MSE B 34 14.15 5.96 10.01
SE MSE B 34 15.68 5.47 11.13
CE MSE B 34 14.72 4.24 12.34
N GLY B 35 10.69 9.34 9.74
CA GLY B 35 9.57 10.22 10.17
C GLY B 35 10.03 11.49 10.83
N PHE B 36 11.31 11.83 10.74
CA PHE B 36 11.81 13.05 11.35
C PHE B 36 12.28 14.13 10.35
N GLN B 37 12.07 15.39 10.70
CA GLN B 37 12.59 16.45 9.87
C GLN B 37 14.05 16.66 10.28
N VAL B 38 14.94 16.66 9.28
CA VAL B 38 16.35 16.94 9.48
C VAL B 38 16.67 18.37 9.07
N CYS B 39 17.15 19.16 10.04
CA CYS B 39 17.53 20.55 9.82
C CYS B 39 19.04 20.70 9.87
N PRO B 40 19.69 20.92 8.70
CA PRO B 40 21.13 20.87 8.67
C PRO B 40 21.78 22.13 9.21
N LEU B 41 22.81 21.91 10.00
CA LEU B 41 23.79 22.92 10.39
C LEU B 41 25.10 22.44 9.73
N PRO B 42 25.31 22.83 8.44
CA PRO B 42 26.43 22.29 7.68
C PRO B 42 27.79 22.74 8.21
N THR B 43 28.70 21.78 8.34
CA THR B 43 30.00 22.07 8.94
C THR B 43 31.02 22.39 7.86
N ALA B 44 30.73 21.95 6.64
CA ALA B 44 31.65 22.09 5.51
C ALA B 44 30.90 21.63 4.28
N VAL B 45 31.38 22.11 3.14
CA VAL B 45 30.97 21.65 1.81
C VAL B 45 32.11 21.07 1.09
N LEU B 46 31.90 19.83 0.64
CA LEU B 46 32.87 19.10 -0.17
C LEU B 46 32.22 18.53 -1.45
N SER B 47 33.02 18.32 -2.49
CA SER B 47 32.67 17.58 -3.68
C SER B 47 32.36 16.13 -3.41
N ASN B 48 33.09 15.57 -2.44
CA ASN B 48 32.97 14.16 -2.12
C ASN B 48 33.67 13.91 -0.80
N HIS B 49 33.50 12.72 -0.24
CA HIS B 49 34.16 12.40 1.00
C HIS B 49 35.67 12.35 0.85
N THR B 50 36.33 12.42 2.00
CA THR B 50 37.80 12.55 2.02
C THR B 50 38.52 11.23 2.01
N GLN B 51 37.81 10.11 1.73
CA GLN B 51 38.54 8.86 1.45
C GLN B 51 38.78 8.60 -0.05
N TYR B 52 38.25 9.49 -0.89
CA TYR B 52 38.71 9.64 -2.24
C TYR B 52 40.04 10.38 -2.14
N PRO B 53 40.88 10.27 -3.18
CA PRO B 53 42.18 10.92 -3.10
C PRO B 53 42.13 12.46 -3.13
N GLY B 54 41.12 13.02 -3.78
CA GLY B 54 41.02 14.44 -3.93
C GLY B 54 39.63 14.85 -3.55
N PHE B 55 39.48 16.10 -3.15
CA PHE B 55 38.19 16.64 -2.80
C PHE B 55 38.30 18.17 -2.71
N SER B 56 37.23 18.89 -3.06
CA SER B 56 37.11 20.33 -2.75
C SER B 56 36.72 20.41 -1.28
N PHE B 57 37.05 21.52 -0.64
CA PHE B 57 36.69 21.70 0.75
C PHE B 57 36.44 23.13 1.10
N LEU B 58 35.23 23.40 1.60
CA LEU B 58 34.89 24.73 2.09
C LEU B 58 34.49 24.60 3.56
N ASP B 59 35.30 25.21 4.43
CA ASP B 59 35.08 25.21 5.86
C ASP B 59 33.96 26.18 6.22
N LEU B 60 32.89 25.71 6.87
CA LEU B 60 31.80 26.64 7.25
C LEU B 60 31.80 27.08 8.74
N THR B 61 32.99 27.07 9.37
CA THR B 61 33.12 27.49 10.75
C THR B 61 32.52 28.87 11.00
N ASP B 62 32.86 29.82 10.12
CA ASP B 62 32.42 31.19 10.28
C ASP B 62 30.93 31.39 9.97
N GLU B 63 30.35 30.49 9.19
CA GLU B 63 28.93 30.60 8.87
C GLU B 63 28.02 30.03 9.97
N MSE B 64 28.52 29.05 10.71
N MSE B 64 28.53 29.03 10.68
CA MSE B 64 27.67 28.35 11.67
CA MSE B 64 27.77 28.36 11.73
C MSE B 64 27.09 29.25 12.80
C MSE B 64 27.09 29.31 12.71
O MSE B 64 25.92 29.08 13.18
O MSE B 64 25.87 29.23 12.93
CB MSE B 64 28.39 27.10 12.22
CB MSE B 64 28.67 27.40 12.51
CG MSE B 64 28.73 26.04 11.14
CG MSE B 64 28.35 26.00 12.30
SE MSE B 64 29.92 24.64 11.88
SE MSE B 64 29.02 24.90 13.77
CE MSE B 64 30.87 25.78 13.06
CE MSE B 64 29.05 23.30 12.78
N PRO B 65 27.88 30.21 13.33
CA PRO B 65 27.25 31.08 14.31
C PRO B 65 26.18 31.94 13.71
N LYS B 66 26.31 32.28 12.43
CA LYS B 66 25.28 33.14 11.78
C LYS B 66 23.98 32.34 11.67
N ILE B 67 24.12 31.07 11.37
CA ILE B 67 22.96 30.19 11.24
C ILE B 67 22.29 29.98 12.59
N ILE B 68 23.11 29.69 13.61
CA ILE B 68 22.58 29.52 14.95
C ILE B 68 21.83 30.80 15.40
N ALA B 69 22.42 31.95 15.16
CA ALA B 69 21.79 33.23 15.55
C ALA B 69 20.36 33.34 14.92
N GLU B 70 20.25 32.99 13.65
CA GLU B 70 18.95 33.06 12.96
C GLU B 70 17.90 32.06 13.55
N TRP B 71 18.37 30.86 13.85
CA TRP B 71 17.53 29.87 14.49
C TRP B 71 16.97 30.36 15.81
N LYS B 72 17.75 31.16 16.52
CA LYS B 72 17.25 31.74 17.76
C LYS B 72 16.22 32.79 17.45
N LYS B 73 16.40 33.54 16.35
CA LYS B 73 15.39 34.54 15.98
C LYS B 73 14.08 33.84 15.61
N LEU B 74 14.18 32.68 14.96
CA LEU B 74 12.96 31.95 14.56
C LEU B 74 12.34 31.16 15.70
N GLU B 75 13.04 31.12 16.84
CA GLU B 75 12.57 30.42 18.07
C GLU B 75 12.43 28.91 17.80
N VAL B 76 13.22 28.40 16.89
CA VAL B 76 13.15 26.94 16.55
C VAL B 76 13.50 26.09 17.75
N GLN B 77 12.80 24.98 17.93
N GLN B 77 12.78 25.00 17.97
CA GLN B 77 13.09 24.01 19.00
CA GLN B 77 13.09 24.02 19.01
C GLN B 77 13.37 22.64 18.42
C GLN B 77 13.45 22.69 18.35
N PHE B 78 14.44 22.00 18.89
CA PHE B 78 14.87 20.70 18.37
C PHE B 78 14.61 19.63 19.39
N ASP B 79 14.08 18.51 18.89
CA ASP B 79 13.87 17.30 19.68
C ASP B 79 15.20 16.51 19.79
N ALA B 80 16.10 16.62 18.83
CA ALA B 80 17.38 15.98 18.91
C ALA B 80 18.44 16.81 18.22
N ILE B 81 19.68 16.63 18.64
CA ILE B 81 20.87 17.28 18.01
C ILE B 81 21.82 16.12 17.77
N TYR B 82 22.26 15.99 16.53
CA TYR B 82 23.02 14.83 16.07
C TYR B 82 24.24 15.34 15.25
N THR B 83 25.41 15.20 15.83
CA THR B 83 26.66 15.69 15.26
C THR B 83 27.49 14.54 14.65
N GLY B 84 28.27 14.88 13.61
CA GLY B 84 29.20 13.99 13.01
C GLY B 84 30.45 14.75 12.62
N TYR B 85 30.84 14.61 11.34
CA TYR B 85 32.04 15.23 10.77
C TYR B 85 31.98 16.75 10.89
N LEU B 86 33.00 17.33 11.54
CA LEU B 86 33.10 18.75 11.76
C LEU B 86 34.24 19.33 10.89
N GLY B 87 34.12 20.61 10.51
CA GLY B 87 35.01 21.22 9.50
C GLY B 87 36.30 21.85 10.01
N SER B 88 36.38 22.08 11.33
CA SER B 88 37.61 22.49 12.02
C SER B 88 37.48 22.27 13.54
N PRO B 89 38.61 22.20 14.25
CA PRO B 89 38.56 22.07 15.72
C PRO B 89 37.85 23.22 16.41
N ARG B 90 37.85 24.39 15.79
CA ARG B 90 37.17 25.56 16.32
C ARG B 90 35.65 25.34 16.45
N GLN B 91 35.12 24.42 15.63
CA GLN B 91 33.70 24.15 15.66
C GLN B 91 33.26 23.49 16.94
N ILE B 92 34.16 22.80 17.65
CA ILE B 92 33.68 22.11 18.85
C ILE B 92 33.03 23.09 19.85
N GLN B 93 33.66 24.24 20.10
CA GLN B 93 33.05 25.20 21.04
C GLN B 93 31.71 25.72 20.57
N ILE B 94 31.62 25.95 19.25
CA ILE B 94 30.41 26.45 18.63
C ILE B 94 29.29 25.42 18.83
N VAL B 95 29.58 24.16 18.51
CA VAL B 95 28.62 23.07 18.68
C VAL B 95 28.27 22.83 20.16
N SER B 96 29.25 22.85 21.05
CA SER B 96 28.93 22.74 22.52
C SER B 96 27.97 23.82 22.99
N ASP B 97 28.19 25.07 22.54
CA ASP B 97 27.33 26.19 22.94
C ASP B 97 25.96 26.01 22.32
N PHE B 98 25.95 25.53 21.10
CA PHE B 98 24.67 25.24 20.41
C PHE B 98 23.80 24.23 21.17
N ILE B 99 24.41 23.10 21.56
CA ILE B 99 23.73 22.09 22.39
C ILE B 99 23.27 22.71 23.75
N LYS B 100 24.18 23.41 24.42
CA LYS B 100 23.87 24.12 25.62
C LYS B 100 22.64 25.00 25.50
N ASP B 101 22.57 25.75 24.40
CA ASP B 101 21.54 26.75 24.20
C ASP B 101 20.23 26.18 23.70
N PHE B 102 20.23 25.04 23.02
CA PHE B 102 19.03 24.45 22.42
C PHE B 102 18.54 23.14 23.06
N ARG B 103 19.31 22.57 23.97
CA ARG B 103 18.87 21.35 24.64
C ARG B 103 17.69 21.68 25.55
N GLN B 104 16.74 20.76 25.53
CA GLN B 104 15.54 20.82 26.35
C GLN B 104 15.61 19.58 27.22
N PRO B 105 14.85 19.54 28.30
CA PRO B 105 14.93 18.34 29.15
C PRO B 105 14.71 17.02 28.41
N ASP B 106 13.81 16.97 27.43
CA ASP B 106 13.59 15.72 26.72
C ASP B 106 14.50 15.55 25.48
N SER B 107 15.47 16.45 25.29
CA SER B 107 16.33 16.40 24.10
C SER B 107 17.14 15.13 24.05
N LEU B 108 17.39 14.61 22.85
CA LEU B 108 18.32 13.51 22.63
C LEU B 108 19.53 14.10 21.95
N ILE B 109 20.69 14.06 22.62
CA ILE B 109 21.91 14.61 22.07
C ILE B 109 22.80 13.42 21.62
N VAL B 110 23.03 13.31 20.33
CA VAL B 110 23.79 12.19 19.76
C VAL B 110 25.04 12.74 19.12
N ALA B 111 26.19 12.21 19.52
CA ALA B 111 27.44 12.57 18.84
C ALA B 111 28.17 11.37 18.25
N ASP B 112 28.32 11.35 16.93
CA ASP B 112 29.24 10.42 16.26
C ASP B 112 30.56 11.14 16.27
N PRO B 113 31.55 10.63 17.02
CA PRO B 113 32.81 11.37 17.19
C PRO B 113 33.72 11.08 15.98
N VAL B 114 33.38 11.69 14.86
CA VAL B 114 34.03 11.37 13.58
C VAL B 114 35.47 11.86 13.61
N LEU B 115 36.42 10.93 13.61
CA LEU B 115 37.86 11.23 13.61
C LEU B 115 38.69 10.45 12.57
N GLY B 116 38.28 9.20 12.31
CA GLY B 116 39.04 8.34 11.44
C GLY B 116 38.51 6.93 11.42
N ASP B 117 39.25 6.06 10.74
CA ASP B 117 38.90 4.64 10.63
C ASP B 117 40.15 3.94 10.18
N ASN B 118 40.10 2.61 10.19
CA ASN B 118 41.18 1.77 9.74
C ASN B 118 42.48 2.17 10.43
N GLY B 119 42.39 2.54 11.70
CA GLY B 119 43.55 2.88 12.51
C GLY B 119 44.21 4.20 12.17
N ARG B 120 43.53 5.09 11.48
CA ARG B 120 44.19 6.30 10.96
C ARG B 120 43.18 7.42 11.09
N LEU B 121 43.64 8.64 11.32
CA LEU B 121 42.78 9.79 11.24
C LEU B 121 42.37 10.07 9.80
N TYR B 122 41.20 10.64 9.61
CA TYR B 122 40.83 11.10 8.27
C TYR B 122 41.75 12.24 7.78
N THR B 123 41.70 12.52 6.48
CA THR B 123 42.67 13.40 5.84
C THR B 123 42.58 14.72 6.53
N ASN B 124 43.76 15.25 6.83
CA ASN B 124 43.92 16.58 7.41
C ASN B 124 43.46 16.72 8.86
N PHE B 125 43.02 15.64 9.50
CA PHE B 125 42.68 15.72 10.91
C PHE B 125 43.97 15.53 11.66
N ASP B 126 44.09 16.17 12.82
CA ASP B 126 45.26 15.86 13.65
C ASP B 126 44.83 15.86 15.12
N MSE B 127 45.81 15.99 16.02
CA MSE B 127 45.52 15.82 17.42
C MSE B 127 44.63 16.94 18.02
O MSE B 127 43.98 16.71 19.04
CB MSE B 127 46.83 15.61 18.20
CG MSE B 127 47.44 14.19 17.98
SE MSE B 127 46.14 12.68 18.33
CE MSE B 127 46.27 12.80 20.33
N GLU B 128 44.60 18.11 17.38
N GLU B 128 44.59 18.10 17.36
CA GLU B 128 43.70 19.20 17.81
CA GLU B 128 43.72 19.20 17.80
C GLU B 128 42.22 18.81 17.66
C GLU B 128 42.22 18.87 17.62
N MSE B 129 41.88 18.19 16.55
CA MSE B 129 40.51 17.73 16.35
C MSE B 129 40.19 16.65 17.40
O MSE B 129 39.13 16.70 18.00
CB MSE B 129 40.29 17.21 14.92
CG MSE B 129 38.90 16.71 14.62
SE MSE B 129 37.63 18.20 14.50
CE MSE B 129 37.98 18.64 12.57
N VAL B 130 41.10 15.69 17.63
CA VAL B 130 40.90 14.65 18.64
C VAL B 130 40.67 15.29 20.03
N LYS B 131 41.56 16.20 20.42
CA LYS B 131 41.47 16.81 21.75
C LYS B 131 40.11 17.51 21.89
N GLU B 132 39.70 18.28 20.88
CA GLU B 132 38.40 18.95 21.01
C GLU B 132 37.21 17.99 21.01
N MSE B 133 37.34 16.90 20.26
CA MSE B 133 36.26 15.91 20.20
C MSE B 133 36.07 15.25 21.55
O MSE B 133 34.96 14.89 21.94
CB MSE B 133 36.59 14.84 19.17
CG MSE B 133 35.37 13.93 18.84
SE MSE B 133 33.79 14.85 18.16
CE MSE B 133 34.21 15.16 16.30
N ARG B 134 37.16 15.09 22.30
CA ARG B 134 37.07 14.53 23.65
C ARG B 134 36.21 15.42 24.53
N HIS B 135 36.30 16.73 24.34
CA HIS B 135 35.39 17.65 25.02
C HIS B 135 33.93 17.51 24.57
N LEU B 136 33.73 17.46 23.25
CA LEU B 136 32.39 17.49 22.67
C LEU B 136 31.58 16.31 23.17
N ILE B 137 32.21 15.12 23.26
CA ILE B 137 31.46 13.91 23.68
C ILE B 137 30.92 13.99 25.12
N THR B 138 31.54 14.80 25.96
CA THR B 138 31.03 15.00 27.33
C THR B 138 29.64 15.64 27.34
N LYS B 139 29.21 16.26 26.25
CA LYS B 139 27.91 16.92 26.18
C LYS B 139 26.77 16.04 25.69
N ALA B 140 27.10 14.84 25.22
CA ALA B 140 26.18 13.92 24.50
C ALA B 140 25.57 12.88 25.40
N ASP B 141 24.37 12.41 25.04
CA ASP B 141 23.68 11.31 25.74
C ASP B 141 24.06 9.98 25.09
N VAL B 142 24.32 10.00 23.78
CA VAL B 142 24.68 8.81 22.99
C VAL B 142 25.87 9.07 22.08
N ILE B 143 26.89 8.22 22.17
CA ILE B 143 28.03 8.36 21.25
C ILE B 143 28.31 7.05 20.57
N THR B 144 28.87 7.13 19.37
CA THR B 144 28.97 5.98 18.47
C THR B 144 30.37 5.89 17.82
N PRO B 145 31.45 5.98 18.60
CA PRO B 145 32.79 5.78 18.00
C PRO B 145 32.99 4.43 17.28
N ASN B 146 33.72 4.43 16.17
CA ASN B 146 34.31 3.17 15.74
C ASN B 146 35.52 2.90 16.64
N LEU B 147 36.12 1.73 16.47
CA LEU B 147 37.19 1.30 17.32
C LEU B 147 38.39 2.25 17.20
N THR B 148 38.61 2.79 15.99
CA THR B 148 39.71 3.73 15.78
C THR B 148 39.50 4.97 16.63
N GLU B 149 38.26 5.44 16.64
CA GLU B 149 37.88 6.69 17.32
C GLU B 149 37.87 6.44 18.82
N LEU B 150 37.50 5.22 19.21
CA LEU B 150 37.52 4.85 20.60
C LEU B 150 38.91 5.13 21.20
N PHE B 151 39.95 4.61 20.55
CA PHE B 151 41.30 4.71 21.13
C PHE B 151 41.79 6.13 21.10
N TYR B 152 41.51 6.88 20.03
CA TYR B 152 41.77 8.32 20.03
C TYR B 152 41.06 9.07 21.17
N LEU B 153 39.80 8.73 21.41
CA LEU B 153 39.08 9.39 22.48
C LEU B 153 39.71 9.02 23.83
N LEU B 154 40.13 7.76 24.00
CA LEU B 154 40.77 7.31 25.23
C LEU B 154 42.25 7.72 25.34
N ASP B 155 42.84 8.22 24.26
CA ASP B 155 44.27 8.59 24.22
C ASP B 155 45.15 7.37 24.50
N GLU B 156 44.76 6.23 23.95
CA GLU B 156 45.50 4.99 24.09
C GLU B 156 45.83 4.48 22.70
N PRO B 157 46.87 3.67 22.59
CA PRO B 157 47.25 3.13 21.29
C PRO B 157 46.17 2.22 20.74
N TYR B 158 45.92 2.31 19.43
CA TYR B 158 45.00 1.41 18.76
C TYR B 158 45.44 -0.05 19.05
N LYS B 159 44.48 -0.92 19.32
CA LYS B 159 44.69 -2.34 19.55
C LYS B 159 43.54 -3.09 18.85
N ALA B 160 43.87 -3.96 17.93
CA ALA B 160 42.84 -4.63 17.12
C ALA B 160 42.20 -5.79 17.88
N ASP B 161 42.89 -6.27 18.92
CA ASP B 161 42.49 -7.45 19.67
C ASP B 161 42.35 -7.18 21.16
N SER B 162 41.13 -6.97 21.58
CA SER B 162 40.79 -6.78 22.99
C SER B 162 39.77 -7.87 23.36
N THR B 163 39.79 -8.31 24.62
CA THR B 163 38.75 -9.21 25.11
C THR B 163 37.46 -8.45 25.34
N ASP B 164 36.37 -9.21 25.44
CA ASP B 164 35.07 -8.64 25.74
C ASP B 164 35.07 -7.84 27.05
N GLU B 165 35.86 -8.30 28.00
CA GLU B 165 35.98 -7.61 29.27
C GLU B 165 36.71 -6.27 29.18
N GLU B 166 37.71 -6.18 28.32
CA GLU B 166 38.39 -4.90 28.06
C GLU B 166 37.41 -3.91 27.39
N LEU B 167 36.67 -4.46 26.44
CA LEU B 167 35.65 -3.72 25.74
C LEU B 167 34.59 -3.15 26.67
N LYS B 168 34.13 -3.96 27.64
CA LYS B 168 33.21 -3.45 28.65
C LYS B 168 33.83 -2.27 29.40
N GLU B 169 35.11 -2.40 29.74
CA GLU B 169 35.84 -1.33 30.37
C GLU B 169 35.90 -0.10 29.49
N TYR B 170 36.40 -0.23 28.27
CA TYR B 170 36.39 0.94 27.33
C TYR B 170 35.03 1.66 27.34
N LEU B 171 33.95 0.87 27.32
CA LEU B 171 32.58 1.43 27.34
C LEU B 171 32.30 2.27 28.62
N ARG B 172 32.74 1.76 29.76
N ARG B 172 32.69 1.76 29.80
CA ARG B 172 32.58 2.49 31.02
CA ARG B 172 32.50 2.52 31.05
C ARG B 172 33.40 3.77 31.03
C ARG B 172 33.40 3.77 31.06
N LEU B 173 34.66 3.64 30.62
CA LEU B 173 35.58 4.78 30.56
C LEU B 173 34.98 5.97 29.75
N LEU B 174 34.23 5.66 28.70
CA LEU B 174 33.59 6.70 27.89
C LEU B 174 32.31 7.20 28.57
N SER B 175 31.50 6.30 29.13
CA SER B 175 30.28 6.71 29.80
C SER B 175 30.60 7.65 30.96
N ASP B 176 31.76 7.44 31.58
CA ASP B 176 32.23 8.26 32.70
C ASP B 176 32.38 9.71 32.28
N LYS B 177 32.68 9.92 31.00
CA LYS B 177 32.83 11.25 30.44
C LYS B 177 31.53 12.01 30.20
N GLY B 178 30.38 11.33 30.29
CA GLY B 178 29.08 11.99 30.20
C GLY B 178 27.97 11.09 29.70
N PRO B 179 28.11 10.54 28.48
CA PRO B 179 27.07 9.77 27.80
C PRO B 179 26.49 8.60 28.59
N GLN B 180 25.17 8.58 28.70
CA GLN B 180 24.43 7.44 29.18
C GLN B 180 24.67 6.20 28.33
N VAL B 181 24.73 6.38 27.01
CA VAL B 181 24.79 5.26 26.08
C VAL B 181 26.03 5.37 25.21
N VAL B 182 26.83 4.32 25.20
CA VAL B 182 28.06 4.34 24.42
C VAL B 182 28.03 3.14 23.51
N ILE B 183 28.28 3.35 22.23
CA ILE B 183 28.29 2.27 21.27
C ILE B 183 29.62 2.31 20.49
N ILE B 184 30.33 1.17 20.47
CA ILE B 184 31.57 1.03 19.70
C ILE B 184 31.30 0.11 18.52
N THR B 185 31.49 0.63 17.33
CA THR B 185 31.35 -0.13 16.09
C THR B 185 32.71 -0.57 15.51
N SER B 186 32.63 -1.42 14.51
CA SER B 186 33.78 -1.96 13.78
C SER B 186 34.74 -2.76 14.61
N VAL B 187 34.25 -3.49 15.60
CA VAL B 187 35.14 -4.29 16.42
C VAL B 187 35.36 -5.63 15.71
N PRO B 188 36.62 -5.97 15.40
CA PRO B 188 36.97 -7.27 14.82
C PRO B 188 36.41 -8.47 15.62
N VAL B 189 36.22 -9.57 14.92
CA VAL B 189 35.73 -10.75 15.56
C VAL B 189 36.88 -11.76 15.36
N HIS B 190 37.55 -12.06 16.48
CA HIS B 190 38.61 -13.07 16.59
C HIS B 190 38.25 -14.32 15.78
N ASP B 191 39.15 -14.71 14.88
CA ASP B 191 39.01 -15.92 14.03
C ASP B 191 37.98 -15.78 12.92
N GLU B 192 37.37 -14.60 12.79
CA GLU B 192 36.33 -14.38 11.80
C GLU B 192 36.65 -13.08 11.07
N PRO B 193 37.63 -13.13 10.15
CA PRO B 193 38.09 -11.93 9.42
C PRO B 193 37.06 -11.27 8.53
N HIS B 194 35.96 -11.95 8.25
CA HIS B 194 34.92 -11.39 7.41
C HIS B 194 33.72 -10.82 8.21
N LYS B 195 33.83 -10.81 9.53
CA LYS B 195 32.79 -10.24 10.40
C LYS B 195 33.28 -9.05 11.21
N THR B 196 32.28 -8.35 11.71
CA THR B 196 32.50 -7.24 12.54
C THR B 196 31.56 -7.36 13.70
N SER B 197 31.78 -6.54 14.71
N SER B 197 31.78 -6.56 14.73
CA SER B 197 30.85 -6.49 15.83
CA SER B 197 30.86 -6.53 15.87
C SER B 197 30.67 -5.10 16.42
C SER B 197 30.67 -5.11 16.43
N VAL B 198 29.55 -4.93 17.12
CA VAL B 198 29.15 -3.66 17.74
C VAL B 198 28.92 -3.98 19.21
N TYR B 199 29.50 -3.15 20.09
CA TYR B 199 29.39 -3.32 21.53
C TYR B 199 28.69 -2.10 22.11
N ALA B 200 27.79 -2.29 23.07
CA ALA B 200 27.02 -1.13 23.62
C ALA B 200 26.83 -1.23 25.10
N TYR B 201 26.79 -0.06 25.75
CA TYR B 201 26.55 0.03 27.16
C TYR B 201 25.46 1.04 27.46
N ASN B 202 24.57 0.73 28.41
CA ASN B 202 23.59 1.70 28.89
C ASN B 202 23.80 1.84 30.38
N ARG B 203 24.22 3.01 30.82
CA ARG B 203 24.43 3.28 32.22
C ARG B 203 23.11 3.04 32.93
N GLN B 204 21.99 3.39 32.28
CA GLN B 204 20.69 3.02 32.82
C GLN B 204 20.51 1.49 32.80
N GLY B 205 20.12 0.95 33.94
CA GLY B 205 20.03 -0.49 34.09
C GLY B 205 21.38 -1.18 34.03
N ASN B 206 22.45 -0.41 33.83
CA ASN B 206 23.79 -0.95 33.73
C ASN B 206 23.96 -2.13 32.74
N ARG B 207 23.49 -1.96 31.53
CA ARG B 207 23.37 -3.09 30.62
C ARG B 207 24.38 -3.04 29.44
N TYR B 208 24.95 -4.19 29.12
CA TYR B 208 25.91 -4.33 28.05
C TYR B 208 25.31 -5.24 26.99
N TRP B 209 25.44 -4.84 25.74
CA TRP B 209 24.91 -5.59 24.63
C TRP B 209 26.01 -5.81 23.57
N LYS B 210 25.94 -6.92 22.85
CA LYS B 210 26.78 -7.19 21.68
C LYS B 210 25.93 -7.65 20.49
N VAL B 211 26.37 -7.34 19.27
CA VAL B 211 25.76 -7.87 18.05
C VAL B 211 26.90 -8.16 17.06
N THR B 212 26.90 -9.34 16.48
CA THR B 212 27.93 -9.71 15.49
C THR B 212 27.27 -9.64 14.14
N CYS B 213 27.96 -9.11 13.14
CA CYS B 213 27.32 -9.04 11.83
C CYS B 213 28.34 -9.31 10.73
N PRO B 214 27.90 -10.03 9.67
CA PRO B 214 28.86 -10.49 8.69
C PRO B 214 29.04 -9.47 7.60
N TYR B 215 29.62 -8.33 7.95
CA TYR B 215 30.11 -7.37 6.95
C TYR B 215 31.34 -6.68 7.54
N LEU B 216 32.09 -5.97 6.70
CA LEU B 216 33.25 -5.20 7.09
C LEU B 216 32.99 -3.70 6.81
N PRO B 217 32.48 -2.98 7.80
CA PRO B 217 32.04 -1.61 7.45
C PRO B 217 33.15 -0.64 7.00
N ALA B 218 34.38 -0.90 7.38
CA ALA B 218 35.51 -0.05 7.04
C ALA B 218 35.80 -0.01 5.53
N HIS B 219 35.36 -1.04 4.80
CA HIS B 219 35.39 -1.05 3.34
C HIS B 219 34.46 -0.03 2.67
N TYR B 220 33.45 0.48 3.38
CA TYR B 220 32.46 1.40 2.82
C TYR B 220 32.39 2.73 3.62
N PRO B 221 32.93 3.79 3.03
CA PRO B 221 32.85 5.08 3.71
C PRO B 221 31.40 5.44 4.05
N GLY B 222 31.20 6.08 5.17
CA GLY B 222 29.83 6.48 5.56
C GLY B 222 28.99 5.52 6.35
N THR B 223 29.50 4.32 6.60
CA THR B 223 28.77 3.31 7.32
C THR B 223 28.55 3.73 8.77
N GLY B 224 29.48 4.49 9.35
CA GLY B 224 29.21 5.16 10.62
C GLY B 224 28.05 6.15 10.63
N ASP B 225 27.95 6.95 9.57
CA ASP B 225 26.83 7.85 9.42
C ASP B 225 25.49 7.10 9.27
N THR B 226 25.52 5.99 8.53
CA THR B 226 24.30 5.20 8.37
C THR B 226 23.91 4.59 9.69
N PHE B 227 24.88 3.96 10.33
CA PHE B 227 24.66 3.30 11.62
C PHE B 227 24.04 4.28 12.63
N THR B 228 24.71 5.41 12.85
CA THR B 228 24.26 6.38 13.87
C THR B 228 22.93 7.01 13.53
N SER B 229 22.68 7.22 12.23
CA SER B 229 21.39 7.69 11.77
C SER B 229 20.27 6.72 12.15
N VAL B 230 20.48 5.43 11.90
CA VAL B 230 19.46 4.47 12.19
C VAL B 230 19.25 4.34 13.69
N ILE B 231 20.36 4.38 14.46
CA ILE B 231 20.28 4.31 15.93
C ILE B 231 19.43 5.48 16.43
N THR B 232 19.73 6.68 15.93
CA THR B 232 19.02 7.91 16.37
C THR B 232 17.54 7.79 16.12
N GLY B 233 17.18 7.41 14.90
CA GLY B 233 15.77 7.28 14.52
C GLY B 233 15.05 6.21 15.30
N SER B 234 15.72 5.09 15.46
CA SER B 234 15.15 3.95 16.19
C SER B 234 14.93 4.27 17.69
N LEU B 235 15.94 4.89 18.34
CA LEU B 235 15.74 5.39 19.69
C LEU B 235 14.58 6.41 19.76
N MSE B 236 14.51 7.36 18.82
N MSE B 236 14.54 7.34 18.81
CA MSE B 236 13.46 8.37 18.88
CA MSE B 236 13.48 8.37 18.77
C MSE B 236 12.05 7.77 18.63
C MSE B 236 12.07 7.76 18.62
O MSE B 236 11.04 8.32 19.09
O MSE B 236 11.10 8.30 19.15
CB MSE B 236 13.75 9.53 17.90
CB MSE B 236 13.74 9.36 17.63
CG MSE B 236 14.90 10.35 18.36
CG MSE B 236 14.96 10.25 17.84
SE MSE B 236 15.34 11.66 17.09
SE MSE B 236 14.61 11.73 19.05
CE MSE B 236 13.85 12.95 17.37
CE MSE B 236 13.22 12.64 18.00
N GLN B 237 11.99 6.63 17.91
CA GLN B 237 10.73 5.95 17.67
C GLN B 237 10.31 5.12 18.87
N GLY B 238 11.17 4.97 19.86
CA GLY B 238 10.84 4.21 21.06
C GLY B 238 11.39 2.80 21.12
N ASP B 239 12.27 2.42 20.22
CA ASP B 239 12.94 1.11 20.33
C ASP B 239 13.92 1.11 21.52
N SER B 240 14.13 -0.05 22.14
CA SER B 240 15.27 -0.24 23.03
C SER B 240 16.63 -0.17 22.30
N LEU B 241 17.69 0.01 23.10
CA LEU B 241 19.04 0.12 22.61
C LEU B 241 19.39 -1.13 21.80
N PRO B 242 19.13 -2.32 22.36
CA PRO B 242 19.48 -3.50 21.54
C PRO B 242 18.68 -3.68 20.24
N MSE B 243 17.39 -3.35 20.27
N MSE B 243 17.38 -3.36 20.25
CA MSE B 243 16.58 -3.33 19.05
CA MSE B 243 16.58 -3.39 19.00
C MSE B 243 17.19 -2.41 17.99
C MSE B 243 17.14 -2.38 17.97
O MSE B 243 17.33 -2.78 16.84
O MSE B 243 17.18 -2.69 16.78
CB MSE B 243 15.17 -2.92 19.39
CB MSE B 243 15.09 -3.15 19.24
CG MSE B 243 14.42 -4.01 20.11
CG MSE B 243 14.20 -3.02 17.95
SE MSE B 243 12.81 -3.28 20.81
SE MSE B 243 14.39 -4.38 16.47
CE MSE B 243 11.91 -2.82 19.14
CE MSE B 243 12.75 -3.99 15.48
N ALA B 244 17.57 -1.21 18.40
CA ALA B 244 18.22 -0.24 17.54
C ALA B 244 19.51 -0.76 16.89
N LEU B 245 20.33 -1.48 17.67
CA LEU B 245 21.56 -2.14 17.21
C LEU B 245 21.26 -3.13 16.10
N ASP B 246 20.17 -3.88 16.29
CA ASP B 246 19.74 -4.86 15.28
C ASP B 246 19.28 -4.21 13.98
N ARG B 247 18.43 -3.19 14.11
CA ARG B 247 17.97 -2.48 12.94
C ARG B 247 19.11 -1.90 12.17
N ALA B 248 20.02 -1.23 12.86
CA ALA B 248 21.07 -0.52 12.18
C ALA B 248 22.01 -1.50 11.49
N THR B 249 22.41 -2.56 12.18
CA THR B 249 23.33 -3.54 11.60
C THR B 249 22.68 -4.26 10.43
N GLN B 250 21.42 -4.68 10.58
CA GLN B 250 20.67 -5.31 9.49
C GLN B 250 20.57 -4.42 8.25
N PHE B 251 20.28 -3.16 8.48
CA PHE B 251 20.16 -2.21 7.35
C PHE B 251 21.49 -2.08 6.57
N ILE B 252 22.59 -1.94 7.30
CA ILE B 252 23.93 -1.85 6.69
C ILE B 252 24.26 -3.14 5.96
N LEU B 253 23.98 -4.29 6.55
CA LEU B 253 24.21 -5.56 5.87
C LEU B 253 23.53 -5.64 4.50
N GLN B 254 22.26 -5.22 4.47
CA GLN B 254 21.52 -5.15 3.21
C GLN B 254 22.18 -4.20 2.25
N GLY B 255 22.52 -3.00 2.74
CA GLY B 255 23.17 -2.01 1.88
C GLY B 255 24.49 -2.50 1.31
N ILE B 256 25.22 -3.32 2.08
CA ILE B 256 26.50 -3.81 1.63
C ILE B 256 26.32 -4.96 0.62
N ARG B 257 25.41 -5.86 0.95
CA ARG B 257 25.17 -7.01 0.07
C ARG B 257 24.61 -6.57 -1.30
N ALA B 258 23.85 -5.48 -1.28
CA ALA B 258 23.28 -4.86 -2.48
C ALA B 258 24.41 -4.51 -3.48
N THR B 259 25.64 -4.32 -3.01
CA THR B 259 26.77 -4.02 -3.89
C THR B 259 27.50 -5.24 -4.46
N PHE B 260 27.12 -6.46 -4.08
CA PHE B 260 27.88 -7.67 -4.43
C PHE B 260 27.50 -8.24 -5.78
N GLY B 261 28.46 -8.84 -6.46
CA GLY B 261 28.14 -9.62 -7.66
C GLY B 261 28.37 -8.81 -8.93
N TYR B 262 28.91 -7.60 -8.80
CA TYR B 262 29.34 -6.86 -10.01
C TYR B 262 30.44 -5.86 -9.68
N GLU B 263 31.06 -5.28 -10.69
CA GLU B 263 32.17 -4.32 -10.52
C GLU B 263 31.57 -3.13 -9.78
N TYR B 264 32.06 -2.86 -8.58
CA TYR B 264 31.56 -1.77 -7.77
C TYR B 264 32.71 -1.08 -7.07
N ASP B 265 32.70 0.24 -7.08
CA ASP B 265 33.69 1.04 -6.36
C ASP B 265 33.09 1.28 -5.00
N ASN B 266 33.58 0.52 -4.02
CA ASN B 266 33.14 0.65 -2.62
C ASN B 266 33.19 2.04 -2.02
N ARG B 267 33.94 2.96 -2.61
CA ARG B 267 34.00 4.33 -2.11
C ARG B 267 32.68 5.06 -2.30
N GLU B 268 31.83 4.53 -3.17
CA GLU B 268 30.50 5.12 -3.39
C GLU B 268 29.55 4.88 -2.23
N GLY B 269 29.94 3.97 -1.36
CA GLY B 269 29.18 3.66 -0.15
C GLY B 269 28.24 2.48 -0.36
N ILE B 270 27.44 2.18 0.66
CA ILE B 270 26.44 1.17 0.58
C ILE B 270 25.39 1.63 -0.40
N LEU B 271 24.59 0.72 -0.95
CA LEU B 271 23.53 1.16 -1.89
C LEU B 271 22.29 1.59 -1.13
N LEU B 272 22.43 2.70 -0.44
CA LEU B 272 21.40 3.15 0.50
C LEU B 272 20.01 3.20 -0.09
N GLU B 273 19.87 3.84 -1.24
CA GLU B 273 18.54 4.14 -1.82
C GLU B 273 17.86 2.91 -2.32
N LYS B 274 18.66 1.88 -2.55
CA LYS B 274 18.14 0.61 -2.95
C LYS B 274 17.50 -0.15 -1.82
N VAL B 275 18.01 -0.03 -0.60
CA VAL B 275 17.53 -0.81 0.56
C VAL B 275 16.75 0.05 1.56
N LEU B 276 16.61 1.33 1.27
CA LEU B 276 15.97 2.25 2.19
C LEU B 276 14.60 1.83 2.68
N HIS B 277 13.76 1.25 1.84
CA HIS B 277 12.46 0.81 2.28
C HIS B 277 12.46 -0.39 3.19
N ASN B 278 13.59 -1.01 3.39
CA ASN B 278 13.64 -2.07 4.40
C ASN B 278 13.68 -1.55 5.85
N LEU B 279 13.99 -0.25 6.07
CA LEU B 279 13.86 0.38 7.38
C LEU B 279 12.46 0.34 7.90
N ASP B 280 11.49 0.32 6.99
CA ASP B 280 10.04 0.37 7.30
C ASP B 280 9.52 -0.87 8.05
N MSE B 281 10.34 -1.88 8.32
N MSE B 281 10.39 -1.84 8.33
CA MSE B 281 9.80 -3.09 8.95
CA MSE B 281 9.99 -3.10 8.93
C MSE B 281 10.65 -3.65 10.07
C MSE B 281 10.64 -3.30 10.29
O MSE B 281 11.85 -3.75 9.94
O MSE B 281 11.71 -2.78 10.53
CB MSE B 281 9.55 -4.18 7.90
CB MSE B 281 10.41 -4.27 8.04
CG MSE B 281 8.49 -3.80 6.89
CG MSE B 281 11.87 -4.65 8.17
SE MSE B 281 7.39 -5.28 6.35
SE MSE B 281 12.37 -6.07 6.95
CE MSE B 281 8.62 -6.79 6.52
CE MSE B 281 11.72 -7.59 7.94
N PRO B 282 10.00 -4.05 11.18
CA PRO B 282 10.70 -4.52 12.39
C PRO B 282 11.53 -5.80 12.13
N ILE B 283 12.64 -5.95 12.85
CA ILE B 283 13.49 -7.13 12.76
C ILE B 283 12.70 -8.20 13.46
N GLN B 284 12.50 -9.34 12.82
CA GLN B 284 11.67 -10.40 13.40
C GLN B 284 12.56 -11.35 14.20
N MSE B 285 13.80 -11.56 13.74
CA MSE B 285 14.74 -12.45 14.43
C MSE B 285 15.74 -11.50 15.09
O MSE B 285 16.56 -10.91 14.39
CB MSE B 285 15.42 -13.41 13.44
N ALA B 286 15.63 -11.30 16.41
CA ALA B 286 16.62 -10.51 17.17
C ALA B 286 17.96 -11.21 17.06
N SER B 287 19.05 -10.46 17.04
CA SER B 287 20.36 -11.10 17.04
C SER B 287 21.37 -10.51 18.05
N TYR B 288 20.93 -9.56 18.86
CA TYR B 288 21.78 -8.98 19.88
C TYR B 288 21.91 -9.97 21.06
N GLU B 289 22.99 -9.84 21.83
CA GLU B 289 23.13 -10.59 23.07
C GLU B 289 23.66 -9.72 24.21
N LEU B 290 23.04 -9.90 25.38
CA LEU B 290 23.52 -9.39 26.67
C LEU B 290 24.87 -10.01 26.98
N ILE B 291 25.86 -9.19 27.29
CA ILE B 291 27.19 -9.65 27.75
C ILE B 291 27.54 -9.08 29.11
N TYR C 3 15.56 10.60 -22.33
CA TYR C 3 15.37 9.57 -21.25
C TYR C 3 14.20 8.59 -21.51
N ALA C 4 14.37 7.33 -21.14
CA ALA C 4 13.22 6.40 -21.00
C ALA C 4 13.61 5.23 -20.08
N ASN C 5 12.58 4.69 -19.44
CA ASN C 5 12.72 3.57 -18.53
C ASN C 5 11.51 2.63 -18.76
N LYS C 6 11.58 1.77 -19.82
CA LYS C 6 10.40 0.98 -20.41
C LYS C 6 10.03 -0.31 -19.67
N VAL C 7 9.01 -1.05 -20.12
CA VAL C 7 8.73 -2.40 -19.58
C VAL C 7 9.57 -3.51 -20.24
N LYS C 8 10.45 -4.10 -19.46
CA LYS C 8 11.32 -5.18 -19.94
C LYS C 8 10.56 -6.46 -20.25
N LYS C 9 11.07 -7.17 -21.25
CA LYS C 9 10.43 -8.33 -21.81
C LYS C 9 11.28 -9.56 -21.51
N ILE C 10 10.60 -10.62 -21.11
CA ILE C 10 11.24 -11.89 -20.81
C ILE C 10 10.58 -12.96 -21.70
N ALA C 11 11.39 -13.67 -22.48
CA ALA C 11 10.92 -14.80 -23.25
C ALA C 11 10.92 -15.99 -22.30
N ALA C 12 9.75 -16.59 -22.12
CA ALA C 12 9.55 -17.66 -21.16
C ALA C 12 9.34 -18.95 -21.90
N VAL C 13 10.33 -19.82 -21.86
CA VAL C 13 10.30 -21.09 -22.64
C VAL C 13 9.89 -22.22 -21.68
N HIS C 14 8.60 -22.39 -21.51
CA HIS C 14 8.01 -23.31 -20.54
C HIS C 14 6.73 -23.88 -21.16
N ASP C 15 6.19 -24.93 -20.58
CA ASP C 15 4.93 -25.50 -21.03
C ASP C 15 3.74 -24.68 -20.49
N LEU C 16 2.55 -24.94 -21.06
CA LEU C 16 1.31 -24.38 -20.54
C LEU C 16 0.53 -25.53 -20.00
N SER C 17 0.32 -25.55 -18.69
CA SER C 17 -0.55 -26.60 -18.06
C SER C 17 -1.80 -25.95 -17.45
N GLY C 18 -2.95 -26.56 -17.69
CA GLY C 18 -4.22 -26.07 -17.26
C GLY C 18 -4.39 -26.10 -15.77
N MSE C 19 -4.03 -27.19 -15.14
CA MSE C 19 -4.21 -27.32 -13.72
C MSE C 19 -2.86 -27.62 -13.06
O MSE C 19 -1.93 -28.18 -13.69
CB MSE C 19 -5.27 -28.37 -13.38
CG MSE C 19 -6.66 -27.74 -13.17
SE MSE C 19 -6.69 -26.85 -11.38
CE MSE C 19 -6.51 -28.45 -10.17
N GLY C 20 -2.78 -27.21 -11.80
CA GLY C 20 -1.54 -27.22 -11.07
C GLY C 20 -0.86 -25.89 -11.25
N ARG C 21 0.06 -25.58 -10.39
CA ARG C 21 0.71 -24.31 -10.52
C ARG C 21 2.15 -24.54 -10.85
N VAL C 22 2.41 -24.71 -12.17
CA VAL C 22 3.71 -25.02 -12.69
C VAL C 22 3.90 -24.08 -13.87
N SER C 23 5.14 -23.96 -14.29
CA SER C 23 5.49 -23.47 -15.63
C SER C 23 4.83 -22.13 -15.93
N LEU C 24 4.22 -21.97 -17.11
CA LEU C 24 3.76 -20.66 -17.53
C LEU C 24 2.69 -20.08 -16.63
N THR C 25 1.85 -20.93 -16.03
CA THR C 25 0.85 -20.40 -15.15
C THR C 25 1.37 -19.94 -13.77
N VAL C 26 2.67 -20.01 -13.59
CA VAL C 26 3.35 -19.48 -12.47
C VAL C 26 4.26 -18.35 -12.96
N VAL C 27 5.04 -18.61 -14.00
CA VAL C 27 5.97 -17.62 -14.51
C VAL C 27 5.27 -16.32 -14.91
N ILE C 28 4.12 -16.46 -15.58
CA ILE C 28 3.40 -15.28 -16.08
C ILE C 28 2.93 -14.39 -14.95
N PRO C 29 2.18 -14.94 -13.98
CA PRO C 29 1.75 -14.01 -12.96
C PRO C 29 2.84 -13.45 -12.05
N ILE C 30 3.84 -14.24 -11.69
CA ILE C 30 4.94 -13.73 -10.82
C ILE C 30 5.70 -12.62 -11.54
N LEU C 31 6.18 -12.90 -12.74
CA LEU C 31 6.99 -11.93 -13.41
C LEU C 31 6.17 -10.68 -13.82
N SER C 32 4.89 -10.82 -14.22
CA SER C 32 4.09 -9.62 -14.47
C SER C 32 3.94 -8.76 -13.25
N SER C 33 3.66 -9.39 -12.10
CA SER C 33 3.50 -8.65 -10.85
C SER C 33 4.77 -7.97 -10.49
N MSE C 34 5.89 -8.55 -10.87
CA MSE C 34 7.18 -7.91 -10.59
C MSE C 34 7.56 -6.83 -11.65
O MSE C 34 8.61 -6.25 -11.54
CB MSE C 34 8.31 -8.93 -10.45
CG MSE C 34 8.03 -9.89 -9.34
SE MSE C 34 9.40 -11.22 -9.07
CE MSE C 34 10.75 -10.13 -8.07
N GLY C 35 6.68 -6.60 -12.64
CA GLY C 35 6.86 -5.49 -13.60
C GLY C 35 7.44 -5.84 -14.98
N PHE C 36 7.40 -7.10 -15.34
CA PHE C 36 8.00 -7.57 -16.60
C PHE C 36 6.92 -8.19 -17.49
N GLN C 37 7.00 -7.91 -18.79
CA GLN C 37 6.15 -8.53 -19.77
C GLN C 37 6.73 -9.87 -20.05
N VAL C 38 5.90 -10.89 -19.92
CA VAL C 38 6.29 -12.26 -20.23
C VAL C 38 5.71 -12.66 -21.59
N CYS C 39 6.60 -13.15 -22.46
CA CYS C 39 6.29 -13.50 -23.83
C CYS C 39 6.53 -14.95 -23.94
N PRO C 40 5.45 -15.74 -23.94
CA PRO C 40 5.66 -17.17 -23.85
C PRO C 40 6.11 -17.79 -25.17
N LEU C 41 7.04 -18.74 -25.09
CA LEU C 41 7.41 -19.63 -26.20
C LEU C 41 7.03 -20.99 -25.70
N PRO C 42 5.75 -21.38 -25.89
CA PRO C 42 5.33 -22.58 -25.18
C PRO C 42 5.96 -23.88 -25.66
N THR C 43 6.27 -24.78 -24.76
CA THR C 43 7.01 -25.99 -25.11
C THR C 43 6.12 -27.20 -25.33
N ALA C 44 4.95 -27.17 -24.70
CA ALA C 44 3.99 -28.26 -24.71
C ALA C 44 2.70 -27.69 -24.13
N VAL C 45 1.61 -28.36 -24.42
CA VAL C 45 0.35 -28.03 -23.74
C VAL C 45 -0.11 -29.24 -22.97
N LEU C 46 -0.42 -29.07 -21.69
CA LEU C 46 -0.94 -30.18 -20.87
C LEU C 46 -2.19 -29.73 -20.15
N SER C 47 -3.04 -30.71 -19.86
CA SER C 47 -4.22 -30.51 -18.96
C SER C 47 -3.82 -30.16 -17.54
N ASN C 48 -2.64 -30.65 -17.15
CA ASN C 48 -2.18 -30.56 -15.78
C ASN C 48 -0.75 -31.04 -15.69
N HIS C 49 -0.06 -30.73 -14.58
CA HIS C 49 1.30 -31.18 -14.43
C HIS C 49 1.37 -32.70 -14.34
N THR C 50 2.57 -33.22 -14.55
CA THR C 50 2.83 -34.64 -14.73
C THR C 50 3.05 -35.38 -13.43
N GLN C 51 2.82 -34.74 -12.29
CA GLN C 51 2.90 -35.44 -11.02
C GLN C 51 1.51 -35.82 -10.56
N TYR C 52 0.48 -35.49 -11.34
CA TYR C 52 -0.82 -36.12 -11.18
C TYR C 52 -0.74 -37.54 -11.80
N PRO C 53 -1.73 -38.37 -11.53
CA PRO C 53 -1.67 -39.76 -12.07
C PRO C 53 -1.68 -39.81 -13.59
N GLY C 54 -2.35 -38.85 -14.24
CA GLY C 54 -2.37 -38.78 -15.68
C GLY C 54 -2.43 -37.34 -16.15
N PHE C 55 -2.32 -37.13 -17.46
CA PHE C 55 -2.33 -35.78 -18.06
C PHE C 55 -2.46 -35.95 -19.58
N SER C 56 -3.09 -34.99 -20.26
CA SER C 56 -2.93 -34.89 -21.69
C SER C 56 -1.60 -34.18 -22.00
N PHE C 57 -1.10 -34.38 -23.20
CA PHE C 57 0.17 -33.81 -23.58
C PHE C 57 0.21 -33.60 -25.09
N LEU C 58 0.54 -32.38 -25.50
CA LEU C 58 0.78 -32.02 -26.90
C LEU C 58 2.15 -31.38 -26.94
N ASP C 59 3.04 -32.03 -27.69
CA ASP C 59 4.43 -31.59 -27.81
C ASP C 59 4.50 -30.48 -28.83
N LEU C 60 5.02 -29.30 -28.46
CA LEU C 60 5.01 -28.19 -29.42
C LEU C 60 6.34 -27.97 -30.13
N THR C 61 7.18 -29.02 -30.17
CA THR C 61 8.51 -28.93 -30.84
C THR C 61 8.46 -28.36 -32.25
N ASP C 62 7.50 -28.78 -33.06
CA ASP C 62 7.43 -28.36 -34.45
C ASP C 62 6.90 -26.95 -34.62
N GLU C 63 6.15 -26.46 -33.65
CA GLU C 63 5.65 -25.09 -33.73
C GLU C 63 6.70 -24.07 -33.26
N MSE C 64 7.61 -24.43 -32.36
CA MSE C 64 8.53 -23.42 -31.78
C MSE C 64 9.36 -22.65 -32.83
O MSE C 64 9.42 -21.44 -32.78
CB MSE C 64 9.45 -24.05 -30.72
CG MSE C 64 8.63 -24.43 -29.48
SE MSE C 64 9.58 -25.54 -28.20
CE MSE C 64 11.36 -24.48 -28.47
N PRO C 65 9.98 -23.36 -33.77
CA PRO C 65 10.70 -22.65 -34.84
C PRO C 65 9.82 -21.72 -35.66
N LYS C 66 8.53 -22.03 -35.78
CA LYS C 66 7.64 -21.16 -36.55
C LYS C 66 7.39 -19.85 -35.81
N ILE C 67 7.29 -19.95 -34.47
CA ILE C 67 7.12 -18.78 -33.61
C ILE C 67 8.41 -17.96 -33.61
N ILE C 68 9.55 -18.62 -33.38
CA ILE C 68 10.85 -17.95 -33.44
C ILE C 68 11.05 -17.19 -34.76
N ALA C 69 10.72 -17.80 -35.89
CA ALA C 69 10.83 -17.15 -37.19
C ALA C 69 10.01 -15.84 -37.25
N GLU C 70 8.80 -15.83 -36.68
CA GLU C 70 8.01 -14.62 -36.67
C GLU C 70 8.57 -13.57 -35.74
N TRP C 71 9.04 -14.02 -34.58
CA TRP C 71 9.71 -13.11 -33.67
C TRP C 71 10.93 -12.40 -34.33
N LYS C 72 11.68 -13.10 -35.19
CA LYS C 72 12.79 -12.44 -35.88
C LYS C 72 12.23 -11.42 -36.80
N LYS C 73 11.15 -11.72 -37.51
CA LYS C 73 10.57 -10.75 -38.45
C LYS C 73 9.99 -9.53 -37.77
N LEU C 74 9.53 -9.68 -36.55
CA LEU C 74 8.99 -8.57 -35.76
C LEU C 74 10.11 -7.73 -35.18
N GLU C 75 11.34 -8.25 -35.21
CA GLU C 75 12.48 -7.60 -34.57
C GLU C 75 12.30 -7.41 -33.05
N VAL C 76 11.69 -8.40 -32.40
CA VAL C 76 11.42 -8.25 -30.98
C VAL C 76 12.72 -8.45 -30.25
N GLN C 77 13.00 -7.60 -29.28
N GLN C 77 12.94 -7.64 -29.24
CA GLN C 77 14.17 -7.84 -28.44
CA GLN C 77 14.14 -7.74 -28.40
C GLN C 77 13.75 -8.23 -27.01
C GLN C 77 13.76 -8.19 -26.98
N PHE C 78 14.47 -9.18 -26.44
CA PHE C 78 14.20 -9.65 -25.06
C PHE C 78 15.28 -9.23 -24.13
N ASP C 79 14.89 -8.78 -22.95
CA ASP C 79 15.84 -8.44 -21.92
C ASP C 79 16.32 -9.69 -21.17
N ALA C 80 15.55 -10.78 -21.24
CA ALA C 80 15.87 -12.05 -20.58
C ALA C 80 15.18 -13.19 -21.28
N ILE C 81 15.76 -14.36 -21.12
CA ILE C 81 15.24 -15.60 -21.66
C ILE C 81 15.30 -16.57 -20.52
N TYR C 82 14.13 -17.12 -20.18
CA TYR C 82 13.99 -17.96 -19.01
C TYR C 82 13.31 -19.26 -19.45
N THR C 83 14.11 -20.32 -19.38
CA THR C 83 13.71 -21.69 -19.78
C THR C 83 13.45 -22.58 -18.58
N GLY C 84 12.53 -23.51 -18.77
CA GLY C 84 12.22 -24.53 -17.81
C GLY C 84 11.87 -25.86 -18.49
N TYR C 85 10.68 -26.39 -18.16
CA TYR C 85 10.21 -27.68 -18.67
C TYR C 85 10.12 -27.63 -20.17
N LEU C 86 10.85 -28.51 -20.85
CA LEU C 86 10.85 -28.63 -22.29
C LEU C 86 10.07 -29.87 -22.76
N GLY C 87 9.52 -29.81 -23.96
CA GLY C 87 8.56 -30.83 -24.45
C GLY C 87 9.16 -32.07 -25.11
N SER C 88 10.44 -31.98 -25.48
CA SER C 88 11.16 -33.11 -26.12
C SER C 88 12.63 -32.81 -26.15
N PRO C 89 13.48 -33.86 -26.16
CA PRO C 89 14.89 -33.57 -26.18
C PRO C 89 15.35 -32.77 -27.40
N ARG C 90 14.57 -32.80 -28.48
CA ARG C 90 14.87 -32.01 -29.70
C ARG C 90 14.77 -30.51 -29.50
N GLN C 91 14.07 -30.10 -28.43
CA GLN C 91 13.94 -28.67 -28.19
C GLN C 91 15.20 -28.02 -27.67
N ILE C 92 16.14 -28.80 -27.10
CA ILE C 92 17.38 -28.17 -26.58
C ILE C 92 18.06 -27.40 -27.73
N GLN C 93 18.18 -28.01 -28.88
CA GLN C 93 18.88 -27.35 -30.01
C GLN C 93 18.13 -26.09 -30.44
N ILE C 94 16.80 -26.17 -30.52
CA ILE C 94 15.98 -25.06 -30.92
C ILE C 94 16.14 -23.88 -29.95
N VAL C 95 16.07 -24.17 -28.66
CA VAL C 95 16.09 -23.18 -27.59
C VAL C 95 17.50 -22.59 -27.48
N SER C 96 18.53 -23.43 -27.66
CA SER C 96 19.90 -22.96 -27.69
C SER C 96 20.15 -22.02 -28.83
N ASP C 97 19.63 -22.35 -30.00
CA ASP C 97 19.76 -21.48 -31.19
C ASP C 97 19.00 -20.14 -31.04
N PHE C 98 17.86 -20.23 -30.37
CA PHE C 98 17.07 -19.06 -29.99
C PHE C 98 17.89 -18.13 -29.04
N ILE C 99 18.47 -18.71 -28.01
CA ILE C 99 19.33 -17.98 -27.07
C ILE C 99 20.52 -17.34 -27.84
N LYS C 100 21.15 -18.11 -28.70
CA LYS C 100 22.31 -17.66 -29.42
C LYS C 100 21.91 -16.48 -30.29
N ASP C 101 20.78 -16.60 -30.96
CA ASP C 101 20.33 -15.59 -31.91
C ASP C 101 19.66 -14.34 -31.29
N PHE C 102 19.10 -14.45 -30.09
CA PHE C 102 18.39 -13.33 -29.46
C PHE C 102 19.09 -12.76 -28.22
N ARG C 103 20.14 -13.41 -27.72
CA ARG C 103 20.85 -12.82 -26.56
C ARG C 103 21.53 -11.51 -26.99
N GLN C 104 21.43 -10.49 -26.17
CA GLN C 104 22.23 -9.29 -26.35
C GLN C 104 23.30 -9.23 -25.26
N PRO C 105 24.25 -8.28 -25.38
CA PRO C 105 25.33 -8.29 -24.38
C PRO C 105 24.83 -8.13 -22.94
N ASP C 106 23.76 -7.38 -22.73
CA ASP C 106 23.19 -7.27 -21.38
C ASP C 106 22.06 -8.25 -21.07
N SER C 107 21.68 -9.20 -21.94
CA SER C 107 20.58 -10.15 -21.62
C SER C 107 20.88 -11.05 -20.42
N LEU C 108 19.85 -11.42 -19.66
CA LEU C 108 19.96 -12.37 -18.61
C LEU C 108 19.36 -13.68 -19.16
N ILE C 109 20.19 -14.71 -19.26
CA ILE C 109 19.78 -16.07 -19.63
C ILE C 109 19.69 -16.97 -18.37
N VAL C 110 18.44 -17.35 -18.08
CA VAL C 110 18.10 -18.19 -16.93
C VAL C 110 17.59 -19.55 -17.44
N ALA C 111 18.21 -20.62 -16.98
CA ALA C 111 17.76 -21.94 -17.32
C ALA C 111 17.48 -22.71 -16.03
N ASP C 112 16.22 -23.09 -15.81
CA ASP C 112 15.89 -24.07 -14.78
C ASP C 112 15.98 -25.41 -15.49
N PRO C 113 16.92 -26.25 -15.09
CA PRO C 113 17.17 -27.50 -15.86
C PRO C 113 16.21 -28.58 -15.42
N VAL C 114 14.97 -28.41 -15.87
CA VAL C 114 13.87 -29.18 -15.35
C VAL C 114 13.99 -30.62 -15.85
N LEU C 115 14.19 -31.54 -14.91
CA LEU C 115 14.37 -32.95 -15.21
C LEU C 115 13.70 -33.91 -14.24
N GLY C 116 13.53 -33.53 -12.99
CA GLY C 116 12.98 -34.46 -11.99
C GLY C 116 13.04 -33.91 -10.59
N ASP C 117 12.67 -34.74 -9.60
CA ASP C 117 12.72 -34.35 -8.20
C ASP C 117 12.65 -35.65 -7.39
N ASN C 118 12.94 -35.58 -6.09
CA ASN C 118 12.88 -36.78 -5.24
C ASN C 118 13.67 -37.90 -5.83
N GLY C 119 14.82 -37.57 -6.42
CA GLY C 119 15.73 -38.58 -6.99
C GLY C 119 15.25 -39.42 -8.17
N ARG C 120 14.25 -38.94 -8.88
CA ARG C 120 13.70 -39.66 -10.04
C ARG C 120 13.48 -38.61 -11.14
N LEU C 121 13.55 -39.04 -12.40
CA LEU C 121 13.16 -38.20 -13.54
C LEU C 121 11.67 -38.00 -13.58
N TYR C 122 11.19 -36.84 -14.07
CA TYR C 122 9.74 -36.62 -14.26
C TYR C 122 9.19 -37.64 -15.26
N THR C 123 7.85 -37.83 -15.25
CA THR C 123 7.19 -38.83 -16.08
C THR C 123 7.53 -38.69 -17.54
N ASN C 124 7.95 -39.80 -18.13
CA ASN C 124 8.34 -39.88 -19.53
C ASN C 124 9.65 -39.20 -19.89
N PHE C 125 10.32 -38.52 -18.98
CA PHE C 125 11.71 -38.13 -19.26
C PHE C 125 12.62 -39.36 -19.18
N ASP C 126 13.69 -39.36 -19.98
CA ASP C 126 14.75 -40.37 -19.84
C ASP C 126 16.11 -39.72 -20.07
N MSE C 127 17.16 -40.53 -20.17
CA MSE C 127 18.51 -40.00 -20.24
C MSE C 127 18.74 -39.11 -21.48
O MSE C 127 19.67 -38.31 -21.47
CB MSE C 127 19.55 -41.11 -20.10
CG MSE C 127 19.54 -41.78 -18.69
SE MSE C 127 19.82 -40.46 -17.26
CE MSE C 127 21.66 -40.01 -17.81
N GLU C 128 17.91 -39.22 -22.51
CA GLU C 128 18.08 -38.31 -23.67
C GLU C 128 17.83 -36.87 -23.26
N MSE C 129 16.81 -36.63 -22.45
CA MSE C 129 16.53 -35.27 -22.00
C MSE C 129 17.66 -34.75 -21.11
O MSE C 129 18.11 -33.62 -21.26
CB MSE C 129 15.17 -35.21 -21.29
CG MSE C 129 14.81 -33.86 -20.76
SE MSE C 129 14.21 -32.71 -22.25
CE MSE C 129 12.40 -33.45 -22.55
N VAL C 130 18.16 -35.61 -20.23
CA VAL C 130 19.29 -35.28 -19.37
C VAL C 130 20.55 -34.96 -20.20
N LYS C 131 20.90 -35.83 -21.14
CA LYS C 131 22.04 -35.59 -22.05
C LYS C 131 22.03 -34.21 -22.72
N GLU C 132 20.87 -33.83 -23.21
CA GLU C 132 20.72 -32.57 -23.91
C GLU C 132 20.70 -31.37 -22.95
N MSE C 133 20.08 -31.56 -21.79
CA MSE C 133 20.04 -30.53 -20.76
C MSE C 133 21.46 -30.17 -20.33
O MSE C 133 21.76 -29.02 -20.03
CB MSE C 133 19.19 -30.98 -19.54
CG MSE C 133 18.90 -29.85 -18.57
SE MSE C 133 17.88 -28.36 -19.44
CE MSE C 133 16.10 -29.14 -19.70
N ARG C 134 22.38 -31.15 -20.34
CA ARG C 134 23.77 -30.84 -20.08
C ARG C 134 24.39 -29.81 -21.06
N HIS C 135 23.91 -29.78 -22.29
CA HIS C 135 24.35 -28.76 -23.24
C HIS C 135 23.71 -27.42 -22.93
N LEU C 136 22.41 -27.42 -22.62
CA LEU C 136 21.69 -26.16 -22.47
C LEU C 136 22.25 -25.32 -21.36
N ILE C 137 22.58 -25.95 -20.22
CA ILE C 137 23.06 -25.22 -19.06
C ILE C 137 24.31 -24.41 -19.34
N THR C 138 25.10 -24.82 -20.33
CA THR C 138 26.33 -24.10 -20.63
C THR C 138 26.08 -22.76 -21.30
N LYS C 139 24.86 -22.53 -21.78
CA LYS C 139 24.52 -21.28 -22.47
C LYS C 139 23.89 -20.25 -21.51
N ALA C 140 23.67 -20.64 -20.23
CA ALA C 140 22.90 -19.83 -19.31
C ALA C 140 23.83 -19.05 -18.36
N ASP C 141 23.32 -17.92 -17.88
CA ASP C 141 24.01 -17.07 -16.91
C ASP C 141 23.67 -17.52 -15.52
N VAL C 142 22.44 -18.02 -15.33
CA VAL C 142 21.91 -18.48 -14.06
C VAL C 142 21.24 -19.84 -14.23
N ILE C 143 21.61 -20.82 -13.42
CA ILE C 143 20.87 -22.11 -13.44
C ILE C 143 20.39 -22.49 -12.05
N THR C 144 19.24 -23.14 -11.97
CA THR C 144 18.57 -23.38 -10.69
C THR C 144 18.15 -24.89 -10.46
N PRO C 145 19.09 -25.81 -10.59
CA PRO C 145 18.76 -27.21 -10.40
C PRO C 145 18.34 -27.52 -9.00
N ASN C 146 17.40 -28.44 -8.84
CA ASN C 146 17.22 -29.01 -7.52
C ASN C 146 18.29 -30.07 -7.34
N LEU C 147 18.42 -30.65 -6.15
CA LEU C 147 19.48 -31.60 -5.89
C LEU C 147 19.47 -32.82 -6.85
N THR C 148 18.28 -33.31 -7.19
CA THR C 148 18.17 -34.43 -8.13
C THR C 148 18.79 -34.02 -9.48
N GLU C 149 18.37 -32.85 -9.96
CA GLU C 149 18.84 -32.33 -11.26
C GLU C 149 20.36 -32.12 -11.23
N LEU C 150 20.88 -31.68 -10.09
CA LEU C 150 22.31 -31.44 -9.92
C LEU C 150 23.11 -32.71 -10.30
N PHE C 151 22.70 -33.83 -9.75
CA PHE C 151 23.44 -35.06 -9.96
C PHE C 151 23.32 -35.57 -11.41
N TYR C 152 22.13 -35.44 -11.99
CA TYR C 152 21.93 -35.75 -13.41
C TYR C 152 22.78 -34.90 -14.31
N LEU C 153 22.90 -33.63 -13.99
CA LEU C 153 23.75 -32.73 -14.78
C LEU C 153 25.22 -33.06 -14.62
N LEU C 154 25.65 -33.35 -13.38
CA LEU C 154 27.06 -33.68 -13.15
C LEU C 154 27.43 -35.10 -13.60
N ASP C 155 26.43 -35.92 -13.90
CA ASP C 155 26.64 -37.31 -14.29
C ASP C 155 27.28 -38.12 -13.16
N GLU C 156 26.72 -37.95 -11.96
CA GLU C 156 27.09 -38.74 -10.83
C GLU C 156 25.87 -39.30 -10.18
N PRO C 157 26.03 -40.36 -9.37
CA PRO C 157 24.88 -40.92 -8.71
C PRO C 157 24.34 -39.97 -7.67
N TYR C 158 23.02 -39.95 -7.55
CA TYR C 158 22.30 -39.17 -6.56
C TYR C 158 22.86 -39.42 -5.17
N LYS C 159 23.06 -38.38 -4.38
CA LYS C 159 23.57 -38.51 -3.00
C LYS C 159 22.68 -37.58 -2.16
N ALA C 160 21.99 -38.13 -1.16
CA ALA C 160 21.15 -37.32 -0.27
C ALA C 160 21.92 -36.46 0.80
N ASP C 161 23.06 -36.97 1.28
CA ASP C 161 23.84 -36.37 2.37
C ASP C 161 25.24 -36.00 1.89
N SER C 162 25.39 -34.81 1.33
CA SER C 162 26.70 -34.28 0.99
C SER C 162 27.10 -33.24 2.06
N THR C 163 28.40 -33.06 2.28
CA THR C 163 28.85 -31.96 3.15
C THR C 163 28.66 -30.58 2.47
N ASP C 164 28.62 -29.51 3.26
CA ASP C 164 28.69 -28.18 2.69
C ASP C 164 29.89 -27.98 1.76
N GLU C 165 31.01 -28.59 2.08
CA GLU C 165 32.21 -28.47 1.24
C GLU C 165 32.04 -29.19 -0.10
N GLU C 166 31.39 -30.35 -0.07
CA GLU C 166 31.02 -31.02 -1.29
C GLU C 166 30.05 -30.20 -2.14
N LEU C 167 29.08 -29.58 -1.47
CA LEU C 167 28.15 -28.72 -2.17
C LEU C 167 28.85 -27.54 -2.84
N LYS C 168 29.80 -26.88 -2.13
CA LYS C 168 30.57 -25.79 -2.73
C LYS C 168 31.33 -26.31 -3.95
N GLU C 169 31.82 -27.55 -3.86
CA GLU C 169 32.53 -28.17 -5.00
C GLU C 169 31.62 -28.34 -6.21
N TYR C 170 30.40 -28.81 -5.96
CA TYR C 170 29.47 -29.04 -7.03
C TYR C 170 29.12 -27.75 -7.71
N LEU C 171 28.84 -26.73 -6.92
CA LEU C 171 28.51 -25.43 -7.45
C LEU C 171 29.61 -24.92 -8.36
N ARG C 172 30.85 -25.04 -7.93
CA ARG C 172 31.98 -24.54 -8.66
C ARG C 172 32.17 -25.32 -9.96
N LEU C 173 31.98 -26.62 -9.88
CA LEU C 173 32.04 -27.49 -11.04
C LEU C 173 31.01 -27.12 -12.08
N LEU C 174 29.79 -26.87 -11.65
CA LEU C 174 28.77 -26.42 -12.61
C LEU C 174 29.08 -25.04 -13.18
N SER C 175 29.49 -24.12 -12.32
CA SER C 175 29.83 -22.78 -12.78
C SER C 175 30.95 -22.82 -13.86
N ASP C 176 31.92 -23.68 -13.64
CA ASP C 176 32.99 -23.83 -14.61
C ASP C 176 32.46 -24.29 -15.96
N LYS C 177 31.24 -24.85 -16.03
CA LYS C 177 30.71 -25.21 -17.34
C LYS C 177 30.12 -24.04 -18.09
N GLY C 178 29.91 -22.89 -17.43
CA GLY C 178 29.39 -21.70 -18.06
C GLY C 178 28.70 -20.68 -17.14
N PRO C 179 27.68 -21.08 -16.37
CA PRO C 179 26.90 -20.08 -15.63
C PRO C 179 27.68 -19.39 -14.53
N GLN C 180 27.70 -18.07 -14.57
CA GLN C 180 28.16 -17.23 -13.48
C GLN C 180 27.46 -17.56 -12.16
N VAL C 181 26.15 -17.82 -12.20
CA VAL C 181 25.40 -18.08 -10.97
C VAL C 181 24.77 -19.47 -11.00
N VAL C 182 25.06 -20.26 -9.95
CA VAL C 182 24.51 -21.59 -9.81
C VAL C 182 23.85 -21.63 -8.43
N ILE C 183 22.62 -22.14 -8.42
CA ILE C 183 21.76 -22.25 -7.26
C ILE C 183 21.22 -23.68 -7.22
N ILE C 184 21.49 -24.38 -6.13
CA ILE C 184 20.99 -25.74 -5.92
C ILE C 184 19.90 -25.65 -4.85
N THR C 185 18.67 -26.01 -5.24
CA THR C 185 17.55 -26.02 -4.31
C THR C 185 17.31 -27.44 -3.78
N SER C 186 16.45 -27.53 -2.76
CA SER C 186 15.93 -28.78 -2.26
C SER C 186 17.01 -29.64 -1.57
N VAL C 187 18.00 -29.00 -0.91
CA VAL C 187 19.04 -29.73 -0.21
C VAL C 187 18.56 -30.08 1.21
N PRO C 188 18.54 -31.38 1.52
CA PRO C 188 18.16 -31.86 2.83
C PRO C 188 19.00 -31.22 3.95
N VAL C 189 18.40 -31.11 5.14
CA VAL C 189 19.08 -30.50 6.27
C VAL C 189 19.29 -31.59 7.29
N HIS C 190 20.55 -31.86 7.59
CA HIS C 190 20.89 -33.00 8.42
C HIS C 190 20.15 -32.90 9.74
N ASP C 191 19.51 -33.99 10.10
CA ASP C 191 18.77 -34.07 11.37
C ASP C 191 17.58 -33.11 11.46
N GLU C 192 17.26 -32.36 10.41
CA GLU C 192 16.05 -31.50 10.41
C GLU C 192 15.17 -31.86 9.18
N PRO C 193 14.39 -32.94 9.31
CA PRO C 193 13.61 -33.48 8.20
C PRO C 193 12.43 -32.64 7.73
N HIS C 194 12.06 -31.63 8.51
CA HIS C 194 10.96 -30.71 8.15
C HIS C 194 11.46 -29.51 7.34
N LYS C 195 12.78 -29.44 7.17
CA LYS C 195 13.43 -28.29 6.57
C LYS C 195 14.14 -28.57 5.22
N THR C 196 14.40 -27.51 4.47
CA THR C 196 15.16 -27.57 3.25
C THR C 196 16.20 -26.44 3.24
N SER C 197 17.21 -26.60 2.41
CA SER C 197 18.14 -25.52 2.20
C SER C 197 18.43 -25.28 0.71
N VAL C 198 18.90 -24.07 0.42
CA VAL C 198 19.30 -23.64 -0.90
C VAL C 198 20.75 -23.21 -0.78
N TYR C 199 21.59 -23.61 -1.74
CA TYR C 199 23.00 -23.22 -1.78
C TYR C 199 23.22 -22.46 -3.10
N ALA C 200 24.16 -21.52 -3.10
CA ALA C 200 24.44 -20.72 -4.29
C ALA C 200 25.89 -20.28 -4.39
N TYR C 201 26.31 -20.04 -5.63
CA TYR C 201 27.60 -19.51 -5.94
C TYR C 201 27.51 -18.42 -6.99
N ASN C 202 28.31 -17.36 -6.79
CA ASN C 202 28.49 -16.34 -7.78
C ASN C 202 29.95 -16.23 -8.17
N ARG C 203 30.28 -16.60 -9.40
CA ARG C 203 31.63 -16.46 -9.91
C ARG C 203 32.06 -14.99 -9.90
N GLN C 204 31.14 -14.06 -10.09
CA GLN C 204 31.49 -12.64 -9.89
C GLN C 204 31.56 -12.31 -8.39
N GLY C 205 32.79 -12.29 -7.89
CA GLY C 205 33.04 -12.04 -6.50
C GLY C 205 33.37 -13.30 -5.75
N ASN C 206 33.20 -14.46 -6.40
CA ASN C 206 33.56 -15.77 -5.86
C ASN C 206 32.89 -16.07 -4.50
N ARG C 207 31.63 -15.73 -4.35
CA ARG C 207 30.93 -15.88 -3.07
C ARG C 207 29.90 -17.02 -3.09
N TYR C 208 29.77 -17.65 -1.94
CA TYR C 208 28.89 -18.81 -1.76
C TYR C 208 27.88 -18.48 -0.69
N TRP C 209 26.62 -18.89 -0.91
CA TRP C 209 25.53 -18.56 0.00
C TRP C 209 24.73 -19.82 0.37
N LYS C 210 24.13 -19.76 1.56
CA LYS C 210 23.22 -20.78 2.03
C LYS C 210 22.05 -20.11 2.71
N VAL C 211 20.87 -20.68 2.50
CA VAL C 211 19.70 -20.34 3.26
C VAL C 211 18.95 -21.65 3.61
N THR C 212 18.42 -21.68 4.83
CA THR C 212 17.69 -22.81 5.34
C THR C 212 16.28 -22.34 5.62
N CYS C 213 15.30 -23.14 5.23
N CYS C 213 15.26 -23.06 5.15
CA CYS C 213 13.90 -22.79 5.36
CA CYS C 213 13.85 -22.64 5.31
C CYS C 213 13.04 -23.96 5.81
C CYS C 213 13.01 -23.86 5.73
N PRO C 214 11.98 -23.63 6.58
CA PRO C 214 11.13 -24.67 7.16
C PRO C 214 9.97 -25.00 6.25
N TYR C 215 10.31 -25.54 5.09
CA TYR C 215 9.31 -26.17 4.25
C TYR C 215 9.98 -27.23 3.39
N LEU C 216 9.13 -28.03 2.76
CA LEU C 216 9.58 -29.14 1.92
C LEU C 216 8.99 -28.92 0.52
N PRO C 217 9.79 -28.32 -0.39
CA PRO C 217 9.29 -27.86 -1.68
C PRO C 217 8.78 -28.98 -2.57
N ALA C 218 9.37 -30.17 -2.40
CA ALA C 218 9.00 -31.34 -3.23
C ALA C 218 7.53 -31.71 -3.01
N HIS C 219 6.97 -31.38 -1.85
CA HIS C 219 5.58 -31.64 -1.60
C HIS C 219 4.63 -30.78 -2.43
N TYR C 220 5.11 -29.70 -3.02
CA TYR C 220 4.25 -28.82 -3.78
C TYR C 220 4.75 -28.64 -5.19
N PRO C 221 4.25 -29.45 -6.15
CA PRO C 221 4.76 -29.36 -7.50
C PRO C 221 4.73 -27.93 -8.04
N GLY C 222 5.77 -27.57 -8.81
CA GLY C 222 5.91 -26.24 -9.37
C GLY C 222 6.70 -25.28 -8.48
N THR C 223 7.13 -25.73 -7.30
N THR C 223 7.14 -25.74 -7.31
CA THR C 223 7.89 -24.85 -6.41
CA THR C 223 7.92 -24.85 -6.43
C THR C 223 9.21 -24.32 -7.03
C THR C 223 9.16 -24.28 -7.11
N GLY C 224 9.85 -25.14 -7.87
CA GLY C 224 11.03 -24.69 -8.61
C GLY C 224 10.72 -23.57 -9.63
N ASP C 225 9.54 -23.65 -10.23
CA ASP C 225 9.07 -22.59 -11.13
C ASP C 225 8.78 -21.26 -10.39
N THR C 226 8.17 -21.33 -9.21
CA THR C 226 7.98 -20.14 -8.40
C THR C 226 9.31 -19.57 -7.97
N PHE C 227 10.19 -20.46 -7.50
CA PHE C 227 11.52 -20.08 -7.08
C PHE C 227 12.29 -19.29 -8.16
N THR C 228 12.45 -19.92 -9.29
CA THR C 228 13.25 -19.37 -10.35
C THR C 228 12.59 -18.14 -10.95
N SER C 229 11.26 -18.10 -11.03
CA SER C 229 10.59 -16.87 -11.41
C SER C 229 10.95 -15.73 -10.43
N VAL C 230 10.91 -15.93 -9.12
CA VAL C 230 11.17 -14.84 -8.21
C VAL C 230 12.66 -14.46 -8.31
N ILE C 231 13.53 -15.46 -8.42
CA ILE C 231 14.99 -15.20 -8.61
C ILE C 231 15.21 -14.30 -9.85
N THR C 232 14.55 -14.65 -10.96
CA THR C 232 14.71 -13.98 -12.25
C THR C 232 14.23 -12.52 -12.13
N GLY C 233 13.03 -12.34 -11.56
CA GLY C 233 12.52 -11.01 -11.28
C GLY C 233 13.39 -10.14 -10.38
N SER C 234 13.92 -10.74 -9.31
N SER C 234 13.91 -10.73 -9.30
CA SER C 234 14.71 -10.05 -8.32
CA SER C 234 14.70 -10.02 -8.32
C SER C 234 15.99 -9.56 -8.94
C SER C 234 16.00 -9.56 -8.93
N LEU C 235 16.66 -10.48 -9.64
CA LEU C 235 17.87 -10.13 -10.40
C LEU C 235 17.65 -9.04 -11.43
N MSE C 236 16.56 -9.14 -12.18
N MSE C 236 16.57 -9.16 -12.21
CA MSE C 236 16.20 -8.12 -13.18
CA MSE C 236 16.19 -8.12 -13.20
C MSE C 236 15.86 -6.76 -12.56
C MSE C 236 15.94 -6.75 -12.54
O MSE C 236 16.01 -5.72 -13.21
O MSE C 236 16.26 -5.70 -13.10
CB MSE C 236 15.06 -8.64 -14.06
CB MSE C 236 14.96 -8.55 -14.02
CG MSE C 236 15.53 -9.82 -14.89
CG MSE C 236 15.26 -9.66 -15.03
SE MSE C 236 14.16 -10.34 -16.13
SE MSE C 236 16.53 -9.14 -16.44
CE MSE C 236 14.22 -8.80 -17.29
CE MSE C 236 15.42 -7.84 -17.40
N GLN C 237 15.41 -6.75 -11.31
CA GLN C 237 15.22 -5.46 -10.59
C GLN C 237 16.53 -4.90 -10.00
N GLY C 238 17.63 -5.64 -10.14
CA GLY C 238 18.95 -5.22 -9.64
C GLY C 238 19.29 -5.76 -8.26
N ASP C 239 18.48 -6.65 -7.70
CA ASP C 239 18.75 -7.17 -6.37
C ASP C 239 20.02 -7.99 -6.38
N SER C 240 20.68 -8.11 -5.24
CA SER C 240 21.82 -9.00 -5.15
C SER C 240 21.30 -10.45 -5.13
N LEU C 241 22.23 -11.40 -5.37
CA LEU C 241 21.95 -12.84 -5.26
C LEU C 241 21.38 -13.23 -3.91
N PRO C 242 22.05 -12.84 -2.79
CA PRO C 242 21.49 -13.27 -1.49
C PRO C 242 20.13 -12.65 -1.25
N MSE C 243 19.94 -11.41 -1.70
CA MSE C 243 18.62 -10.81 -1.61
C MSE C 243 17.58 -11.62 -2.43
O MSE C 243 16.48 -11.86 -1.93
CB MSE C 243 18.62 -9.36 -2.11
CG MSE C 243 17.25 -8.73 -2.12
SE MSE C 243 16.45 -8.57 -0.30
CE MSE C 243 17.45 -6.93 0.24
N ALA C 244 17.93 -12.04 -3.65
CA ALA C 244 17.02 -12.89 -4.48
C ALA C 244 16.72 -14.22 -3.81
N LEU C 245 17.71 -14.84 -3.18
CA LEU C 245 17.50 -16.11 -2.47
C LEU C 245 16.47 -15.89 -1.36
N ASP C 246 16.62 -14.80 -0.62
CA ASP C 246 15.66 -14.50 0.45
C ASP C 246 14.27 -14.19 -0.03
N ARG C 247 14.12 -13.38 -1.09
CA ARG C 247 12.79 -13.09 -1.62
C ARG C 247 12.08 -14.35 -2.09
N ALA C 248 12.82 -15.22 -2.77
CA ALA C 248 12.25 -16.41 -3.35
C ALA C 248 11.79 -17.41 -2.28
N THR C 249 12.65 -17.67 -1.30
CA THR C 249 12.37 -18.65 -0.24
C THR C 249 11.27 -18.15 0.67
N GLN C 250 11.29 -16.87 1.02
CA GLN C 250 10.20 -16.32 1.81
C GLN C 250 8.84 -16.32 1.12
N PHE C 251 8.82 -16.05 -0.18
CA PHE C 251 7.58 -15.99 -0.94
C PHE C 251 7.01 -17.39 -1.00
N ILE C 252 7.86 -18.38 -1.24
CA ILE C 252 7.43 -19.78 -1.21
C ILE C 252 6.91 -20.22 0.16
N LEU C 253 7.54 -19.79 1.24
CA LEU C 253 7.11 -20.27 2.57
C LEU C 253 5.70 -19.71 2.85
N GLN C 254 5.48 -18.47 2.42
CA GLN C 254 4.18 -17.82 2.60
C GLN C 254 3.11 -18.52 1.82
N GLY C 255 3.45 -18.89 0.59
CA GLY C 255 2.53 -19.66 -0.25
C GLY C 255 2.20 -21.07 0.29
N ILE C 256 3.17 -21.68 0.96
CA ILE C 256 2.91 -22.99 1.54
C ILE C 256 2.11 -22.83 2.84
N ARG C 257 2.47 -21.82 3.63
N ARG C 257 2.45 -21.83 3.64
CA ARG C 257 1.77 -21.53 4.90
CA ARG C 257 1.74 -21.64 4.90
C ARG C 257 0.29 -21.21 4.64
C ARG C 257 0.30 -21.14 4.67
N ALA C 258 0.03 -20.60 3.49
CA ALA C 258 -1.36 -20.28 3.06
C ALA C 258 -2.22 -21.55 2.90
N THR C 259 -1.59 -22.71 2.68
CA THR C 259 -2.31 -23.96 2.49
C THR C 259 -2.65 -24.70 3.76
N PHE C 260 -2.30 -24.20 4.95
CA PHE C 260 -2.44 -25.00 6.18
C PHE C 260 -3.81 -24.90 6.82
N GLY C 261 -4.18 -25.95 7.55
CA GLY C 261 -5.33 -25.95 8.46
C GLY C 261 -6.71 -26.26 7.89
N TYR C 262 -6.71 -26.74 6.65
CA TYR C 262 -7.90 -27.20 5.96
C TYR C 262 -7.44 -28.31 5.05
N GLU C 263 -8.35 -29.15 4.57
CA GLU C 263 -7.97 -30.25 3.67
C GLU C 263 -7.53 -29.62 2.33
N TYR C 264 -6.28 -29.88 1.93
CA TYR C 264 -5.71 -29.25 0.75
C TYR C 264 -5.01 -30.32 -0.04
N ASP C 265 -5.17 -30.27 -1.35
CA ASP C 265 -4.51 -31.22 -2.22
C ASP C 265 -3.24 -30.55 -2.66
N ASN C 266 -2.13 -30.94 -2.04
CA ASN C 266 -0.85 -30.24 -2.28
C ASN C 266 -0.37 -30.27 -3.74
N ARG C 267 -0.90 -31.23 -4.54
CA ARG C 267 -0.63 -31.30 -5.98
C ARG C 267 -1.03 -30.02 -6.71
N GLU C 268 -2.00 -29.32 -6.15
CA GLU C 268 -2.41 -28.02 -6.67
C GLU C 268 -1.38 -26.87 -6.53
N GLY C 269 -0.31 -27.11 -5.76
CA GLY C 269 0.77 -26.11 -5.56
C GLY C 269 0.58 -25.15 -4.39
N ILE C 270 1.51 -24.23 -4.25
CA ILE C 270 1.36 -23.17 -3.27
C ILE C 270 0.14 -22.28 -3.67
N LEU C 271 -0.43 -21.56 -2.72
CA LEU C 271 -1.59 -20.72 -3.00
C LEU C 271 -1.15 -19.36 -3.52
N LEU C 272 -0.59 -19.37 -4.73
CA LEU C 272 0.06 -18.20 -5.36
C LEU C 272 -0.73 -16.89 -5.23
N GLU C 273 -2.01 -16.96 -5.55
CA GLU C 273 -2.90 -15.77 -5.56
C GLU C 273 -3.08 -15.14 -4.27
N LYS C 274 -3.06 -15.99 -3.25
CA LYS C 274 -3.23 -15.52 -1.93
C LYS C 274 -2.03 -14.74 -1.41
N VAL C 275 -0.84 -14.95 -1.95
CA VAL C 275 0.35 -14.28 -1.42
C VAL C 275 1.02 -13.38 -2.45
N LEU C 276 0.48 -13.37 -3.67
CA LEU C 276 1.12 -12.66 -4.75
C LEU C 276 1.40 -11.21 -4.36
N HIS C 277 0.51 -10.57 -3.64
CA HIS C 277 0.71 -9.16 -3.25
C HIS C 277 1.78 -8.89 -2.18
N ASN C 278 2.38 -9.94 -1.67
CA ASN C 278 3.52 -9.84 -0.79
C ASN C 278 4.83 -9.81 -1.51
N LEU C 279 4.85 -9.94 -2.82
CA LEU C 279 6.14 -9.99 -3.45
C LEU C 279 7.07 -8.81 -3.22
N ASP C 280 6.51 -7.62 -3.09
N ASP C 280 6.50 -7.62 -3.11
CA ASP C 280 7.35 -6.42 -3.15
CA ASP C 280 7.29 -6.39 -3.15
C ASP C 280 7.67 -5.77 -1.79
C ASP C 280 7.34 -5.67 -1.81
N MSE C 281 7.29 -6.42 -0.71
CA MSE C 281 7.46 -5.85 0.61
C MSE C 281 8.91 -5.99 1.14
O MSE C 281 9.69 -6.81 0.65
CB MSE C 281 6.51 -6.55 1.55
CG MSE C 281 6.89 -7.99 1.73
SE MSE C 281 5.67 -8.87 2.96
CE MSE C 281 5.49 -7.49 4.32
N PRO C 282 9.25 -5.22 2.15
CA PRO C 282 10.56 -5.38 2.79
C PRO C 282 10.80 -6.80 3.32
N ILE C 283 12.01 -7.31 3.11
CA ILE C 283 12.44 -8.64 3.60
C ILE C 283 13.62 -8.54 4.61
N GLN C 284 13.58 -9.36 5.65
CA GLN C 284 14.74 -9.52 6.51
C GLN C 284 15.52 -10.67 5.90
N MSE C 285 16.83 -10.56 5.92
CA MSE C 285 17.66 -11.55 5.27
C MSE C 285 17.95 -12.74 6.15
O MSE C 285 18.31 -12.57 7.32
CB MSE C 285 18.95 -10.89 4.81
CG MSE C 285 18.68 -9.96 3.65
SE MSE C 285 20.24 -9.53 2.54
CE MSE C 285 20.22 -11.05 1.39
N ALA C 286 17.83 -13.95 5.60
CA ALA C 286 18.33 -15.16 6.29
C ALA C 286 19.51 -15.83 5.59
N SER C 287 19.80 -15.48 4.35
CA SER C 287 20.92 -16.06 3.65
C SER C 287 22.21 -15.63 4.34
N TYR C 288 23.17 -16.52 4.35
CA TYR C 288 24.51 -16.17 4.83
C TYR C 288 25.57 -16.80 3.97
N GLU C 289 26.73 -16.17 4.03
CA GLU C 289 27.84 -16.52 3.20
C GLU C 289 28.53 -17.71 3.78
N LEU C 290 28.93 -18.65 2.93
CA LEU C 290 29.80 -19.77 3.32
C LEU C 290 31.19 -19.34 2.91
N ILE C 291 32.01 -18.98 3.88
CA ILE C 291 33.39 -18.60 3.57
C ILE C 291 34.34 -19.84 3.56
N LYS D 6 -2.01 11.62 18.92
CA LYS D 6 -3.44 11.92 19.30
C LYS D 6 -4.45 11.83 18.15
N VAL D 7 -5.61 11.27 18.46
CA VAL D 7 -6.68 11.07 17.53
C VAL D 7 -7.82 11.85 18.10
N LYS D 8 -8.46 12.67 17.27
CA LYS D 8 -9.57 13.47 17.74
C LYS D 8 -10.72 12.55 18.14
N LYS D 9 -11.48 12.99 19.12
CA LYS D 9 -12.57 12.21 19.69
C LYS D 9 -13.90 12.85 19.39
N ILE D 10 -14.88 12.03 19.03
CA ILE D 10 -16.21 12.49 18.73
C ILE D 10 -17.16 11.78 19.69
N ALA D 11 -17.89 12.56 20.48
CA ALA D 11 -18.99 11.99 21.26
C ALA D 11 -20.19 11.74 20.32
N ALA D 12 -20.59 10.49 20.11
CA ALA D 12 -21.67 10.16 19.15
C ALA D 12 -22.91 9.78 19.95
N VAL D 13 -23.94 10.64 19.90
CA VAL D 13 -25.16 10.44 20.71
C VAL D 13 -26.22 9.86 19.80
N HIS D 14 -26.23 8.54 19.70
CA HIS D 14 -27.00 7.77 18.74
C HIS D 14 -27.38 6.46 19.40
N ASP D 15 -28.39 5.77 18.88
CA ASP D 15 -28.76 4.45 19.35
C ASP D 15 -27.81 3.39 18.78
N LEU D 16 -27.87 2.21 19.39
CA LEU D 16 -27.22 0.99 18.88
C LEU D 16 -28.35 0.06 18.44
N SER D 17 -28.38 -0.21 17.14
CA SER D 17 -29.27 -1.17 16.54
C SER D 17 -28.51 -2.34 15.94
N GLY D 18 -28.97 -3.54 16.24
CA GLY D 18 -28.25 -4.72 15.82
C GLY D 18 -28.21 -4.96 14.33
N MSE D 19 -29.34 -4.77 13.66
CA MSE D 19 -29.48 -5.04 12.22
C MSE D 19 -30.02 -3.79 11.54
O MSE D 19 -30.69 -2.96 12.17
CB MSE D 19 -30.45 -6.21 11.97
CG MSE D 19 -29.73 -7.60 11.84
SE MSE D 19 -28.80 -7.53 10.09
CE MSE D 19 -30.36 -7.50 8.84
N GLY D 20 -29.82 -3.70 10.23
CA GLY D 20 -30.12 -2.47 9.52
C GLY D 20 -28.83 -1.68 9.65
N ARG D 21 -28.62 -0.70 8.83
CA ARG D 21 -27.39 0.05 9.00
C ARG D 21 -27.79 1.46 9.30
N VAL D 22 -28.07 1.72 10.58
CA VAL D 22 -28.41 3.02 11.05
C VAL D 22 -27.49 3.41 12.19
N SER D 23 -27.56 4.68 12.58
CA SER D 23 -27.03 5.11 13.92
C SER D 23 -25.61 4.59 14.20
N LEU D 24 -25.32 4.07 15.40
CA LEU D 24 -23.92 3.73 15.77
C LEU D 24 -23.21 2.74 14.88
N THR D 25 -23.96 1.78 14.31
CA THR D 25 -23.31 0.77 13.46
C THR D 25 -22.93 1.33 12.08
N VAL D 26 -23.27 2.59 11.83
CA VAL D 26 -22.81 3.33 10.62
C VAL D 26 -21.78 4.40 11.06
N VAL D 27 -22.15 5.18 12.09
CA VAL D 27 -21.29 6.27 12.63
C VAL D 27 -19.90 5.77 13.03
N ILE D 28 -19.85 4.67 13.78
CA ILE D 28 -18.56 4.13 14.24
C ILE D 28 -17.66 3.72 13.06
N PRO D 29 -18.15 2.89 12.13
CA PRO D 29 -17.20 2.47 11.10
C PRO D 29 -16.74 3.62 10.21
N ILE D 30 -17.65 4.52 9.91
CA ILE D 30 -17.32 5.60 9.01
C ILE D 30 -16.31 6.53 9.66
N LEU D 31 -16.60 6.98 10.88
CA LEU D 31 -15.74 8.00 11.45
C LEU D 31 -14.43 7.42 11.92
N SER D 32 -14.39 6.16 12.37
CA SER D 32 -13.11 5.50 12.63
C SER D 32 -12.26 5.38 11.36
N SER D 33 -12.89 5.03 10.26
N SER D 33 -12.89 5.01 10.26
CA SER D 33 -12.15 4.90 8.99
CA SER D 33 -12.19 4.86 8.98
C SER D 33 -11.59 6.22 8.54
C SER D 33 -11.64 6.20 8.49
N MSE D 34 -12.33 7.29 8.85
CA MSE D 34 -11.89 8.63 8.52
C MSE D 34 -10.88 9.22 9.52
O MSE D 34 -10.49 10.37 9.40
CB MSE D 34 -13.13 9.50 8.41
CG MSE D 34 -13.96 9.12 7.21
SE MSE D 34 -15.44 10.40 6.97
CE MSE D 34 -14.54 11.52 5.66
N GLY D 35 -10.49 8.43 10.51
CA GLY D 35 -9.38 8.77 11.43
C GLY D 35 -9.78 9.36 12.79
N PHE D 36 -11.04 9.18 13.20
CA PHE D 36 -11.54 9.81 14.40
C PHE D 36 -12.02 8.72 15.35
N GLN D 37 -11.69 8.84 16.63
CA GLN D 37 -12.19 7.91 17.66
C GLN D 37 -13.61 8.29 17.98
N VAL D 38 -14.54 7.35 17.87
CA VAL D 38 -15.92 7.59 18.19
C VAL D 38 -16.22 7.05 19.58
N CYS D 39 -16.69 7.93 20.46
CA CYS D 39 -17.07 7.58 21.82
C CYS D 39 -18.57 7.60 21.96
N PRO D 40 -19.21 6.41 21.98
CA PRO D 40 -20.68 6.41 21.95
C PRO D 40 -21.37 6.85 23.24
N LEU D 41 -22.40 7.67 23.10
CA LEU D 41 -23.32 7.94 24.20
C LEU D 41 -24.66 7.36 23.74
N PRO D 42 -24.88 6.09 24.01
CA PRO D 42 -26.00 5.44 23.38
C PRO D 42 -27.36 5.91 23.93
N THR D 43 -28.28 6.19 23.03
CA THR D 43 -29.58 6.73 23.39
C THR D 43 -30.61 5.64 23.63
N ALA D 44 -30.38 4.50 23.02
CA ALA D 44 -31.31 3.39 23.05
C ALA D 44 -30.59 2.15 22.50
N VAL D 45 -31.11 0.96 22.83
CA VAL D 45 -30.65 -0.28 22.22
C VAL D 45 -31.86 -0.93 21.52
N LEU D 46 -31.66 -1.31 20.25
CA LEU D 46 -32.70 -1.97 19.47
C LEU D 46 -32.18 -3.24 18.77
N SER D 47 -33.03 -4.19 18.49
CA SER D 47 -32.69 -5.34 17.64
C SER D 47 -32.36 -4.89 16.22
N ASN D 48 -33.00 -3.80 15.80
CA ASN D 48 -32.94 -3.36 14.39
C ASN D 48 -33.61 -2.03 14.30
N HIS D 49 -33.54 -1.37 13.13
CA HIS D 49 -34.13 -0.04 13.01
C HIS D 49 -35.66 -0.09 13.02
N THR D 50 -36.27 1.08 13.17
CA THR D 50 -37.70 1.14 13.39
C THR D 50 -38.51 1.26 12.10
N GLN D 51 -37.85 1.11 10.96
CA GLN D 51 -38.53 0.93 9.68
C GLN D 51 -38.80 -0.52 9.35
N TYR D 52 -38.33 -1.46 10.15
CA TYR D 52 -38.87 -2.81 10.09
C TYR D 52 -40.25 -2.83 10.79
N PRO D 53 -41.05 -3.88 10.58
CA PRO D 53 -42.40 -3.99 11.19
C PRO D 53 -42.34 -4.03 12.72
N GLY D 54 -41.29 -4.64 13.24
CA GLY D 54 -41.12 -4.81 14.66
C GLY D 54 -39.70 -4.49 15.06
N PHE D 55 -39.50 -4.35 16.36
CA PHE D 55 -38.17 -4.13 16.89
C PHE D 55 -38.27 -4.22 18.42
N SER D 56 -37.16 -4.65 19.03
CA SER D 56 -36.94 -4.53 20.48
C SER D 56 -36.42 -3.14 20.73
N PHE D 57 -36.69 -2.63 21.92
CA PHE D 57 -36.36 -1.25 22.20
C PHE D 57 -36.12 -1.09 23.69
N LEU D 58 -34.92 -0.64 24.04
CA LEU D 58 -34.64 -0.30 25.42
C LEU D 58 -34.20 1.16 25.48
N ASP D 59 -34.92 1.99 26.23
CA ASP D 59 -34.68 3.43 26.34
C ASP D 59 -33.53 3.65 27.33
N LEU D 60 -32.49 4.35 26.92
CA LEU D 60 -31.34 4.58 27.82
C LEU D 60 -31.29 5.97 28.45
N THR D 61 -32.45 6.64 28.47
CA THR D 61 -32.57 7.97 29.10
C THR D 61 -31.96 8.05 30.51
N ASP D 62 -32.20 7.03 31.33
CA ASP D 62 -31.77 7.08 32.71
C ASP D 62 -30.31 6.73 32.89
N GLU D 63 -29.76 6.01 31.94
CA GLU D 63 -28.32 5.70 31.98
C GLU D 63 -27.41 6.82 31.48
N MSE D 64 -27.93 7.72 30.65
N MSE D 64 -27.94 7.67 30.61
CA MSE D 64 -27.08 8.70 29.99
CA MSE D 64 -27.20 8.76 29.98
C MSE D 64 -26.42 9.69 30.97
C MSE D 64 -26.44 9.62 31.00
O MSE D 64 -25.22 9.98 30.81
O MSE D 64 -25.21 9.75 30.90
CB MSE D 64 -27.86 9.42 28.88
CB MSE D 64 -28.12 9.67 29.13
CG MSE D 64 -28.23 8.50 27.73
CG MSE D 64 -27.86 9.64 27.64
SE MSE D 64 -29.38 9.37 26.36
SE MSE D 64 -28.31 11.30 26.62
CE MSE D 64 -30.49 10.39 27.62
CE MSE D 64 -30.11 11.64 27.22
N PRO D 65 -27.18 10.19 31.96
CA PRO D 65 -26.53 11.11 32.92
C PRO D 65 -25.47 10.39 33.74
N LYS D 66 -25.64 9.10 33.94
CA LYS D 66 -24.66 8.32 34.67
C LYS D 66 -23.37 8.19 33.85
N ILE D 67 -23.50 8.03 32.53
CA ILE D 67 -22.31 7.99 31.63
C ILE D 67 -21.61 9.33 31.60
N ILE D 68 -22.39 10.40 31.39
CA ILE D 68 -21.87 11.78 31.37
C ILE D 68 -21.12 12.07 32.68
N ALA D 69 -21.72 11.70 33.83
CA ALA D 69 -21.08 11.95 35.14
C ALA D 69 -19.64 11.43 35.21
N GLU D 70 -19.44 10.20 34.73
CA GLU D 70 -18.10 9.61 34.65
C GLU D 70 -17.19 10.29 33.62
N TRP D 71 -17.75 10.72 32.51
CA TRP D 71 -16.94 11.40 31.50
C TRP D 71 -16.35 12.69 32.08
N LYS D 72 -17.15 13.39 32.89
CA LYS D 72 -16.68 14.56 33.63
C LYS D 72 -15.58 14.14 34.57
N LYS D 73 -15.81 13.08 35.35
CA LYS D 73 -14.79 12.58 36.25
C LYS D 73 -13.50 12.34 35.45
N LEU D 74 -13.59 11.67 34.32
CA LEU D 74 -12.40 11.39 33.50
C LEU D 74 -11.77 12.64 32.85
N GLU D 75 -12.43 13.78 32.96
CA GLU D 75 -12.04 15.00 32.25
C GLU D 75 -11.80 14.77 30.73
N VAL D 76 -12.58 13.88 30.10
CA VAL D 76 -12.49 13.69 28.64
C VAL D 76 -12.87 14.97 27.91
N GLN D 77 -12.05 15.31 26.93
CA GLN D 77 -12.38 16.40 26.03
C GLN D 77 -12.78 15.82 24.69
N PHE D 78 -13.80 16.43 24.08
CA PHE D 78 -14.29 16.01 22.79
C PHE D 78 -14.08 17.12 21.79
N ASP D 79 -13.56 16.72 20.65
CA ASP D 79 -13.38 17.64 19.54
C ASP D 79 -14.67 17.90 18.80
N ALA D 80 -15.56 16.92 18.81
CA ALA D 80 -16.89 17.06 18.22
C ALA D 80 -17.95 16.27 19.04
N ILE D 81 -19.19 16.72 18.95
CA ILE D 81 -20.36 16.02 19.51
C ILE D 81 -21.25 15.91 18.31
N TYR D 82 -21.63 14.67 17.97
CA TYR D 82 -22.49 14.43 16.85
C TYR D 82 -23.70 13.65 17.35
N THR D 83 -24.87 14.27 17.26
CA THR D 83 -26.14 13.64 17.72
C THR D 83 -27.02 13.16 16.56
N GLY D 84 -27.85 12.16 16.83
CA GLY D 84 -28.83 11.63 15.89
C GLY D 84 -30.08 11.15 16.61
N TYR D 85 -30.46 9.91 16.34
CA TYR D 85 -31.69 9.34 16.88
C TYR D 85 -31.58 9.25 18.40
N LEU D 86 -32.55 9.89 19.07
CA LEU D 86 -32.63 9.93 20.51
C LEU D 86 -33.76 9.01 21.02
N GLY D 87 -33.57 8.42 22.19
CA GLY D 87 -34.51 7.47 22.75
C GLY D 87 -35.79 7.98 23.36
N SER D 88 -35.85 9.28 23.66
CA SER D 88 -37.06 9.85 24.26
C SER D 88 -36.98 11.36 24.26
N PRO D 89 -38.13 12.06 24.27
CA PRO D 89 -38.05 13.52 24.25
C PRO D 89 -37.26 14.05 25.42
N ARG D 90 -37.33 13.35 26.55
CA ARG D 90 -36.58 13.71 27.77
C ARG D 90 -35.06 13.84 27.54
N GLN D 91 -34.53 13.16 26.53
CA GLN D 91 -33.08 13.18 26.30
C GLN D 91 -32.54 14.48 25.73
N ILE D 92 -33.39 15.28 25.11
CA ILE D 92 -32.91 16.52 24.49
C ILE D 92 -32.32 17.40 25.57
N GLN D 93 -32.99 17.48 26.70
CA GLN D 93 -32.51 18.27 27.82
C GLN D 93 -31.12 17.85 28.29
N ILE D 94 -30.94 16.54 28.43
CA ILE D 94 -29.68 15.92 28.86
C ILE D 94 -28.54 16.18 27.85
N VAL D 95 -28.86 16.03 26.59
CA VAL D 95 -27.91 16.24 25.50
C VAL D 95 -27.55 17.69 25.36
N SER D 96 -28.56 18.55 25.50
CA SER D 96 -28.35 19.98 25.38
C SER D 96 -27.43 20.44 26.52
N ASP D 97 -27.67 19.97 27.74
CA ASP D 97 -26.76 20.25 28.87
C ASP D 97 -25.35 19.67 28.69
N PHE D 98 -25.30 18.44 28.16
CA PHE D 98 -24.04 17.80 27.77
C PHE D 98 -23.28 18.69 26.78
N ILE D 99 -23.92 19.18 25.71
CA ILE D 99 -23.23 20.06 24.76
C ILE D 99 -22.77 21.32 25.47
N LYS D 100 -23.65 21.90 26.31
CA LYS D 100 -23.32 23.12 27.05
C LYS D 100 -22.07 22.91 27.86
N ASP D 101 -22.00 21.78 28.57
CA ASP D 101 -20.92 21.54 29.54
C ASP D 101 -19.66 21.02 28.88
N PHE D 102 -19.76 20.38 27.72
CA PHE D 102 -18.58 19.83 27.05
C PHE D 102 -18.09 20.63 25.85
N ARG D 103 -18.78 21.69 25.47
CA ARG D 103 -18.30 22.41 24.29
C ARG D 103 -17.02 23.17 24.63
N GLN D 104 -16.18 23.30 23.61
CA GLN D 104 -14.94 24.03 23.68
C GLN D 104 -14.90 25.02 22.54
N PRO D 105 -14.02 26.02 22.63
CA PRO D 105 -14.01 27.05 21.61
C PRO D 105 -13.91 26.49 20.19
N ASP D 106 -13.15 25.42 20.00
CA ASP D 106 -13.04 24.83 18.67
C ASP D 106 -13.84 23.54 18.51
N SER D 107 -14.80 23.29 19.40
CA SER D 107 -15.71 22.13 19.18
C SER D 107 -16.48 22.26 17.85
N LEU D 108 -16.72 21.14 17.16
CA LEU D 108 -17.69 21.05 16.09
C LEU D 108 -18.88 20.33 16.68
N ILE D 109 -20.04 20.96 16.65
CA ILE D 109 -21.27 20.29 17.12
C ILE D 109 -22.15 20.05 15.93
N VAL D 110 -22.50 18.78 15.74
CA VAL D 110 -23.31 18.35 14.61
C VAL D 110 -24.58 17.70 15.13
N ALA D 111 -25.75 18.17 14.71
CA ALA D 111 -27.01 17.50 15.08
C ALA D 111 -27.73 17.04 13.83
N ASP D 112 -27.94 15.75 13.66
CA ASP D 112 -28.86 15.27 12.64
C ASP D 112 -30.17 15.23 13.39
N PRO D 113 -31.16 16.05 12.99
CA PRO D 113 -32.39 16.14 13.76
C PRO D 113 -33.34 15.02 13.32
N VAL D 114 -33.04 13.81 13.79
CA VAL D 114 -33.67 12.59 13.37
C VAL D 114 -35.11 12.58 13.93
N LEU D 115 -36.08 12.74 13.03
CA LEU D 115 -37.50 12.72 13.40
C LEU D 115 -38.31 11.82 12.49
N GLY D 116 -37.94 11.72 11.23
CA GLY D 116 -38.77 10.97 10.27
C GLY D 116 -38.31 11.09 8.84
N ASP D 117 -39.04 10.48 7.93
CA ASP D 117 -38.76 10.56 6.51
C ASP D 117 -40.04 10.22 5.76
N ASN D 118 -40.05 10.45 4.44
CA ASN D 118 -41.23 10.21 3.65
C ASN D 118 -42.49 10.88 4.17
N GLY D 119 -42.33 12.09 4.69
CA GLY D 119 -43.47 12.88 5.12
C GLY D 119 -44.06 12.38 6.43
N ARG D 120 -43.29 11.61 7.19
CA ARG D 120 -43.86 11.03 8.41
C ARG D 120 -42.85 10.83 9.53
N LEU D 121 -43.29 11.04 10.76
CA LEU D 121 -42.45 10.78 11.89
C LEU D 121 -42.11 9.29 12.00
N TYR D 122 -40.92 8.99 12.48
CA TYR D 122 -40.53 7.60 12.77
C TYR D 122 -41.46 6.99 13.83
N THR D 123 -41.52 5.67 13.82
CA THR D 123 -42.47 4.96 14.66
C THR D 123 -42.35 5.40 16.08
N ASN D 124 -43.51 5.67 16.68
CA ASN D 124 -43.66 6.10 18.07
C ASN D 124 -43.17 7.50 18.42
N PHE D 125 -42.57 8.22 17.48
CA PHE D 125 -42.27 9.63 17.69
C PHE D 125 -43.54 10.45 17.64
N ASP D 126 -43.55 11.57 18.35
CA ASP D 126 -44.68 12.47 18.35
C ASP D 126 -44.21 13.91 18.47
N MSE D 127 -45.16 14.83 18.65
CA MSE D 127 -44.81 16.24 18.62
C MSE D 127 -43.86 16.63 19.77
O MSE D 127 -43.08 17.57 19.63
CB MSE D 127 -46.06 17.15 18.55
CG MSE D 127 -46.74 17.10 17.17
SE MSE D 127 -45.55 17.48 15.61
CE MSE D 127 -45.31 19.43 15.98
N GLU D 128 -43.92 15.90 20.90
CA GLU D 128 -43.00 16.18 22.01
C GLU D 128 -41.56 16.03 21.56
N MSE D 129 -41.31 15.02 20.76
CA MSE D 129 -39.96 14.82 20.21
C MSE D 129 -39.60 16.00 19.23
O MSE D 129 -38.49 16.52 19.26
CB MSE D 129 -39.85 13.46 19.53
CG MSE D 129 -38.47 13.14 18.91
SE MSE D 129 -37.14 12.77 20.30
CE MSE D 129 -37.50 10.86 20.68
N VAL D 130 -40.55 16.38 18.38
CA VAL D 130 -40.33 17.43 17.42
C VAL D 130 -40.08 18.75 18.13
N LYS D 131 -40.93 19.11 19.09
CA LYS D 131 -40.74 20.37 19.82
C LYS D 131 -39.40 20.44 20.55
N GLU D 132 -38.98 19.35 21.16
CA GLU D 132 -37.69 19.29 21.84
C GLU D 132 -36.54 19.37 20.86
N MSE D 133 -36.66 18.64 19.76
CA MSE D 133 -35.58 18.67 18.74
C MSE D 133 -35.37 20.07 18.20
O MSE D 133 -34.26 20.43 17.89
CB MSE D 133 -35.89 17.71 17.60
CG MSE D 133 -34.75 17.61 16.56
SE MSE D 133 -33.18 16.79 17.35
CE MSE D 133 -33.74 14.90 17.47
N ARG D 134 -36.44 20.85 18.09
CA ARG D 134 -36.33 22.25 17.68
C ARG D 134 -35.39 23.01 18.59
N HIS D 135 -35.39 22.68 19.88
CA HIS D 135 -34.43 23.27 20.79
C HIS D 135 -33.02 22.73 20.58
N LEU D 136 -32.92 21.41 20.42
CA LEU D 136 -31.63 20.81 20.35
C LEU D 136 -30.88 21.44 19.19
N ILE D 137 -31.52 21.70 18.05
CA ILE D 137 -30.74 22.25 16.90
C ILE D 137 -30.07 23.61 17.19
N THR D 138 -30.67 24.39 18.09
CA THR D 138 -30.13 25.68 18.48
C THR D 138 -28.73 25.56 19.07
N LYS D 139 -28.32 24.35 19.45
CA LYS D 139 -26.96 24.15 20.02
C LYS D 139 -25.93 23.76 19.02
N ALA D 140 -26.31 23.50 17.78
CA ALA D 140 -25.43 22.88 16.82
C ALA D 140 -24.84 23.91 15.91
N ASP D 141 -23.64 23.59 15.38
CA ASP D 141 -22.97 24.30 14.28
C ASP D 141 -23.43 23.86 12.89
N VAL D 142 -23.73 22.58 12.76
CA VAL D 142 -24.09 21.95 11.51
C VAL D 142 -25.32 21.11 11.79
N ILE D 143 -26.34 21.25 10.95
CA ILE D 143 -27.50 20.39 11.01
C ILE D 143 -27.80 19.83 9.64
N THR D 144 -28.40 18.64 9.60
CA THR D 144 -28.61 17.87 8.37
C THR D 144 -30.03 17.22 8.26
N PRO D 145 -31.08 18.04 8.46
CA PRO D 145 -32.45 17.58 8.24
C PRO D 145 -32.65 17.01 6.84
N ASN D 146 -33.41 15.92 6.75
CA ASN D 146 -34.02 15.63 5.48
C ASN D 146 -35.22 16.57 5.28
N LEU D 147 -35.85 16.52 4.11
CA LEU D 147 -36.91 17.43 3.79
C LEU D 147 -38.07 17.24 4.79
N THR D 148 -38.33 16.00 5.21
CA THR D 148 -39.41 15.76 6.19
C THR D 148 -39.12 16.49 7.50
N GLU D 149 -37.89 16.41 7.94
CA GLU D 149 -37.45 17.01 9.20
C GLU D 149 -37.46 18.55 9.15
N LEU D 150 -37.12 19.07 7.97
CA LEU D 150 -37.08 20.51 7.74
C LEU D 150 -38.45 21.07 8.08
N PHE D 151 -39.53 20.43 7.61
CA PHE D 151 -40.84 21.03 7.74
C PHE D 151 -41.36 20.79 9.15
N TYR D 152 -41.08 19.62 9.74
CA TYR D 152 -41.33 19.45 11.20
C TYR D 152 -40.61 20.49 12.04
N LEU D 153 -39.35 20.75 11.74
CA LEU D 153 -38.59 21.75 12.48
C LEU D 153 -39.20 23.16 12.33
N LEU D 154 -39.58 23.53 11.12
CA LEU D 154 -40.15 24.87 10.91
C LEU D 154 -41.65 24.96 11.29
N ASP D 155 -42.23 23.86 11.76
CA ASP D 155 -43.67 23.77 12.07
C ASP D 155 -44.47 24.18 10.85
N GLU D 156 -44.22 23.50 9.72
CA GLU D 156 -45.01 23.69 8.52
C GLU D 156 -45.37 22.33 7.99
N PRO D 157 -46.36 22.28 7.11
CA PRO D 157 -46.68 21.01 6.49
C PRO D 157 -45.64 20.63 5.42
N TYR D 158 -45.42 19.33 5.28
CA TYR D 158 -44.54 18.79 4.27
C TYR D 158 -44.98 19.32 2.91
N LYS D 159 -44.04 19.84 2.11
CA LYS D 159 -44.33 20.17 0.72
C LYS D 159 -43.15 19.68 -0.15
N ALA D 160 -43.47 18.80 -1.08
CA ALA D 160 -42.46 18.14 -1.89
C ALA D 160 -41.84 19.03 -2.96
N ASP D 161 -42.57 20.05 -3.41
CA ASP D 161 -42.16 20.82 -4.59
C ASP D 161 -42.00 22.27 -4.20
N SER D 162 -40.78 22.64 -3.75
CA SER D 162 -40.41 24.03 -3.44
C SER D 162 -39.46 24.60 -4.53
N THR D 163 -39.55 25.89 -4.80
CA THR D 163 -38.57 26.56 -5.64
C THR D 163 -37.20 26.65 -4.94
N ASP D 164 -36.13 26.84 -5.71
CA ASP D 164 -34.79 27.01 -5.15
C ASP D 164 -34.74 28.24 -4.21
N GLU D 165 -35.44 29.31 -4.57
CA GLU D 165 -35.51 30.46 -3.67
C GLU D 165 -36.26 30.10 -2.37
N GLU D 166 -37.33 29.31 -2.45
CA GLU D 166 -38.03 28.88 -1.25
C GLU D 166 -37.08 28.06 -0.40
N LEU D 167 -36.35 27.16 -1.06
CA LEU D 167 -35.38 26.33 -0.34
C LEU D 167 -34.27 27.17 0.33
N LYS D 168 -33.78 28.20 -0.34
CA LYS D 168 -32.79 29.08 0.28
C LYS D 168 -33.36 29.85 1.49
N GLU D 169 -34.61 30.30 1.38
CA GLU D 169 -35.35 30.88 2.53
C GLU D 169 -35.40 29.87 3.68
N TYR D 170 -35.76 28.63 3.38
CA TYR D 170 -35.85 27.66 4.45
C TYR D 170 -34.52 27.46 5.14
N LEU D 171 -33.43 27.50 4.35
CA LEU D 171 -32.07 27.28 4.85
C LEU D 171 -31.71 28.44 5.80
N ARG D 172 -32.10 29.66 5.42
CA ARG D 172 -31.82 30.81 6.25
C ARG D 172 -32.62 30.75 7.53
N LEU D 173 -33.91 30.44 7.43
CA LEU D 173 -34.78 30.32 8.61
C LEU D 173 -34.17 29.36 9.62
N LEU D 174 -33.67 28.22 9.16
CA LEU D 174 -33.06 27.28 10.09
C LEU D 174 -31.75 27.82 10.64
N SER D 175 -30.97 28.54 9.84
CA SER D 175 -29.67 29.05 10.32
C SER D 175 -29.84 30.10 11.41
N ASP D 176 -30.96 30.82 11.33
CA ASP D 176 -31.32 31.83 12.29
C ASP D 176 -31.60 31.17 13.63
N LYS D 177 -31.99 29.89 13.65
CA LYS D 177 -32.20 29.22 14.93
C LYS D 177 -30.85 28.96 15.62
N GLY D 178 -29.75 29.19 14.92
CA GLY D 178 -28.43 29.04 15.51
C GLY D 178 -27.33 28.49 14.64
N PRO D 179 -27.56 27.31 14.00
CA PRO D 179 -26.46 26.74 13.19
C PRO D 179 -25.98 27.55 11.97
N GLN D 180 -24.66 27.60 11.85
CA GLN D 180 -23.98 28.31 10.82
C GLN D 180 -24.12 27.58 9.48
N VAL D 181 -24.08 26.24 9.53
CA VAL D 181 -24.24 25.37 8.38
C VAL D 181 -25.50 24.56 8.51
N VAL D 182 -26.33 24.68 7.49
CA VAL D 182 -27.58 23.97 7.43
C VAL D 182 -27.53 23.19 6.12
N ILE D 183 -27.82 21.88 6.16
CA ILE D 183 -27.88 21.01 4.99
C ILE D 183 -29.23 20.25 4.94
N ILE D 184 -29.94 20.36 3.83
CA ILE D 184 -31.22 19.68 3.65
C ILE D 184 -31.01 18.58 2.64
N THR D 185 -31.30 17.34 3.03
CA THR D 185 -31.14 16.18 2.15
C THR D 185 -32.52 15.73 1.64
N SER D 186 -32.50 14.78 0.69
CA SER D 186 -33.68 14.16 0.16
C SER D 186 -34.68 15.12 -0.44
N VAL D 187 -34.19 16.12 -1.16
CA VAL D 187 -35.09 17.09 -1.82
C VAL D 187 -35.39 16.56 -3.22
N PRO D 188 -36.68 16.40 -3.56
CA PRO D 188 -37.05 15.98 -4.88
C PRO D 188 -36.48 16.91 -5.97
N VAL D 189 -36.24 16.33 -7.13
CA VAL D 189 -35.81 17.09 -8.28
C VAL D 189 -36.97 17.18 -9.26
N HIS D 190 -37.52 18.39 -9.43
CA HIS D 190 -38.65 18.66 -10.34
C HIS D 190 -38.49 17.98 -11.70
N ASP D 191 -39.50 17.20 -12.06
CA ASP D 191 -39.52 16.41 -13.29
C ASP D 191 -38.26 15.52 -13.48
N GLU D 192 -37.74 14.99 -12.37
CA GLU D 192 -36.74 13.90 -12.39
C GLU D 192 -36.99 13.04 -11.17
N PRO D 193 -37.87 12.05 -11.33
CA PRO D 193 -38.30 11.23 -10.19
C PRO D 193 -37.30 10.16 -9.75
N HIS D 194 -36.19 9.98 -10.47
N HIS D 194 -36.21 10.00 -10.51
CA HIS D 194 -35.19 9.03 -10.02
CA HIS D 194 -35.11 9.07 -10.17
C HIS D 194 -33.99 9.72 -9.34
C HIS D 194 -33.94 9.76 -9.47
N LYS D 195 -34.09 11.04 -9.16
CA LYS D 195 -33.04 11.81 -8.52
C LYS D 195 -33.47 12.51 -7.23
N THR D 196 -32.45 12.89 -6.49
CA THR D 196 -32.59 13.56 -5.21
C THR D 196 -31.60 14.69 -5.26
N SER D 197 -31.76 15.67 -4.38
CA SER D 197 -30.77 16.71 -4.25
C SER D 197 -30.56 17.11 -2.80
N VAL D 198 -29.44 17.75 -2.60
CA VAL D 198 -29.05 18.25 -1.31
C VAL D 198 -28.77 19.72 -1.50
N TYR D 199 -29.28 20.52 -0.56
CA TYR D 199 -29.09 21.98 -0.55
C TYR D 199 -28.36 22.37 0.76
N ALA D 200 -27.45 23.35 0.68
CA ALA D 200 -26.67 23.74 1.86
C ALA D 200 -26.48 25.23 1.89
N TYR D 201 -26.32 25.74 3.10
CA TYR D 201 -26.09 27.15 3.34
C TYR D 201 -24.98 27.25 4.34
N ASN D 202 -24.02 28.12 4.06
CA ASN D 202 -23.08 28.52 5.06
C ASN D 202 -23.27 30.00 5.38
N ARG D 203 -23.65 30.29 6.62
N ARG D 203 -23.64 30.32 6.62
CA ARG D 203 -23.85 31.64 7.11
CA ARG D 203 -23.86 31.72 6.97
C ARG D 203 -22.58 32.49 6.96
C ARG D 203 -22.57 32.53 7.00
N GLN D 204 -21.44 31.86 7.26
CA GLN D 204 -20.14 32.50 7.14
C GLN D 204 -19.85 32.64 5.65
N GLY D 205 -19.84 33.85 5.11
CA GLY D 205 -19.68 34.02 3.66
C GLY D 205 -21.00 33.92 2.90
N ASN D 206 -22.08 33.58 3.60
CA ASN D 206 -23.42 33.67 3.05
C ASN D 206 -23.52 32.94 1.70
N ARG D 207 -23.09 31.69 1.69
CA ARG D 207 -23.06 30.91 0.47
C ARG D 207 -24.06 29.76 0.46
N TYR D 208 -24.64 29.51 -0.71
CA TYR D 208 -25.60 28.43 -0.89
C TYR D 208 -25.10 27.44 -1.92
N TRP D 209 -25.27 26.16 -1.63
CA TRP D 209 -24.86 25.10 -2.55
C TRP D 209 -25.94 24.11 -2.82
N LYS D 210 -25.77 23.42 -3.94
CA LYS D 210 -26.69 22.38 -4.31
C LYS D 210 -25.93 21.23 -4.98
N VAL D 211 -26.39 20.01 -4.78
N VAL D 211 -26.39 20.00 -4.75
CA VAL D 211 -25.83 18.90 -5.54
CA VAL D 211 -25.84 18.83 -5.43
C VAL D 211 -27.01 17.99 -5.88
C VAL D 211 -27.05 18.00 -5.88
N THR D 212 -27.01 17.53 -7.12
CA THR D 212 -28.02 16.65 -7.63
C THR D 212 -27.38 15.28 -7.60
N CYS D 213 -28.06 14.28 -7.11
N CYS D 213 -28.10 14.32 -7.02
CA CYS D 213 -27.45 12.95 -7.17
CA CYS D 213 -27.66 12.92 -6.95
C CYS D 213 -28.53 11.90 -7.46
C CYS D 213 -28.68 11.95 -7.59
N PRO D 214 -28.20 10.96 -8.36
CA PRO D 214 -29.11 9.96 -8.91
C PRO D 214 -29.29 8.73 -8.02
N TYR D 215 -29.96 8.95 -6.91
CA TYR D 215 -30.41 7.89 -6.04
C TYR D 215 -31.54 8.43 -5.22
N LEU D 216 -32.28 7.53 -4.57
CA LEU D 216 -33.39 7.89 -3.72
C LEU D 216 -33.10 7.41 -2.29
N PRO D 217 -32.53 8.29 -1.45
CA PRO D 217 -32.06 7.80 -0.15
C PRO D 217 -33.14 7.19 0.74
N ALA D 218 -34.38 7.66 0.61
CA ALA D 218 -35.46 7.22 1.53
C ALA D 218 -35.77 5.77 1.30
N HIS D 219 -35.31 5.17 0.21
CA HIS D 219 -35.46 3.71 0.02
C HIS D 219 -34.58 2.91 0.95
N TYR D 220 -33.57 3.56 1.52
CA TYR D 220 -32.55 2.87 2.29
C TYR D 220 -32.41 3.46 3.70
N PRO D 221 -33.00 2.81 4.68
CA PRO D 221 -32.91 3.35 6.03
C PRO D 221 -31.47 3.64 6.46
N GLY D 222 -31.28 4.72 7.20
CA GLY D 222 -29.94 5.03 7.67
C GLY D 222 -29.08 5.88 6.76
N THR D 223 -29.57 6.29 5.60
CA THR D 223 -28.68 7.03 4.71
C THR D 223 -28.34 8.40 5.25
N GLY D 224 -29.26 9.00 6.02
CA GLY D 224 -28.97 10.24 6.76
C GLY D 224 -27.80 10.08 7.73
N ASP D 225 -27.71 8.91 8.37
CA ASP D 225 -26.61 8.68 9.27
C ASP D 225 -25.30 8.57 8.52
N THR D 226 -25.34 7.89 7.38
CA THR D 226 -24.15 7.80 6.53
C THR D 226 -23.75 9.17 6.04
N PHE D 227 -24.74 9.90 5.54
CA PHE D 227 -24.48 11.23 4.99
C PHE D 227 -23.79 12.10 6.05
N THR D 228 -24.37 12.12 7.24
CA THR D 228 -23.96 13.10 8.25
C THR D 228 -22.62 12.65 8.84
N SER D 229 -22.39 11.35 8.91
CA SER D 229 -21.11 10.84 9.34
C SER D 229 -20.01 11.33 8.41
N VAL D 230 -20.25 11.25 7.11
CA VAL D 230 -19.23 11.61 6.12
C VAL D 230 -19.03 13.12 6.13
N ILE D 231 -20.11 13.90 6.27
CA ILE D 231 -20.05 15.37 6.38
C ILE D 231 -19.17 15.74 7.57
N THR D 232 -19.46 15.13 8.72
CA THR D 232 -18.68 15.36 9.95
C THR D 232 -17.15 15.11 9.79
N GLY D 233 -16.77 13.94 9.32
CA GLY D 233 -15.37 13.60 9.13
C GLY D 233 -14.71 14.49 8.08
N SER D 234 -15.43 14.80 7.01
CA SER D 234 -14.91 15.63 5.93
C SER D 234 -14.62 17.03 6.45
N LEU D 235 -15.59 17.63 7.16
CA LEU D 235 -15.33 18.95 7.72
C LEU D 235 -14.16 18.93 8.71
N MSE D 236 -14.11 17.91 9.56
N MSE D 236 -14.12 17.91 9.56
CA MSE D 236 -13.06 17.80 10.55
CA MSE D 236 -13.07 17.76 10.55
C MSE D 236 -11.69 17.56 9.92
C MSE D 236 -11.69 17.58 9.91
O MSE D 236 -10.69 17.89 10.52
O MSE D 236 -10.70 17.98 10.48
CB MSE D 236 -13.38 16.70 11.54
CB MSE D 236 -13.34 16.58 11.46
CG MSE D 236 -14.49 17.10 12.47
CG MSE D 236 -14.51 16.79 12.39
SE MSE D 236 -15.09 15.63 13.57
SE MSE D 236 -14.15 16.14 14.17
CE MSE D 236 -13.52 15.46 14.82
CE MSE D 236 -14.56 14.27 13.87
N GLN D 237 -11.67 17.00 8.71
CA GLN D 237 -10.41 16.86 7.95
C GLN D 237 -9.97 18.13 7.26
N GLY D 238 -10.81 19.17 7.24
CA GLY D 238 -10.46 20.41 6.57
C GLY D 238 -11.06 20.62 5.18
N ASP D 239 -11.93 19.74 4.71
CA ASP D 239 -12.65 20.00 3.46
C ASP D 239 -13.62 21.17 3.59
N SER D 240 -13.89 21.81 2.45
CA SER D 240 -14.93 22.84 2.34
C SER D 240 -16.30 22.17 2.36
N LEU D 241 -17.34 22.96 2.64
CA LEU D 241 -18.70 22.42 2.75
C LEU D 241 -19.09 21.72 1.45
N PRO D 242 -18.92 22.41 0.31
CA PRO D 242 -19.31 21.73 -0.92
C PRO D 242 -18.53 20.45 -1.24
N MSE D 243 -17.24 20.43 -0.85
N MSE D 243 -17.23 20.37 -0.89
N MSE D 243 -17.24 20.39 -0.88
CA MSE D 243 -16.42 19.24 -0.98
CA MSE D 243 -16.49 19.08 -1.08
CA MSE D 243 -16.49 19.17 -1.11
C MSE D 243 -17.03 18.12 -0.14
C MSE D 243 -17.06 18.05 -0.13
C MSE D 243 -16.94 18.06 -0.11
O MSE D 243 -17.20 17.00 -0.61
O MSE D 243 -17.23 16.89 -0.52
O MSE D 243 -16.92 16.89 -0.45
CB MSE D 243 -14.98 19.53 -0.52
CB MSE D 243 -14.96 19.19 -0.91
CB MSE D 243 -14.98 19.43 -1.13
CG MSE D 243 -14.19 20.36 -1.52
CG MSE D 243 -14.20 17.82 -0.70
CG MSE D 243 -14.57 20.65 -2.01
SE MSE D 243 -12.48 21.05 -0.86
SE MSE D 243 -13.87 16.56 -2.25
SE MSE D 243 -14.10 20.42 -3.94
CE MSE D 243 -11.58 19.32 -0.52
CE MSE D 243 -12.21 15.76 -1.61
CE MSE D 243 -12.30 19.72 -3.74
N ALA D 244 -17.40 18.45 1.09
CA ALA D 244 -18.08 17.52 1.99
C ALA D 244 -19.37 16.93 1.35
N LEU D 245 -20.21 17.78 0.72
CA LEU D 245 -21.44 17.36 0.06
C LEU D 245 -21.14 16.30 -1.01
N ASP D 246 -20.10 16.57 -1.78
CA ASP D 246 -19.63 15.69 -2.81
C ASP D 246 -19.18 14.34 -2.31
N ARG D 247 -18.34 14.33 -1.28
CA ARG D 247 -17.86 13.09 -0.68
C ARG D 247 -19.00 12.23 -0.15
N ALA D 248 -19.92 12.88 0.55
CA ALA D 248 -21.04 12.17 1.22
C ALA D 248 -21.97 11.56 0.15
N THR D 249 -22.30 12.35 -0.87
CA THR D 249 -23.29 11.95 -1.85
C THR D 249 -22.69 10.84 -2.73
N GLN D 250 -21.42 10.94 -3.08
CA GLN D 250 -20.74 9.92 -3.88
C GLN D 250 -20.60 8.63 -3.12
N PHE D 251 -20.36 8.72 -1.80
CA PHE D 251 -20.21 7.56 -0.99
C PHE D 251 -21.55 6.82 -0.93
N ILE D 252 -22.61 7.56 -0.67
CA ILE D 252 -23.93 6.95 -0.61
C ILE D 252 -24.34 6.34 -1.99
N LEU D 253 -24.06 7.05 -3.08
CA LEU D 253 -24.33 6.53 -4.41
C LEU D 253 -23.66 5.14 -4.61
N GLN D 254 -22.41 5.00 -4.19
CA GLN D 254 -21.72 3.73 -4.38
C GLN D 254 -22.35 2.64 -3.52
N GLY D 255 -22.62 2.98 -2.27
CA GLY D 255 -23.29 2.08 -1.34
C GLY D 255 -24.65 1.59 -1.83
N ILE D 256 -25.38 2.48 -2.50
CA ILE D 256 -26.66 2.11 -3.08
C ILE D 256 -26.49 1.23 -4.31
N ARG D 257 -25.60 1.64 -5.22
CA ARG D 257 -25.31 0.86 -6.43
C ARG D 257 -24.78 -0.52 -6.13
N ALA D 258 -24.04 -0.63 -5.04
CA ALA D 258 -23.51 -1.93 -4.59
C ALA D 258 -24.59 -2.97 -4.27
N THR D 259 -25.84 -2.52 -4.10
CA THR D 259 -26.99 -3.41 -3.85
C THR D 259 -27.72 -3.83 -5.14
N PHE D 260 -27.28 -3.34 -6.28
CA PHE D 260 -28.05 -3.51 -7.50
C PHE D 260 -27.72 -4.82 -8.19
N GLY D 261 -28.72 -5.41 -8.84
CA GLY D 261 -28.49 -6.54 -9.74
C GLY D 261 -28.65 -7.90 -9.11
N TYR D 262 -29.25 -7.96 -7.93
CA TYR D 262 -29.62 -9.20 -7.29
C TYR D 262 -30.70 -8.89 -6.28
N GLU D 263 -31.31 -9.93 -5.73
CA GLU D 263 -32.44 -9.71 -4.82
C GLU D 263 -31.85 -9.12 -3.55
N TYR D 264 -32.39 -7.98 -3.13
CA TYR D 264 -31.84 -7.30 -2.00
C TYR D 264 -33.00 -6.72 -1.23
N ASP D 265 -32.93 -6.85 0.09
CA ASP D 265 -33.90 -6.21 0.97
C ASP D 265 -33.29 -4.85 1.37
N ASN D 266 -33.76 -3.79 0.74
CA ASN D 266 -33.28 -2.41 0.97
C ASN D 266 -33.34 -2.03 2.40
N ARG D 267 -34.14 -2.72 3.21
CA ARG D 267 -34.19 -2.35 4.64
C ARG D 267 -32.88 -2.61 5.37
N GLU D 268 -32.04 -3.45 4.79
CA GLU D 268 -30.72 -3.73 5.34
C GLU D 268 -29.75 -2.60 5.16
N GLY D 269 -30.11 -1.61 4.33
CA GLY D 269 -29.30 -0.40 4.22
C GLY D 269 -28.39 -0.45 3.00
N ILE D 270 -27.59 0.59 2.84
CA ILE D 270 -26.58 0.63 1.80
C ILE D 270 -25.54 -0.43 2.15
N LEU D 271 -24.74 -0.86 1.19
CA LEU D 271 -23.74 -1.90 1.47
C LEU D 271 -22.41 -1.23 1.88
N LEU D 272 -22.46 -0.70 3.10
CA LEU D 272 -21.43 0.15 3.70
C LEU D 272 -20.03 -0.45 3.65
N GLU D 273 -19.92 -1.66 4.15
CA GLU D 273 -18.61 -2.29 4.40
C GLU D 273 -17.96 -2.61 3.08
N LYS D 274 -18.77 -2.83 2.07
CA LYS D 274 -18.26 -3.06 0.72
C LYS D 274 -17.61 -1.85 0.05
N VAL D 275 -18.07 -0.65 0.36
CA VAL D 275 -17.58 0.54 -0.32
C VAL D 275 -16.78 1.44 0.59
N LEU D 276 -16.58 1.01 1.84
CA LEU D 276 -15.95 1.83 2.88
C LEU D 276 -14.58 2.38 2.46
N HIS D 277 -13.81 1.59 1.74
CA HIS D 277 -12.47 2.01 1.30
C HIS D 277 -12.43 3.04 0.19
N ASN D 278 -13.58 3.37 -0.36
CA ASN D 278 -13.61 4.41 -1.39
C ASN D 278 -13.70 5.80 -0.73
N LEU D 279 -13.93 5.84 0.59
CA LEU D 279 -13.84 7.08 1.38
C LEU D 279 -12.41 7.56 1.44
N ASP D 280 -11.45 6.67 1.33
CA ASP D 280 -10.04 7.01 1.51
C ASP D 280 -9.43 7.76 0.33
N MSE D 281 -10.23 8.39 -0.51
N MSE D 281 -10.20 8.37 -0.57
CA MSE D 281 -9.76 9.06 -1.71
CA MSE D 281 -9.60 9.05 -1.71
C MSE D 281 -10.48 10.39 -1.86
C MSE D 281 -10.46 10.24 -2.16
O MSE D 281 -11.64 10.50 -1.49
O MSE D 281 -11.68 10.10 -2.25
CB MSE D 281 -10.08 8.22 -2.96
CB MSE D 281 -9.41 8.07 -2.88
CG MSE D 281 -11.57 7.82 -3.00
CG MSE D 281 -8.27 8.41 -3.83
SE MSE D 281 -12.34 7.34 -4.70
SE MSE D 281 -7.79 7.01 -5.09
CE MSE D 281 -14.26 7.54 -4.31
CE MSE D 281 -9.27 7.25 -6.34
N PRO D 282 -9.82 11.40 -2.46
CA PRO D 282 -10.58 12.62 -2.83
C PRO D 282 -11.51 12.45 -4.06
N ILE D 283 -12.51 13.31 -4.16
CA ILE D 283 -13.42 13.30 -5.28
C ILE D 283 -12.77 14.21 -6.26
N GLN D 284 -12.30 13.64 -7.37
CA GLN D 284 -11.52 14.36 -8.37
C GLN D 284 -12.43 15.03 -9.38
N MSE D 285 -13.73 14.80 -9.25
CA MSE D 285 -14.74 15.49 -10.03
C MSE D 285 -15.74 16.23 -9.11
O MSE D 285 -16.50 15.60 -8.38
CB MSE D 285 -15.45 14.49 -10.95
CG MSE D 285 -16.61 15.09 -11.78
SE MSE D 285 -16.07 16.46 -13.10
CE MSE D 285 -15.84 18.14 -12.03
N ALA D 286 -15.73 17.56 -9.17
CA ALA D 286 -16.71 18.40 -8.51
C ALA D 286 -18.09 18.25 -9.15
N SER D 287 -19.09 17.90 -8.36
CA SER D 287 -20.49 17.87 -8.80
C SER D 287 -21.33 19.04 -8.22
N TYR D 288 -20.82 19.73 -7.20
CA TYR D 288 -21.59 20.80 -6.54
C TYR D 288 -21.71 22.11 -7.34
N GLU D 289 -22.74 22.89 -7.09
CA GLU D 289 -22.86 24.21 -7.73
C GLU D 289 -23.35 25.25 -6.72
N LEU D 290 -22.91 26.48 -6.94
CA LEU D 290 -23.29 27.61 -6.14
C LEU D 290 -24.68 28.02 -6.63
N ILE D 291 -25.62 28.37 -5.73
CA ILE D 291 -26.97 28.83 -6.12
C ILE D 291 -27.34 30.13 -5.40
N MSE E 2 25.30 -9.97 -18.56
CA MSE E 2 23.97 -10.23 -17.95
C MSE E 2 23.36 -8.96 -17.27
O MSE E 2 24.06 -7.93 -17.16
CB MSE E 2 24.06 -11.38 -16.92
CG MSE E 2 24.40 -10.96 -15.45
SE MSE E 2 24.24 -12.41 -14.10
CE MSE E 2 23.79 -11.38 -12.48
N TYR E 3 22.09 -9.07 -16.86
CA TYR E 3 21.34 -8.03 -16.09
C TYR E 3 22.24 -7.31 -15.07
N ALA E 4 22.46 -6.01 -15.32
CA ALA E 4 22.82 -5.06 -14.25
C ALA E 4 21.80 -3.91 -14.29
N ASN E 5 21.31 -3.50 -13.11
CA ASN E 5 20.25 -2.46 -12.97
C ASN E 5 20.41 -1.60 -11.66
N LYS E 6 21.40 -0.67 -11.70
N LYS E 6 21.33 -0.62 -11.75
CA LYS E 6 21.99 -0.01 -10.48
CA LYS E 6 21.97 0.09 -10.59
C LYS E 6 21.19 1.23 -10.01
C LYS E 6 21.09 1.03 -9.74
N VAL E 7 21.71 1.98 -9.03
CA VAL E 7 21.02 3.17 -8.53
C VAL E 7 21.41 4.43 -9.37
N LYS E 8 20.44 5.01 -10.07
CA LYS E 8 20.64 6.21 -10.85
C LYS E 8 20.95 7.41 -10.00
N LYS E 9 21.77 8.30 -10.53
CA LYS E 9 22.24 9.45 -9.79
C LYS E 9 21.69 10.72 -10.41
N ILE E 10 21.27 11.63 -9.54
CA ILE E 10 20.75 12.93 -9.93
C ILE E 10 21.64 14.04 -9.35
N ALA E 11 22.18 14.92 -10.19
CA ALA E 11 22.81 16.10 -9.71
C ALA E 11 21.79 17.14 -9.36
N ALA E 12 21.80 17.56 -8.07
CA ALA E 12 20.75 18.46 -7.54
C ALA E 12 21.37 19.83 -7.33
N VAL E 13 21.04 20.81 -8.18
CA VAL E 13 21.64 22.14 -8.15
C VAL E 13 20.69 23.10 -7.44
N HIS E 14 20.70 23.02 -6.12
CA HIS E 14 19.79 23.77 -5.21
C HIS E 14 20.56 24.28 -3.97
N ASP E 15 19.96 25.22 -3.29
CA ASP E 15 20.58 25.71 -2.04
C ASP E 15 20.32 24.70 -0.93
N LEU E 16 21.13 24.80 0.13
CA LEU E 16 20.87 24.06 1.39
C LEU E 16 20.37 25.07 2.45
N SER E 17 19.11 24.92 2.88
CA SER E 17 18.52 25.76 3.86
C SER E 17 18.27 24.95 5.13
N GLY E 18 18.62 25.57 6.24
CA GLY E 18 18.55 24.90 7.52
C GLY E 18 17.14 24.62 8.03
N MSE E 19 16.24 25.59 7.94
CA MSE E 19 14.89 25.42 8.40
C MSE E 19 13.97 25.80 7.22
O MSE E 19 14.34 26.58 6.36
CB MSE E 19 14.60 26.29 9.65
CG MSE E 19 14.61 25.52 11.02
SE MSE E 19 12.99 24.36 10.98
CE MSE E 19 11.56 25.69 11.36
N GLY E 20 12.78 25.24 7.24
CA GLY E 20 11.84 25.38 6.17
C GLY E 20 11.99 24.14 5.34
N ARG E 21 11.01 23.84 4.49
CA ARG E 21 11.14 22.69 3.64
C ARG E 21 11.24 23.14 2.19
N VAL E 22 12.43 23.53 1.80
CA VAL E 22 12.72 23.98 0.47
C VAL E 22 13.96 23.23 -0.01
N SER E 23 14.20 23.40 -1.28
CA SER E 23 15.46 23.08 -1.94
C SER E 23 16.00 21.72 -1.47
N LEU E 24 17.29 21.64 -1.12
CA LEU E 24 17.93 20.29 -0.93
C LEU E 24 17.28 19.49 0.17
N THR E 25 16.72 20.15 1.18
CA THR E 25 16.13 19.39 2.27
C THR E 25 14.78 18.83 1.90
N VAL E 26 14.29 19.10 0.68
CA VAL E 26 13.09 18.45 0.09
C VAL E 26 13.48 17.52 -1.06
N VAL E 27 14.43 17.94 -1.91
CA VAL E 27 14.87 17.15 -3.08
C VAL E 27 15.49 15.85 -2.60
N ILE E 28 16.38 15.94 -1.60
CA ILE E 28 17.08 14.76 -1.11
C ILE E 28 16.14 13.70 -0.54
N PRO E 29 15.27 14.03 0.42
CA PRO E 29 14.40 12.97 0.93
C PRO E 29 13.43 12.40 -0.09
N ILE E 30 12.85 13.27 -0.92
CA ILE E 30 11.89 12.79 -1.90
C ILE E 30 12.52 11.84 -2.93
N LEU E 31 13.58 12.28 -3.61
CA LEU E 31 14.20 11.46 -4.66
C LEU E 31 14.90 10.21 -4.06
N SER E 32 15.44 10.33 -2.84
CA SER E 32 16.05 9.18 -2.20
C SER E 32 14.97 8.12 -1.95
N SER E 33 13.83 8.56 -1.45
N SER E 33 13.83 8.55 -1.44
CA SER E 33 12.71 7.65 -1.18
CA SER E 33 12.74 7.61 -1.16
C SER E 33 12.17 7.02 -2.46
C SER E 33 12.14 7.03 -2.45
N MSE E 34 12.30 7.73 -3.57
CA MSE E 34 11.88 7.17 -4.86
C MSE E 34 12.94 6.29 -5.52
O MSE E 34 12.75 5.89 -6.62
CB MSE E 34 11.42 8.28 -5.81
CG MSE E 34 10.19 9.02 -5.26
SE MSE E 34 9.59 10.44 -6.35
CE MSE E 34 8.44 9.34 -7.46
N GLY E 35 14.06 6.03 -4.85
CA GLY E 35 15.07 5.04 -5.35
C GLY E 35 16.28 5.67 -6.06
N PHE E 36 16.48 6.98 -5.95
CA PHE E 36 17.58 7.70 -6.61
C PHE E 36 18.61 8.29 -5.65
N GLN E 37 19.88 8.25 -6.04
CA GLN E 37 20.95 8.92 -5.31
C GLN E 37 20.97 10.39 -5.66
N VAL E 38 20.85 11.27 -4.67
CA VAL E 38 20.90 12.68 -4.92
C VAL E 38 22.31 13.15 -4.52
N CYS E 39 23.00 13.75 -5.48
CA CYS E 39 24.34 14.31 -5.33
C CYS E 39 24.21 15.83 -5.41
N PRO E 40 24.31 16.49 -4.28
CA PRO E 40 24.11 17.93 -4.31
C PRO E 40 25.32 18.70 -4.82
N LEU E 41 25.00 19.67 -5.70
CA LEU E 41 25.82 20.80 -6.07
C LEU E 41 25.21 22.03 -5.44
N PRO E 42 25.58 22.37 -4.18
CA PRO E 42 24.85 23.42 -3.41
C PRO E 42 25.08 24.82 -3.95
N THR E 43 24.04 25.62 -4.07
CA THR E 43 24.12 26.92 -4.70
C THR E 43 24.38 28.08 -3.70
N ALA E 44 24.06 27.82 -2.44
CA ALA E 44 24.04 28.77 -1.37
C ALA E 44 23.77 27.95 -0.10
N VAL E 45 24.19 28.48 1.04
CA VAL E 45 23.85 27.97 2.36
C VAL E 45 23.08 29.06 3.10
N LEU E 46 21.89 28.73 3.56
CA LEU E 46 21.04 29.63 4.29
C LEU E 46 20.57 29.01 5.61
N SER E 47 20.33 29.85 6.61
CA SER E 47 19.72 29.40 7.89
C SER E 47 18.30 28.84 7.64
N ASN E 48 17.61 29.36 6.63
CA ASN E 48 16.20 29.12 6.44
C ASN E 48 15.77 29.79 5.15
N HIS E 49 14.60 29.43 4.66
CA HIS E 49 14.16 30.00 3.41
C HIS E 49 13.89 31.50 3.59
N THR E 50 13.77 32.16 2.46
CA THR E 50 13.76 33.65 2.42
C THR E 50 12.38 34.26 2.58
N GLN E 51 11.37 33.45 2.85
CA GLN E 51 10.06 33.98 3.10
C GLN E 51 9.85 34.10 4.61
N TYR E 52 10.77 33.63 5.40
CA TYR E 52 10.81 34.03 6.78
C TYR E 52 11.19 35.58 6.90
N PRO E 53 11.07 36.18 8.08
CA PRO E 53 11.39 37.60 8.24
C PRO E 53 12.86 37.98 7.95
N GLY E 54 13.75 37.00 8.02
CA GLY E 54 15.15 37.19 7.67
C GLY E 54 15.81 35.83 7.50
N PHE E 55 17.09 35.87 7.16
CA PHE E 55 17.87 34.66 6.88
C PHE E 55 19.36 35.03 6.83
N SER E 56 20.21 34.06 7.15
CA SER E 56 21.65 34.15 6.82
C SER E 56 21.79 33.58 5.40
N PHE E 57 22.80 34.04 4.68
CA PHE E 57 23.01 33.69 3.32
C PHE E 57 24.46 33.62 3.00
N LEU E 58 24.95 32.48 2.53
CA LEU E 58 26.33 32.36 2.03
C LEU E 58 26.24 31.93 0.57
N ASP E 59 26.71 32.80 -0.33
CA ASP E 59 26.72 32.52 -1.77
C ASP E 59 27.84 31.53 -2.11
N LEU E 60 27.49 30.42 -2.76
CA LEU E 60 28.50 29.42 -3.11
C LEU E 60 28.98 29.46 -4.55
N THR E 61 28.71 30.58 -5.22
CA THR E 61 29.15 30.75 -6.61
C THR E 61 30.64 30.39 -6.85
N ASP E 62 31.50 30.83 -5.95
CA ASP E 62 32.92 30.62 -6.15
C ASP E 62 33.31 29.16 -5.84
N GLU E 63 32.53 28.46 -5.02
CA GLU E 63 32.84 27.05 -4.71
C GLU E 63 32.39 26.07 -5.82
N MSE E 64 31.35 26.42 -6.58
N MSE E 64 31.31 26.41 -6.52
CA MSE E 64 30.71 25.45 -7.47
CA MSE E 64 30.68 25.53 -7.53
C MSE E 64 31.67 24.95 -8.57
C MSE E 64 31.69 24.96 -8.51
O MSE E 64 31.68 23.75 -8.86
O MSE E 64 31.75 23.74 -8.68
CB MSE E 64 29.42 26.05 -8.06
CB MSE E 64 29.60 26.29 -8.31
CG MSE E 64 28.27 26.17 -7.05
CG MSE E 64 28.20 25.76 -8.15
SE MSE E 64 26.76 27.21 -7.69
SE MSE E 64 27.01 26.34 -9.60
CE MSE E 64 25.87 25.71 -8.54
CE MSE E 64 25.38 26.44 -8.54
N PRO E 65 32.48 25.82 -9.16
CA PRO E 65 33.45 25.31 -10.11
C PRO E 65 34.46 24.35 -9.47
N LYS E 66 34.77 24.53 -8.19
CA LYS E 66 35.75 23.69 -7.51
C LYS E 66 35.16 22.28 -7.34
N ILE E 67 33.86 22.23 -7.04
CA ILE E 67 33.15 20.96 -6.91
C ILE E 67 33.08 20.23 -8.27
N ILE E 68 32.64 20.98 -9.29
CA ILE E 68 32.51 20.47 -10.65
C ILE E 68 33.84 19.90 -11.17
N ALA E 69 34.93 20.65 -10.97
CA ALA E 69 36.26 20.16 -11.36
C ALA E 69 36.58 18.82 -10.64
N GLU E 70 36.19 18.67 -9.39
CA GLU E 70 36.47 17.39 -8.73
C GLU E 70 35.60 16.29 -9.29
N TRP E 71 34.34 16.62 -9.56
CA TRP E 71 33.47 15.62 -10.17
C TRP E 71 34.00 15.15 -11.56
N LYS E 72 34.60 16.04 -12.33
CA LYS E 72 35.17 15.62 -13.59
C LYS E 72 36.32 14.65 -13.35
N LYS E 73 37.17 14.97 -12.38
CA LYS E 73 38.28 14.10 -12.02
C LYS E 73 37.82 12.71 -11.57
N LEU E 74 36.68 12.64 -10.88
CA LEU E 74 36.12 11.37 -10.44
C LEU E 74 35.51 10.56 -11.56
N GLU E 75 35.27 11.19 -12.70
CA GLU E 75 34.58 10.58 -13.83
C GLU E 75 33.15 10.23 -13.49
N VAL E 76 32.47 11.06 -12.69
CA VAL E 76 31.12 10.71 -12.25
C VAL E 76 30.19 11.02 -13.39
N GLN E 77 29.18 10.18 -13.58
CA GLN E 77 28.20 10.41 -14.62
C GLN E 77 26.84 10.52 -13.95
N PHE E 78 26.02 11.46 -14.36
CA PHE E 78 24.71 11.63 -13.76
C PHE E 78 23.63 11.22 -14.75
N ASP E 79 22.57 10.56 -14.25
CA ASP E 79 21.42 10.24 -15.05
C ASP E 79 20.46 11.35 -15.25
N ALA E 80 20.47 12.31 -14.32
CA ALA E 80 19.65 13.48 -14.40
C ALA E 80 20.36 14.65 -13.74
N ILE E 81 19.99 15.87 -14.16
CA ILE E 81 20.43 17.12 -13.52
C ILE E 81 19.15 17.91 -13.25
N TYR E 82 18.99 18.31 -11.99
CA TYR E 82 17.80 18.98 -11.50
C TYR E 82 18.22 20.26 -10.74
N THR E 83 17.84 21.41 -11.32
CA THR E 83 18.24 22.73 -10.85
C THR E 83 17.00 23.43 -10.26
N GLY E 84 17.28 24.34 -9.33
CA GLY E 84 16.27 25.08 -8.62
C GLY E 84 16.84 26.42 -8.25
N TYR E 85 16.68 26.80 -6.98
CA TYR E 85 17.14 28.09 -6.48
C TYR E 85 18.64 28.20 -6.65
N LEU E 86 19.07 29.24 -7.34
CA LEU E 86 20.45 29.57 -7.58
C LEU E 86 20.85 30.78 -6.72
N GLY E 87 22.13 30.83 -6.38
CA GLY E 87 22.64 31.78 -5.43
C GLY E 87 23.05 33.11 -6.00
N SER E 88 23.29 33.20 -7.30
CA SER E 88 23.54 34.46 -7.94
C SER E 88 23.35 34.32 -9.44
N PRO E 89 23.16 35.43 -10.16
CA PRO E 89 23.04 35.38 -11.63
C PRO E 89 24.25 34.80 -12.34
N ARG E 90 25.42 34.84 -11.70
N ARG E 90 25.43 34.90 -11.74
CA ARG E 90 26.64 34.32 -12.33
CA ARG E 90 26.66 34.34 -12.34
C ARG E 90 26.61 32.80 -12.40
C ARG E 90 26.60 32.81 -12.40
N GLN E 91 25.79 32.19 -11.56
CA GLN E 91 25.68 30.75 -11.56
C GLN E 91 25.03 30.19 -12.81
N ILE E 92 24.22 30.96 -13.52
CA ILE E 92 23.51 30.35 -14.69
C ILE E 92 24.55 29.83 -15.72
N GLN E 93 25.61 30.60 -15.96
CA GLN E 93 26.66 30.18 -16.89
C GLN E 93 27.40 28.92 -16.39
N ILE E 94 27.75 28.92 -15.11
CA ILE E 94 28.34 27.77 -14.45
C ILE E 94 27.45 26.53 -14.65
N VAL E 95 26.18 26.70 -14.37
CA VAL E 95 25.25 25.60 -14.43
C VAL E 95 24.98 25.13 -15.89
N SER E 96 24.92 26.07 -16.81
N SER E 96 24.91 26.09 -16.80
CA SER E 96 24.76 25.76 -18.20
CA SER E 96 24.77 25.81 -18.21
C SER E 96 25.96 24.97 -18.73
C SER E 96 25.95 24.99 -18.72
N ASP E 97 27.16 25.39 -18.36
CA ASP E 97 28.36 24.67 -18.73
C ASP E 97 28.38 23.26 -18.11
N PHE E 98 27.88 23.13 -16.86
CA PHE E 98 27.80 21.85 -16.14
C PHE E 98 26.85 20.91 -16.89
N ILE E 99 25.68 21.44 -17.29
CA ILE E 99 24.73 20.66 -18.06
C ILE E 99 25.35 20.25 -19.41
N LYS E 100 25.97 21.17 -20.13
CA LYS E 100 26.65 20.84 -21.39
C LYS E 100 27.66 19.67 -21.23
N ASP E 101 28.49 19.76 -20.21
CA ASP E 101 29.59 18.84 -20.02
C ASP E 101 29.19 17.51 -19.41
N PHE E 102 28.11 17.47 -18.65
CA PHE E 102 27.68 16.25 -18.00
C PHE E 102 26.43 15.59 -18.61
N ARG E 103 25.73 16.26 -19.51
CA ARG E 103 24.58 15.59 -20.14
C ARG E 103 25.08 14.42 -21.04
N GLN E 104 24.27 13.38 -21.04
CA GLN E 104 24.50 12.21 -21.88
C GLN E 104 23.27 12.10 -22.75
N PRO E 105 23.31 11.28 -23.79
CA PRO E 105 22.14 11.23 -24.67
C PRO E 105 20.86 10.84 -23.96
N ASP E 106 20.95 10.04 -22.92
CA ASP E 106 19.74 9.62 -22.22
C ASP E 106 19.46 10.38 -20.93
N SER E 107 20.20 11.45 -20.67
CA SER E 107 19.92 12.30 -19.50
C SER E 107 18.53 12.92 -19.46
N LEU E 108 18.05 13.17 -18.25
CA LEU E 108 16.92 14.05 -18.02
C LEU E 108 17.43 15.35 -17.38
N ILE E 109 17.16 16.49 -18.02
CA ILE E 109 17.50 17.79 -17.52
C ILE E 109 16.22 18.51 -17.09
N VAL E 110 16.10 18.72 -15.76
CA VAL E 110 15.00 19.37 -15.18
C VAL E 110 15.41 20.72 -14.58
N ALA E 111 14.74 21.82 -14.97
CA ALA E 111 15.00 23.13 -14.37
C ALA E 111 13.71 23.72 -13.78
N ASP E 112 13.66 23.84 -12.46
CA ASP E 112 12.66 24.67 -11.77
C ASP E 112 13.22 26.09 -11.82
N PRO E 113 12.58 26.97 -12.60
CA PRO E 113 13.09 28.35 -12.81
C PRO E 113 12.65 29.23 -11.63
N VAL E 114 13.32 28.97 -10.49
CA VAL E 114 12.99 29.55 -9.19
C VAL E 114 13.33 31.04 -9.21
N LEU E 115 12.28 31.84 -9.20
CA LEU E 115 12.42 33.30 -9.31
C LEU E 115 11.51 34.07 -8.31
N GLY E 116 10.32 33.55 -8.08
CA GLY E 116 9.40 34.22 -7.19
C GLY E 116 8.07 33.53 -7.05
N ASP E 117 7.12 34.24 -6.44
CA ASP E 117 5.75 33.75 -6.31
C ASP E 117 4.88 34.92 -5.82
N ASN E 118 3.56 34.75 -5.86
CA ASN E 118 2.63 35.81 -5.50
C ASN E 118 2.93 37.10 -6.21
N GLY E 119 3.36 37.00 -7.46
CA GLY E 119 3.61 38.16 -8.29
C GLY E 119 4.81 39.01 -7.96
N ARG E 120 5.72 38.51 -7.12
CA ARG E 120 6.89 39.22 -6.63
C ARG E 120 8.07 38.27 -6.86
N LEU E 121 9.27 38.82 -7.09
CA LEU E 121 10.52 38.08 -7.07
C LEU E 121 10.89 37.76 -5.63
N TYR E 122 11.55 36.64 -5.41
CA TYR E 122 12.06 36.31 -4.08
C TYR E 122 13.07 37.38 -3.57
N THR E 123 13.26 37.42 -2.25
CA THR E 123 14.14 38.45 -1.62
C THR E 123 15.53 38.46 -2.28
N ASN E 124 15.94 39.66 -2.66
CA ASN E 124 17.21 39.97 -3.29
C ASN E 124 17.33 39.52 -4.76
N PHE E 125 16.34 38.84 -5.33
CA PHE E 125 16.37 38.55 -6.76
C PHE E 125 16.02 39.83 -7.51
N ASP E 126 16.62 40.01 -8.69
CA ASP E 126 16.33 41.18 -9.53
C ASP E 126 16.26 40.73 -11.00
N MSE E 127 16.08 41.67 -11.89
CA MSE E 127 15.95 41.32 -13.30
C MSE E 127 17.16 40.58 -13.91
O MSE E 127 16.99 39.82 -14.87
CB MSE E 127 15.53 42.56 -14.10
CG MSE E 127 14.12 43.04 -13.73
SE MSE E 127 12.76 41.59 -13.99
CE MSE E 127 13.07 41.28 -15.89
N GLU E 128 18.34 40.76 -13.35
N GLU E 128 18.33 40.78 -13.32
CA GLU E 128 19.52 40.02 -13.82
CA GLU E 128 19.53 40.06 -13.77
C GLU E 128 19.33 38.53 -13.62
C GLU E 128 19.34 38.56 -13.60
N MSE E 129 18.73 38.13 -12.50
CA MSE E 129 18.44 36.71 -12.30
C MSE E 129 17.41 36.20 -13.33
O MSE E 129 17.57 35.12 -13.92
CB MSE E 129 17.91 36.47 -10.87
CG MSE E 129 17.69 34.99 -10.51
SE MSE E 129 19.33 33.90 -10.42
CE MSE E 129 20.01 34.54 -8.67
N VAL E 130 16.36 37.00 -13.58
CA VAL E 130 15.30 36.61 -14.54
C VAL E 130 15.90 36.43 -15.94
N LYS E 131 16.68 37.42 -16.34
CA LYS E 131 17.30 37.38 -17.70
C LYS E 131 18.17 36.15 -17.86
N GLU E 132 18.99 35.85 -16.86
CA GLU E 132 19.84 34.65 -16.99
C GLU E 132 19.01 33.36 -16.98
N MSE E 133 17.97 33.33 -16.16
CA MSE E 133 17.11 32.16 -16.08
C MSE E 133 16.43 31.80 -17.40
O MSE E 133 16.21 30.62 -17.72
CB MSE E 133 16.06 32.37 -14.97
CG MSE E 133 15.30 31.13 -14.67
SE MSE E 133 16.40 29.60 -13.97
CE MSE E 133 16.73 30.20 -12.05
N ARG E 134 16.07 32.83 -18.15
CA ARG E 134 15.57 32.67 -19.51
C ARG E 134 16.52 31.86 -20.37
N HIS E 135 17.82 32.09 -20.20
CA HIS E 135 18.82 31.29 -20.93
C HIS E 135 18.85 29.86 -20.41
N LEU E 136 18.80 29.71 -19.10
CA LEU E 136 19.01 28.39 -18.55
C LEU E 136 17.89 27.46 -18.97
N ILE E 137 16.65 27.95 -18.99
CA ILE E 137 15.55 27.03 -19.34
C ILE E 137 15.66 26.43 -20.78
N THR E 138 16.44 27.08 -21.67
CA THR E 138 16.61 26.59 -23.02
C THR E 138 17.36 25.29 -23.08
N LYS E 139 18.07 24.93 -22.02
CA LYS E 139 18.91 23.76 -21.92
C LYS E 139 18.20 22.61 -21.27
N ALA E 140 16.99 22.86 -20.77
CA ALA E 140 16.27 21.82 -20.08
C ALA E 140 15.29 21.03 -20.95
N ASP E 141 14.98 19.83 -20.50
CA ASP E 141 13.92 18.96 -21.05
C ASP E 141 12.55 19.18 -20.37
N VAL E 142 12.56 19.46 -19.08
CA VAL E 142 11.32 19.66 -18.29
C VAL E 142 11.55 20.97 -17.51
N ILE E 143 10.60 21.91 -17.56
CA ILE E 143 10.61 23.09 -16.66
C ILE E 143 9.27 23.23 -15.94
N THR E 144 9.30 23.77 -14.72
CA THR E 144 8.15 23.83 -13.85
C THR E 144 7.92 25.22 -13.23
N PRO E 145 7.81 26.24 -14.08
CA PRO E 145 7.51 27.53 -13.49
C PRO E 145 6.14 27.57 -12.81
N ASN E 146 6.09 28.32 -11.72
CA ASN E 146 4.81 28.82 -11.20
C ASN E 146 4.37 29.99 -12.10
N LEU E 147 3.14 30.47 -11.90
CA LEU E 147 2.59 31.46 -12.83
C LEU E 147 3.42 32.77 -12.79
N THR E 148 3.92 33.14 -11.61
CA THR E 148 4.72 34.34 -11.46
C THR E 148 5.98 34.17 -12.26
N GLU E 149 6.58 32.97 -12.17
CA GLU E 149 7.82 32.68 -12.92
C GLU E 149 7.59 32.67 -14.44
N LEU E 150 6.46 32.10 -14.88
CA LEU E 150 6.07 32.08 -16.25
C LEU E 150 6.11 33.49 -16.91
N PHE E 151 5.42 34.45 -16.28
CA PHE E 151 5.39 35.80 -16.81
C PHE E 151 6.75 36.49 -16.82
N TYR E 152 7.56 36.24 -15.80
CA TYR E 152 8.93 36.72 -15.82
C TYR E 152 9.71 36.11 -16.94
N LEU E 153 9.55 34.81 -17.16
CA LEU E 153 10.27 34.16 -18.23
C LEU E 153 9.84 34.70 -19.59
N LEU E 154 8.56 34.95 -19.76
CA LEU E 154 8.02 35.48 -21.02
C LEU E 154 8.25 36.99 -21.15
N ASP E 155 8.68 37.66 -20.09
CA ASP E 155 8.86 39.12 -20.10
C ASP E 155 7.55 39.81 -20.33
N GLU E 156 6.49 39.34 -19.67
CA GLU E 156 5.15 39.92 -19.74
C GLU E 156 4.70 40.25 -18.33
N PRO E 157 3.77 41.20 -18.19
CA PRO E 157 3.29 41.51 -16.84
C PRO E 157 2.46 40.36 -16.29
N TYR E 158 2.66 40.08 -15.00
CA TYR E 158 1.83 39.13 -14.26
C TYR E 158 0.37 39.43 -14.54
N LYS E 159 -0.43 38.41 -14.82
CA LYS E 159 -1.89 38.54 -14.76
C LYS E 159 -2.56 37.27 -14.25
N ALA E 160 -3.60 37.47 -13.44
CA ALA E 160 -4.22 36.35 -12.74
C ALA E 160 -5.23 35.59 -13.57
N ASP E 161 -5.90 36.21 -14.56
CA ASP E 161 -7.06 35.57 -15.26
C ASP E 161 -6.85 35.33 -16.76
N SER E 162 -5.93 34.47 -17.07
CA SER E 162 -5.72 34.03 -18.45
C SER E 162 -6.74 32.95 -18.85
N THR E 163 -7.15 32.95 -20.10
CA THR E 163 -8.00 31.87 -20.56
C THR E 163 -7.11 30.64 -20.78
N ASP E 164 -7.75 29.48 -20.89
CA ASP E 164 -7.04 28.28 -21.22
C ASP E 164 -6.34 28.37 -22.57
N GLU E 165 -6.89 29.09 -23.54
N GLU E 165 -6.92 29.08 -23.53
CA GLU E 165 -6.20 29.22 -24.82
CA GLU E 165 -6.28 29.24 -24.83
C GLU E 165 -4.92 30.00 -24.62
C GLU E 165 -4.98 30.05 -24.69
N GLU E 166 -4.99 31.03 -23.81
CA GLU E 166 -3.82 31.85 -23.50
C GLU E 166 -2.73 31.04 -22.79
N LEU E 167 -3.12 30.18 -21.88
CA LEU E 167 -2.16 29.35 -21.16
C LEU E 167 -1.51 28.33 -22.11
N LYS E 168 -2.28 27.78 -23.03
CA LYS E 168 -1.70 26.88 -24.01
C LYS E 168 -0.65 27.58 -24.89
N GLU E 169 -0.91 28.83 -25.20
CA GLU E 169 0.02 29.63 -26.00
C GLU E 169 1.30 29.89 -25.19
N TYR E 170 1.18 30.17 -23.89
CA TYR E 170 2.38 30.34 -23.05
C TYR E 170 3.23 29.07 -23.01
N LEU E 171 2.54 27.95 -22.98
CA LEU E 171 3.19 26.65 -22.97
C LEU E 171 4.01 26.43 -24.26
N ARG E 172 3.41 26.72 -25.42
CA ARG E 172 4.14 26.63 -26.68
C ARG E 172 5.30 27.59 -26.72
N LEU E 173 5.08 28.83 -26.34
CA LEU E 173 6.12 29.84 -26.38
C LEU E 173 7.37 29.36 -25.63
N LEU E 174 7.20 28.87 -24.42
CA LEU E 174 8.35 28.36 -23.69
C LEU E 174 8.89 27.01 -24.25
N SER E 175 8.02 26.09 -24.64
CA SER E 175 8.47 24.77 -25.05
C SER E 175 9.31 24.88 -26.32
N ASP E 176 8.87 25.76 -27.21
CA ASP E 176 9.57 25.93 -28.50
C ASP E 176 10.96 26.48 -28.29
N LYS E 177 11.22 27.14 -27.17
CA LYS E 177 12.59 27.65 -26.84
C LYS E 177 13.53 26.58 -26.29
N GLY E 178 12.97 25.42 -25.96
CA GLY E 178 13.80 24.27 -25.59
C GLY E 178 13.08 23.08 -25.01
N PRO E 179 12.42 23.27 -23.86
CA PRO E 179 11.92 22.15 -23.08
C PRO E 179 10.78 21.38 -23.76
N GLN E 180 11.01 20.11 -24.02
CA GLN E 180 9.98 19.21 -24.49
C GLN E 180 8.72 19.28 -23.61
N VAL E 181 8.91 19.37 -22.29
CA VAL E 181 7.83 19.39 -21.29
C VAL E 181 7.85 20.71 -20.53
N VAL E 182 6.73 21.43 -20.55
CA VAL E 182 6.59 22.65 -19.77
C VAL E 182 5.39 22.42 -18.89
N ILE E 183 5.55 22.73 -17.60
CA ILE E 183 4.49 22.59 -16.58
C ILE E 183 4.34 23.93 -15.88
N ILE E 184 3.13 24.49 -15.87
CA ILE E 184 2.92 25.79 -15.21
C ILE E 184 2.08 25.47 -14.01
N THR E 185 2.59 25.80 -12.82
CA THR E 185 1.83 25.56 -11.56
C THR E 185 1.22 26.86 -11.02
N SER E 186 0.39 26.72 -9.95
CA SER E 186 -0.15 27.83 -9.18
C SER E 186 -1.01 28.77 -10.00
N VAL E 187 -1.76 28.21 -10.94
CA VAL E 187 -2.62 29.02 -11.76
C VAL E 187 -4.01 29.19 -11.06
N PRO E 188 -4.43 30.42 -10.84
CA PRO E 188 -5.70 30.65 -10.14
C PRO E 188 -6.87 30.04 -10.88
N VAL E 189 -7.89 29.69 -10.11
CA VAL E 189 -9.07 29.06 -10.66
C VAL E 189 -10.21 30.08 -10.53
N HIS E 190 -10.84 30.43 -11.66
CA HIS E 190 -11.98 31.40 -11.70
C HIS E 190 -13.06 31.00 -10.67
N ASP E 191 -13.36 31.92 -9.74
CA ASP E 191 -14.47 31.70 -8.81
C ASP E 191 -14.14 30.67 -7.70
N GLU E 192 -12.91 30.13 -7.70
CA GLU E 192 -12.52 29.17 -6.68
C GLU E 192 -11.22 29.65 -6.01
N PRO E 193 -11.37 30.56 -5.04
CA PRO E 193 -10.18 31.18 -4.47
C PRO E 193 -9.33 30.25 -3.61
N HIS E 194 -9.81 29.06 -3.24
CA HIS E 194 -8.99 28.16 -2.42
C HIS E 194 -8.47 26.99 -3.22
N LYS E 195 -8.56 27.08 -4.55
CA LYS E 195 -8.04 26.08 -5.44
C LYS E 195 -6.89 26.67 -6.31
N THR E 196 -6.16 25.77 -6.93
CA THR E 196 -5.05 26.07 -7.82
C THR E 196 -5.19 25.09 -8.99
N SER E 197 -4.42 25.34 -10.04
N SER E 197 -4.47 25.35 -10.07
CA SER E 197 -4.43 24.53 -11.24
CA SER E 197 -4.44 24.46 -11.21
C SER E 197 -3.02 24.40 -11.78
C SER E 197 -3.05 24.41 -11.81
N VAL E 198 -2.79 23.31 -12.50
CA VAL E 198 -1.53 23.06 -13.16
C VAL E 198 -1.86 22.78 -14.63
N TYR E 199 -1.03 23.33 -15.51
CA TYR E 199 -1.15 23.16 -16.97
C TYR E 199 0.17 22.62 -17.47
N ALA E 200 0.10 21.74 -18.47
CA ALA E 200 1.30 21.20 -19.01
C ALA E 200 1.17 20.92 -20.51
N TYR E 201 2.33 20.83 -21.15
CA TYR E 201 2.45 20.51 -22.52
C TYR E 201 3.59 19.51 -22.72
N ASN E 202 3.37 18.52 -23.59
CA ASN E 202 4.42 17.62 -24.05
C ASN E 202 4.58 17.63 -25.59
N ARG E 203 5.74 18.10 -26.06
CA ARG E 203 6.12 18.02 -27.47
C ARG E 203 6.07 16.59 -28.07
N GLN E 204 6.36 15.60 -27.25
N GLN E 204 6.43 15.59 -27.26
CA GLN E 204 6.31 14.21 -27.68
CA GLN E 204 6.27 14.19 -27.66
C GLN E 204 4.89 13.67 -27.50
C GLN E 204 4.83 13.81 -27.46
N GLY E 205 4.09 13.82 -28.55
CA GLY E 205 2.66 13.50 -28.54
C GLY E 205 1.77 14.72 -28.71
N ASN E 206 2.33 15.92 -28.51
CA ASN E 206 1.60 17.18 -28.65
C ASN E 206 0.38 17.32 -27.73
N ARG E 207 0.46 16.84 -26.48
CA ARG E 207 -0.69 16.81 -25.60
C ARG E 207 -0.62 17.94 -24.57
N TYR E 208 -1.77 18.54 -24.30
CA TYR E 208 -1.93 19.59 -23.32
C TYR E 208 -2.76 19.01 -22.15
N TRP E 209 -2.31 19.28 -20.94
CA TRP E 209 -2.92 18.77 -19.72
C TRP E 209 -3.30 19.82 -18.74
N LYS E 210 -4.30 19.50 -17.94
CA LYS E 210 -4.72 20.36 -16.85
C LYS E 210 -5.09 19.51 -15.65
N VAL E 211 -4.79 20.04 -14.48
CA VAL E 211 -5.25 19.46 -13.21
C VAL E 211 -5.64 20.58 -12.26
N THR E 212 -6.73 20.35 -11.55
CA THR E 212 -7.25 21.31 -10.60
C THR E 212 -7.13 20.71 -9.25
N CYS E 213 -6.62 21.46 -8.29
CA CYS E 213 -6.31 20.93 -6.94
C CYS E 213 -6.88 21.83 -5.87
N PRO E 214 -7.45 21.25 -4.79
CA PRO E 214 -8.06 22.07 -3.78
C PRO E 214 -7.04 22.40 -2.70
N TYR E 215 -6.00 23.10 -3.11
CA TYR E 215 -5.03 23.62 -2.19
C TYR E 215 -4.38 24.88 -2.80
N LEU E 216 -3.68 25.64 -1.95
CA LEU E 216 -3.03 26.87 -2.32
C LEU E 216 -1.52 26.73 -2.04
N PRO E 217 -0.75 26.29 -3.05
CA PRO E 217 0.67 25.94 -2.77
C PRO E 217 1.49 27.12 -2.23
N ALA E 218 1.14 28.35 -2.62
CA ALA E 218 1.88 29.53 -2.21
C ALA E 218 1.80 29.77 -0.70
N HIS E 219 0.80 29.21 0.00
CA HIS E 219 0.76 29.28 1.47
C HIS E 219 1.85 28.46 2.18
N TYR E 220 2.48 27.56 1.45
CA TYR E 220 3.48 26.64 2.00
C TYR E 220 4.78 26.75 1.25
N PRO E 221 5.69 27.62 1.71
CA PRO E 221 6.97 27.75 1.01
C PRO E 221 7.65 26.44 0.72
N GLY E 222 8.22 26.36 -0.50
CA GLY E 222 8.87 25.16 -0.94
C GLY E 222 8.02 24.12 -1.65
N THR E 223 6.72 24.36 -1.80
N THR E 223 6.70 24.35 -1.78
CA THR E 223 5.87 23.38 -2.47
CA THR E 223 5.86 23.37 -2.51
C THR E 223 6.26 23.15 -3.97
C THR E 223 6.36 23.11 -3.95
N GLY E 224 6.89 24.15 -4.58
CA GLY E 224 7.45 24.00 -5.95
C GLY E 224 8.60 22.98 -6.00
N ASP E 225 9.46 22.97 -4.97
CA ASP E 225 10.53 21.99 -4.88
C ASP E 225 9.98 20.59 -4.65
N THR E 226 8.95 20.47 -3.83
CA THR E 226 8.29 19.19 -3.62
C THR E 226 7.67 18.71 -4.92
N PHE E 227 6.99 19.62 -5.61
CA PHE E 227 6.34 19.34 -6.87
C PHE E 227 7.31 18.81 -7.90
N THR E 228 8.41 19.52 -8.04
CA THR E 228 9.32 19.23 -9.15
C THR E 228 10.13 17.97 -8.82
N SER E 229 10.42 17.76 -7.53
CA SER E 229 11.04 16.54 -7.10
C SER E 229 10.23 15.30 -7.43
N VAL E 230 8.90 15.35 -7.17
CA VAL E 230 8.05 14.23 -7.52
C VAL E 230 7.93 14.00 -9.04
N ILE E 231 7.78 15.10 -9.80
CA ILE E 231 7.78 15.05 -11.26
C ILE E 231 9.05 14.37 -11.71
N THR E 232 10.19 14.82 -11.19
CA THR E 232 11.47 14.29 -11.60
C THR E 232 11.60 12.79 -11.32
N GLY E 233 11.27 12.37 -10.10
CA GLY E 233 11.36 10.94 -9.79
C GLY E 233 10.38 10.08 -10.56
N SER E 234 9.19 10.60 -10.77
N SER E 234 9.18 10.61 -10.76
CA SER E 234 8.14 9.83 -11.51
CA SER E 234 8.12 9.91 -11.51
C SER E 234 8.58 9.57 -12.96
C SER E 234 8.59 9.59 -12.93
N LEU E 235 9.05 10.63 -13.63
CA LEU E 235 9.55 10.50 -14.97
C LEU E 235 10.76 9.56 -15.02
N MSE E 236 11.64 9.63 -14.03
N MSE E 236 11.64 9.65 -14.03
CA MSE E 236 12.83 8.78 -14.05
CA MSE E 236 12.82 8.81 -14.03
C MSE E 236 12.46 7.33 -13.78
C MSE E 236 12.40 7.35 -13.87
O MSE E 236 13.20 6.44 -14.13
O MSE E 236 13.04 6.48 -14.46
CB MSE E 236 13.86 9.25 -13.04
CB MSE E 236 13.81 9.20 -12.93
CG MSE E 236 14.41 10.61 -13.41
CG MSE E 236 14.53 10.50 -13.24
SE MSE E 236 15.82 11.15 -12.21
SE MSE E 236 15.83 10.29 -14.68
CE MSE E 236 17.19 9.93 -12.77
CE MSE E 236 17.14 9.20 -13.70
N GLN E 237 11.32 7.10 -13.14
CA GLN E 237 10.77 5.73 -12.97
C GLN E 237 10.06 5.22 -14.18
N GLY E 238 9.93 6.05 -15.20
CA GLY E 238 9.33 5.70 -16.45
C GLY E 238 7.83 6.05 -16.53
N ASP E 239 7.30 6.77 -15.55
CA ASP E 239 5.90 7.18 -15.61
C ASP E 239 5.70 8.18 -16.75
N SER E 240 4.48 8.21 -17.26
CA SER E 240 4.09 9.21 -18.27
C SER E 240 3.88 10.56 -17.60
N LEU E 241 3.85 11.62 -18.41
CA LEU E 241 3.58 12.97 -17.87
C LEU E 241 2.25 13.08 -17.05
N PRO E 242 1.11 12.59 -17.55
CA PRO E 242 -0.06 12.72 -16.73
C PRO E 242 0.04 11.93 -15.41
N MSE E 243 0.69 10.78 -15.40
N MSE E 243 0.67 10.76 -15.44
CA MSE E 243 0.90 10.06 -14.13
CA MSE E 243 0.96 10.02 -14.20
C MSE E 243 1.82 10.85 -13.21
C MSE E 243 1.74 10.94 -13.27
O MSE E 243 1.61 10.87 -11.98
O MSE E 243 1.31 11.18 -12.13
CB MSE E 243 1.45 8.65 -14.37
CB MSE E 243 1.76 8.71 -14.45
CG MSE E 243 1.86 7.95 -13.09
CG MSE E 243 1.03 7.62 -15.25
SE MSE E 243 0.29 7.58 -11.93
SE MSE E 243 2.10 6.11 -15.88
CE MSE E 243 0.92 6.02 -10.84
CE MSE E 243 2.38 5.20 -14.16
N ALA E 244 2.85 11.51 -13.76
CA ALA E 244 3.68 12.35 -12.93
C ALA E 244 2.93 13.53 -12.29
N LEU E 245 2.11 14.22 -13.08
CA LEU E 245 1.25 15.32 -12.60
C LEU E 245 0.32 14.85 -11.46
N ASP E 246 -0.26 13.67 -11.64
CA ASP E 246 -1.21 13.09 -10.66
C ASP E 246 -0.43 12.80 -9.34
N ARG E 247 0.73 12.18 -9.45
CA ARG E 247 1.49 11.84 -8.28
C ARG E 247 1.94 13.08 -7.55
N ALA E 248 2.49 14.04 -8.26
CA ALA E 248 2.98 15.27 -7.63
C ALA E 248 1.82 16.03 -6.92
N THR E 249 0.71 16.25 -7.61
CA THR E 249 -0.40 16.99 -6.99
C THR E 249 -1.02 16.23 -5.80
N GLN E 250 -1.15 14.92 -5.89
N GLN E 250 -1.20 14.91 -5.92
CA GLN E 250 -1.70 14.15 -4.80
CA GLN E 250 -1.73 14.12 -4.82
C GLN E 250 -0.78 14.05 -3.58
C GLN E 250 -0.80 14.08 -3.59
N PHE E 251 0.51 14.01 -3.84
CA PHE E 251 1.49 14.10 -2.77
C PHE E 251 1.38 15.45 -2.04
N ILE E 252 1.36 16.55 -2.78
CA ILE E 252 1.24 17.86 -2.15
C ILE E 252 -0.10 18.03 -1.38
N LEU E 253 -1.21 17.57 -1.97
CA LEU E 253 -2.50 17.59 -1.31
C LEU E 253 -2.40 16.91 0.05
N GLN E 254 -1.86 15.70 0.05
CA GLN E 254 -1.71 14.95 1.30
C GLN E 254 -0.85 15.67 2.30
N GLY E 255 0.27 16.19 1.83
CA GLY E 255 1.17 16.93 2.69
C GLY E 255 0.57 18.18 3.32
N ILE E 256 -0.33 18.84 2.58
CA ILE E 256 -1.04 20.01 3.09
C ILE E 256 -2.16 19.57 4.05
N ARG E 257 -2.93 18.56 3.67
CA ARG E 257 -4.02 18.12 4.55
C ARG E 257 -3.55 17.58 5.88
N ALA E 258 -2.33 17.02 5.91
CA ALA E 258 -1.69 16.56 7.12
C ALA E 258 -1.42 17.71 8.12
N THR E 259 -1.41 18.96 7.64
CA THR E 259 -1.22 20.09 8.55
C THR E 259 -2.53 20.60 9.17
N PHE E 260 -3.68 20.08 8.74
N PHE E 260 -3.66 20.08 8.74
CA PHE E 260 -4.94 20.63 9.17
CA PHE E 260 -4.95 20.61 9.14
C PHE E 260 -5.30 20.09 10.56
C PHE E 260 -5.41 20.04 10.49
N GLY E 261 -6.12 20.86 11.27
CA GLY E 261 -6.77 20.42 12.52
C GLY E 261 -6.20 21.01 13.79
N TYR E 262 -5.00 21.62 13.68
CA TYR E 262 -4.35 22.20 14.85
C TYR E 262 -3.63 23.45 14.38
N GLU E 263 -3.16 24.23 15.35
CA GLU E 263 -2.29 25.39 15.09
C GLU E 263 -1.09 24.92 14.28
N TYR E 264 -0.86 25.53 13.12
CA TYR E 264 0.30 25.16 12.31
C TYR E 264 1.01 26.37 11.73
N ASP E 265 2.33 26.36 11.75
CA ASP E 265 3.10 27.46 11.15
C ASP E 265 3.39 27.08 9.71
N ASN E 266 2.57 27.61 8.81
CA ASN E 266 2.62 27.23 7.39
C ASN E 266 4.01 27.54 6.80
N ARG E 267 4.77 28.46 7.40
CA ARG E 267 6.11 28.77 6.87
C ARG E 267 7.01 27.54 6.85
N GLU E 268 6.70 26.55 7.69
CA GLU E 268 7.49 25.33 7.75
C GLU E 268 7.29 24.36 6.60
N GLY E 269 6.31 24.64 5.73
CA GLY E 269 6.04 23.82 4.55
C GLY E 269 5.02 22.73 4.84
N ILE E 270 4.85 21.85 3.88
CA ILE E 270 3.94 20.72 3.97
C ILE E 270 4.59 19.73 4.95
N LEU E 271 3.80 18.81 5.51
CA LEU E 271 4.34 17.88 6.49
C LEU E 271 4.95 16.70 5.74
N LEU E 272 6.07 16.97 5.09
CA LEU E 272 6.72 16.01 4.22
C LEU E 272 6.87 14.60 4.80
N GLU E 273 7.44 14.50 5.99
CA GLU E 273 7.79 13.19 6.59
C GLU E 273 6.64 12.31 6.98
N LYS E 274 5.51 12.93 7.27
CA LYS E 274 4.28 12.23 7.48
C LYS E 274 3.70 11.61 6.21
N VAL E 275 3.99 12.14 5.01
CA VAL E 275 3.38 11.56 3.83
C VAL E 275 4.42 10.93 2.91
N LEU E 276 5.70 11.00 3.28
CA LEU E 276 6.74 10.50 2.39
C LEU E 276 6.46 9.07 1.96
N HIS E 277 5.93 8.25 2.85
CA HIS E 277 5.66 6.90 2.48
C HIS E 277 4.46 6.70 1.56
N ASN E 278 3.68 7.74 1.27
CA ASN E 278 2.57 7.62 0.30
C ASN E 278 3.01 7.54 -1.15
N LEU E 279 4.27 7.88 -1.45
CA LEU E 279 4.77 7.97 -2.80
C LEU E 279 4.65 6.69 -3.54
N ASP E 280 4.70 5.57 -2.85
CA ASP E 280 4.60 4.32 -3.57
C ASP E 280 3.19 3.69 -3.56
N MSE E 281 2.19 4.43 -3.08
N MSE E 281 2.18 4.41 -3.08
CA MSE E 281 0.80 3.98 -3.11
CA MSE E 281 0.82 3.89 -3.08
C MSE E 281 0.22 4.11 -4.53
C MSE E 281 0.12 4.22 -4.41
O MSE E 281 0.78 4.82 -5.35
O MSE E 281 0.51 5.18 -5.08
CB MSE E 281 -0.07 4.84 -2.18
CB MSE E 281 0.07 4.49 -1.90
CG MSE E 281 0.29 4.78 -0.73
CG MSE E 281 0.66 4.08 -0.55
SE MSE E 281 -0.99 5.79 0.34
SE MSE E 281 0.34 2.19 -0.08
CE MSE E 281 -1.48 7.22 -0.91
CE MSE E 281 1.36 1.24 -1.48
N PRO E 282 -0.91 3.43 -4.80
CA PRO E 282 -1.64 3.71 -6.06
C PRO E 282 -2.24 5.11 -6.01
N ILE E 283 -2.08 5.89 -7.07
CA ILE E 283 -2.64 7.24 -7.04
C ILE E 283 -3.78 7.40 -8.05
N GLN E 284 -4.68 8.33 -7.70
CA GLN E 284 -5.92 8.55 -8.47
C GLN E 284 -5.53 9.40 -9.67
N MSE E 285 -6.15 9.13 -10.81
N MSE E 285 -6.07 9.15 -10.87
CA MSE E 285 -6.02 10.01 -11.95
CA MSE E 285 -5.70 10.01 -12.04
C MSE E 285 -6.70 11.35 -11.68
C MSE E 285 -6.59 11.30 -12.15
O MSE E 285 -7.86 11.40 -11.30
O MSE E 285 -7.74 11.25 -12.59
CB MSE E 285 -6.66 9.37 -13.16
CB MSE E 285 -5.56 9.23 -13.40
CG MSE E 285 -5.86 8.26 -13.77
CG MSE E 285 -4.14 8.50 -13.69
SE MSE E 285 -6.87 7.72 -15.31
SE MSE E 285 -3.18 8.74 -15.48
CE MSE E 285 -8.33 6.80 -14.39
CE MSE E 285 -1.37 8.21 -15.06
N ALA E 286 -5.96 12.43 -11.83
CA ALA E 286 -6.55 13.77 -11.70
C ALA E 286 -6.41 14.60 -13.00
N SER E 287 -5.27 14.50 -13.67
CA SER E 287 -5.00 15.34 -14.81
C SER E 287 -5.85 14.93 -16.01
N TYR E 288 -6.24 15.88 -16.85
CA TYR E 288 -6.98 15.58 -18.03
C TYR E 288 -6.53 16.41 -19.21
N GLU E 289 -6.85 15.95 -20.41
CA GLU E 289 -6.40 16.59 -21.63
C GLU E 289 -7.20 17.82 -21.95
N LEU E 290 -6.54 18.89 -22.37
CA LEU E 290 -7.22 19.98 -23.06
C LEU E 290 -7.15 19.68 -24.54
N ILE E 291 -8.31 19.58 -25.17
CA ILE E 291 -8.39 19.10 -26.55
C ILE E 291 -8.67 20.30 -27.45
N MSE F 2 -27.00 -17.29 -11.48
CA MSE F 2 -25.54 -16.94 -11.60
C MSE F 2 -24.90 -16.41 -10.29
O MSE F 2 -25.56 -16.18 -9.27
CB MSE F 2 -25.31 -15.92 -12.75
CG MSE F 2 -25.80 -14.47 -12.46
SE MSE F 2 -24.89 -13.02 -13.50
CE MSE F 2 -23.82 -12.10 -12.10
N TYR F 3 -23.59 -16.18 -10.38
CA TYR F 3 -22.72 -15.87 -9.24
C TYR F 3 -23.17 -14.69 -8.38
N ALA F 4 -22.96 -14.83 -7.07
CA ALA F 4 -23.09 -13.74 -6.09
C ALA F 4 -22.00 -13.90 -5.01
N ASN F 5 -21.59 -12.77 -4.44
CA ASN F 5 -20.52 -12.73 -3.43
C ASN F 5 -20.81 -11.60 -2.41
N LYS F 6 -21.74 -11.90 -1.46
CA LYS F 6 -22.37 -10.91 -0.52
C LYS F 6 -21.44 -10.36 0.58
N VAL F 7 -21.87 -9.33 1.32
CA VAL F 7 -21.22 -8.92 2.57
C VAL F 7 -21.58 -9.80 3.81
N LYS F 8 -20.60 -10.51 4.32
CA LYS F 8 -20.83 -11.43 5.43
C LYS F 8 -21.10 -10.73 6.76
N LYS F 9 -21.95 -11.34 7.56
CA LYS F 9 -22.42 -10.75 8.82
C LYS F 9 -21.84 -11.50 9.99
N ILE F 10 -21.36 -10.73 10.96
CA ILE F 10 -20.82 -11.26 12.20
C ILE F 10 -21.68 -10.75 13.33
N ALA F 11 -22.21 -11.66 14.13
CA ALA F 11 -22.89 -11.26 15.39
C ALA F 11 -21.83 -11.00 16.46
N ALA F 12 -21.80 -9.79 17.03
CA ALA F 12 -20.74 -9.42 17.97
C ALA F 12 -21.31 -9.29 19.40
N VAL F 13 -21.02 -10.28 20.23
CA VAL F 13 -21.55 -10.34 21.59
C VAL F 13 -20.50 -9.78 22.59
N HIS F 14 -20.54 -8.46 22.77
CA HIS F 14 -19.58 -7.68 23.53
C HIS F 14 -20.30 -6.47 24.14
N ASP F 15 -19.68 -5.87 25.13
CA ASP F 15 -20.27 -4.65 25.71
C ASP F 15 -20.03 -3.47 24.77
N LEU F 16 -20.77 -2.41 25.05
CA LEU F 16 -20.52 -1.10 24.49
C LEU F 16 -19.97 -0.18 25.60
N SER F 17 -18.71 0.26 25.44
CA SER F 17 -18.10 1.24 26.37
C SER F 17 -17.78 2.57 25.70
N GLY F 18 -18.10 3.67 26.34
CA GLY F 18 -17.92 5.00 25.76
C GLY F 18 -16.47 5.39 25.51
N MSE F 19 -15.64 5.27 26.51
CA MSE F 19 -14.27 5.69 26.42
C MSE F 19 -13.41 4.46 26.63
O MSE F 19 -13.89 3.45 27.11
CB MSE F 19 -14.01 6.75 27.47
CG MSE F 19 -13.97 8.15 26.91
SE MSE F 19 -12.40 8.26 25.73
CE MSE F 19 -10.92 8.17 27.07
N GLY F 20 -12.13 4.56 26.31
CA GLY F 20 -11.28 3.37 26.24
C GLY F 20 -11.52 2.76 24.89
N ARG F 21 -10.59 1.95 24.42
CA ARG F 21 -10.79 1.26 23.17
C ARG F 21 -10.88 -0.23 23.44
N VAL F 22 -12.08 -0.67 23.81
CA VAL F 22 -12.34 -2.09 24.07
C VAL F 22 -13.63 -2.50 23.37
N SER F 23 -13.87 -3.81 23.30
CA SER F 23 -15.16 -4.38 22.98
C SER F 23 -15.75 -3.80 21.68
N LEU F 24 -17.03 -3.43 21.66
CA LEU F 24 -17.67 -3.07 20.41
C LEU F 24 -17.00 -1.90 19.72
N THR F 25 -16.43 -0.94 20.49
CA THR F 25 -15.78 0.19 19.87
C THR F 25 -14.41 -0.17 19.23
N VAL F 26 -14.01 -1.41 19.36
CA VAL F 26 -12.84 -2.00 18.65
C VAL F 26 -13.28 -3.03 17.57
N VAL F 27 -14.23 -3.89 17.93
CA VAL F 27 -14.76 -4.93 17.04
C VAL F 27 -15.44 -4.32 15.83
N ILE F 28 -16.31 -3.33 16.05
CA ILE F 28 -16.99 -2.72 14.95
C ILE F 28 -15.98 -2.14 13.94
N PRO F 29 -15.11 -1.20 14.34
CA PRO F 29 -14.24 -0.59 13.32
C PRO F 29 -13.30 -1.56 12.61
N ILE F 30 -12.72 -2.50 13.36
CA ILE F 30 -11.74 -3.46 12.76
C ILE F 30 -12.42 -4.37 11.75
N LEU F 31 -13.52 -4.97 12.16
CA LEU F 31 -14.20 -5.89 11.24
C LEU F 31 -14.89 -5.22 10.07
N SER F 32 -15.54 -4.05 10.27
CA SER F 32 -16.08 -3.28 9.14
C SER F 32 -15.00 -2.93 8.12
N SER F 33 -13.81 -2.58 8.61
N SER F 33 -13.82 -2.54 8.62
CA SER F 33 -12.72 -2.16 7.75
CA SER F 33 -12.70 -2.14 7.77
C SER F 33 -12.18 -3.35 6.97
C SER F 33 -12.08 -3.34 7.03
N MSE F 34 -12.31 -4.54 7.54
CA MSE F 34 -11.94 -5.77 6.85
C MSE F 34 -13.07 -6.33 5.97
O MSE F 34 -12.94 -7.41 5.42
CB MSE F 34 -11.47 -6.81 7.86
CG MSE F 34 -10.22 -6.39 8.58
SE MSE F 34 -9.72 -7.66 9.92
CE MSE F 34 -8.90 -8.86 8.62
N GLY F 35 -14.17 -5.59 5.84
CA GLY F 35 -15.25 -5.91 4.90
C GLY F 35 -16.46 -6.68 5.41
N PHE F 36 -16.65 -6.76 6.73
CA PHE F 36 -17.71 -7.58 7.31
C PHE F 36 -18.69 -6.64 8.00
N GLN F 37 -19.98 -6.94 7.94
CA GLN F 37 -20.98 -6.24 8.73
C GLN F 37 -20.99 -6.80 10.14
N VAL F 38 -20.79 -5.91 11.11
CA VAL F 38 -20.86 -6.28 12.51
C VAL F 38 -22.25 -5.96 13.01
N CYS F 39 -22.87 -6.97 13.59
CA CYS F 39 -24.23 -6.86 14.14
C CYS F 39 -24.17 -7.02 15.65
N PRO F 40 -24.29 -5.93 16.38
CA PRO F 40 -23.98 -6.02 17.79
C PRO F 40 -25.12 -6.63 18.62
N LEU F 41 -24.76 -7.54 19.53
CA LEU F 41 -25.69 -8.06 20.57
C LEU F 41 -25.05 -7.58 21.86
N PRO F 42 -25.39 -6.35 22.27
CA PRO F 42 -24.63 -5.72 23.34
C PRO F 42 -24.87 -6.41 24.69
N THR F 43 -23.81 -6.54 25.49
CA THR F 43 -23.88 -7.30 26.75
C THR F 43 -24.06 -6.38 27.97
N ALA F 44 -23.64 -5.13 27.82
CA ALA F 44 -23.66 -4.14 28.87
C ALA F 44 -23.31 -2.82 28.22
N VAL F 45 -23.70 -1.72 28.87
CA VAL F 45 -23.30 -0.37 28.51
C VAL F 45 -22.50 0.22 29.69
N LEU F 46 -21.26 0.65 29.38
CA LEU F 46 -20.39 1.30 30.31
C LEU F 46 -19.92 2.70 29.84
N SER F 47 -19.68 3.61 30.78
CA SER F 47 -19.08 4.93 30.46
C SER F 47 -17.70 4.78 29.79
N ASN F 48 -17.00 3.75 30.23
CA ASN F 48 -15.62 3.48 29.86
C ASN F 48 -15.29 2.08 30.38
N HIS F 49 -14.12 1.57 29.98
CA HIS F 49 -13.72 0.22 30.40
C HIS F 49 -13.43 0.17 31.90
N THR F 50 -13.32 -1.03 32.42
CA THR F 50 -13.32 -1.19 33.85
C THR F 50 -11.93 -1.05 34.52
N GLN F 51 -10.88 -0.82 33.74
CA GLN F 51 -9.57 -0.55 34.31
C GLN F 51 -9.32 0.92 34.62
N TYR F 52 -10.30 1.79 34.35
CA TYR F 52 -10.33 3.12 34.95
C TYR F 52 -10.78 2.92 36.41
N PRO F 53 -10.48 3.88 37.28
CA PRO F 53 -10.86 3.71 38.68
C PRO F 53 -12.35 3.50 38.87
N GLY F 54 -13.15 4.18 38.07
CA GLY F 54 -14.59 4.04 38.14
C GLY F 54 -15.22 4.03 36.76
N PHE F 55 -16.51 3.67 36.73
CA PHE F 55 -17.30 3.50 35.51
C PHE F 55 -18.79 3.35 35.79
N SER F 56 -19.67 3.87 34.93
CA SER F 56 -21.10 3.50 34.97
C SER F 56 -21.28 2.10 34.38
N PHE F 57 -22.38 1.43 34.70
CA PHE F 57 -22.61 0.07 34.23
C PHE F 57 -24.10 -0.25 34.19
N LEU F 58 -24.53 -0.80 33.06
CA LEU F 58 -25.89 -1.23 32.88
C LEU F 58 -25.82 -2.63 32.32
N ASP F 59 -26.28 -3.60 33.08
CA ASP F 59 -26.31 -5.00 32.68
C ASP F 59 -27.42 -5.21 31.65
N LEU F 60 -27.11 -5.75 30.47
CA LEU F 60 -28.16 -5.96 29.45
C LEU F 60 -28.67 -7.39 29.35
N THR F 61 -28.48 -8.18 30.41
CA THR F 61 -28.89 -9.58 30.43
C THR F 61 -30.38 -9.74 30.04
N ASP F 62 -31.25 -8.91 30.62
CA ASP F 62 -32.68 -9.00 30.34
C ASP F 62 -33.08 -8.56 28.94
N GLU F 63 -32.32 -7.66 28.33
CA GLU F 63 -32.67 -7.21 26.97
C GLU F 63 -32.21 -8.20 25.91
N MSE F 64 -31.17 -8.97 26.19
CA MSE F 64 -30.62 -9.90 25.19
C MSE F 64 -31.62 -10.86 24.54
O MSE F 64 -31.75 -10.85 23.32
CB MSE F 64 -29.40 -10.63 25.73
CG MSE F 64 -28.19 -9.71 25.78
SE MSE F 64 -26.58 -10.44 26.67
CE MSE F 64 -26.59 -12.13 25.63
N PRO F 65 -32.35 -11.66 25.32
CA PRO F 65 -33.36 -12.53 24.70
C PRO F 65 -34.37 -11.77 23.84
N LYS F 66 -34.63 -10.52 24.16
CA LYS F 66 -35.56 -9.71 23.37
C LYS F 66 -34.96 -9.37 22.01
N ILE F 67 -33.69 -9.04 21.97
CA ILE F 67 -33.04 -8.77 20.70
C ILE F 67 -33.03 -10.06 19.85
N ILE F 68 -32.61 -11.16 20.47
CA ILE F 68 -32.48 -12.45 19.80
C ILE F 68 -33.85 -12.87 19.19
N ALA F 69 -34.94 -12.68 19.92
CA ALA F 69 -36.27 -13.12 19.44
C ALA F 69 -36.65 -12.33 18.18
N GLU F 70 -36.22 -11.07 18.10
CA GLU F 70 -36.44 -10.28 16.89
C GLU F 70 -35.57 -10.76 15.75
N TRP F 71 -34.31 -11.03 16.03
CA TRP F 71 -33.43 -11.56 15.00
C TRP F 71 -34.00 -12.89 14.43
N LYS F 72 -34.64 -13.70 15.26
CA LYS F 72 -35.29 -14.89 14.75
C LYS F 72 -36.44 -14.48 13.85
N LYS F 73 -37.27 -13.54 14.29
CA LYS F 73 -38.35 -13.03 13.44
C LYS F 73 -37.84 -12.57 12.08
N LEU F 74 -36.73 -11.84 12.08
CA LEU F 74 -36.18 -11.28 10.82
C LEU F 74 -35.52 -12.34 9.96
N GLU F 75 -35.21 -13.49 10.57
CA GLU F 75 -34.56 -14.62 9.91
C GLU F 75 -33.17 -14.27 9.47
N VAL F 76 -32.46 -13.52 10.32
CA VAL F 76 -31.06 -13.14 10.02
C VAL F 76 -30.12 -14.33 10.17
N GLN F 77 -29.18 -14.44 9.24
CA GLN F 77 -28.21 -15.50 9.29
C GLN F 77 -26.82 -14.89 9.36
N PHE F 78 -26.04 -15.40 10.29
CA PHE F 78 -24.73 -14.88 10.57
C PHE F 78 -23.72 -15.86 10.04
N ASP F 79 -22.68 -15.33 9.44
CA ASP F 79 -21.57 -16.13 9.03
C ASP F 79 -20.64 -16.40 10.18
N ALA F 80 -20.70 -15.62 11.26
CA ALA F 80 -19.85 -15.84 12.44
C ALA F 80 -20.51 -15.21 13.66
N ILE F 81 -20.24 -15.81 14.82
CA ILE F 81 -20.56 -15.26 16.09
C ILE F 81 -19.24 -15.12 16.83
N TYR F 82 -19.01 -13.94 17.40
CA TYR F 82 -17.78 -13.59 18.08
C TYR F 82 -18.13 -12.97 19.43
N THR F 83 -17.82 -13.70 20.50
CA THR F 83 -18.15 -13.26 21.86
C THR F 83 -16.91 -12.72 22.58
N GLY F 84 -17.14 -11.78 23.48
CA GLY F 84 -16.10 -11.27 24.39
C GLY F 84 -16.67 -10.96 25.76
N TYR F 85 -16.44 -9.73 26.25
CA TYR F 85 -16.90 -9.29 27.57
C TYR F 85 -18.44 -9.44 27.76
N LEU F 86 -18.83 -10.21 28.75
CA LEU F 86 -20.25 -10.44 29.07
C LEU F 86 -20.66 -9.73 30.38
N GLY F 87 -21.93 -9.35 30.42
CA GLY F 87 -22.43 -8.46 31.42
C GLY F 87 -22.83 -9.14 32.71
N SER F 88 -23.02 -10.46 32.67
CA SER F 88 -23.29 -11.22 33.89
C SER F 88 -22.99 -12.69 33.66
N PRO F 89 -22.72 -13.46 34.71
CA PRO F 89 -22.61 -14.91 34.45
C PRO F 89 -23.89 -15.55 33.86
N ARG F 90 -25.06 -14.94 34.06
CA ARG F 90 -26.31 -15.46 33.48
C ARG F 90 -26.35 -15.41 31.94
N GLN F 91 -25.52 -14.56 31.37
CA GLN F 91 -25.49 -14.45 29.91
C GLN F 91 -24.92 -15.69 29.23
N ILE F 92 -24.12 -16.50 29.91
CA ILE F 92 -23.49 -17.65 29.25
C ILE F 92 -24.56 -18.58 28.64
N GLN F 93 -25.59 -18.90 29.41
CA GLN F 93 -26.71 -19.73 28.89
C GLN F 93 -27.41 -19.10 27.67
N ILE F 94 -27.61 -17.78 27.73
CA ILE F 94 -28.22 -17.02 26.61
C ILE F 94 -27.36 -17.11 25.32
N VAL F 95 -26.09 -16.77 25.46
CA VAL F 95 -25.15 -16.79 24.36
C VAL F 95 -25.01 -18.24 23.84
N SER F 96 -24.96 -19.23 24.73
N SER F 96 -24.95 -19.23 24.72
CA SER F 96 -24.84 -20.64 24.32
CA SER F 96 -24.83 -20.64 24.30
C SER F 96 -26.02 -21.08 23.46
C SER F 96 -26.02 -21.07 23.45
N ASP F 97 -27.22 -20.72 23.90
CA ASP F 97 -28.45 -20.97 23.14
C ASP F 97 -28.48 -20.19 21.81
N PHE F 98 -27.98 -18.96 21.83
CA PHE F 98 -27.87 -18.16 20.61
C PHE F 98 -26.94 -18.84 19.62
N ILE F 99 -25.78 -19.29 20.10
CA ILE F 99 -24.84 -19.98 19.21
C ILE F 99 -25.49 -21.24 18.68
N LYS F 100 -26.19 -21.95 19.56
CA LYS F 100 -26.82 -23.21 19.17
C LYS F 100 -27.88 -22.99 18.08
N ASP F 101 -28.63 -21.90 18.20
CA ASP F 101 -29.76 -21.62 17.32
C ASP F 101 -29.42 -20.87 16.03
N PHE F 102 -28.26 -20.20 15.96
CA PHE F 102 -27.88 -19.41 14.80
C PHE F 102 -26.69 -19.96 14.06
N ARG F 103 -25.95 -20.89 14.66
CA ARG F 103 -24.79 -21.45 13.96
C ARG F 103 -25.27 -22.18 12.73
N GLN F 104 -24.49 -22.11 11.67
CA GLN F 104 -24.74 -22.90 10.46
C GLN F 104 -23.60 -23.89 10.32
N PRO F 105 -23.72 -24.83 9.37
CA PRO F 105 -22.64 -25.83 9.30
C PRO F 105 -21.27 -25.22 9.01
N ASP F 106 -21.25 -24.21 8.16
CA ASP F 106 -20.04 -23.44 7.85
C ASP F 106 -19.84 -22.19 8.72
N SER F 107 -20.47 -22.08 9.89
CA SER F 107 -20.28 -20.89 10.75
C SER F 107 -18.90 -20.87 11.45
N LEU F 108 -18.39 -19.67 11.73
CA LEU F 108 -17.21 -19.52 12.57
C LEU F 108 -17.66 -19.02 13.93
N ILE F 109 -17.36 -19.76 14.98
CA ILE F 109 -17.69 -19.34 16.32
C ILE F 109 -16.40 -18.98 17.00
N VAL F 110 -16.26 -17.74 17.42
CA VAL F 110 -15.07 -17.25 18.09
C VAL F 110 -15.43 -16.77 19.51
N ALA F 111 -14.74 -17.25 20.53
CA ALA F 111 -14.97 -16.80 21.89
C ALA F 111 -13.65 -16.30 22.51
N ASP F 112 -13.56 -14.98 22.71
CA ASP F 112 -12.52 -14.42 23.57
C ASP F 112 -13.05 -14.56 25.00
N PRO F 113 -12.46 -15.45 25.81
CA PRO F 113 -12.95 -15.70 27.20
C PRO F 113 -12.53 -14.61 28.19
N VAL F 114 -13.15 -13.45 28.07
CA VAL F 114 -12.72 -12.25 28.77
C VAL F 114 -13.02 -12.41 30.28
N LEU F 115 -11.97 -12.56 31.09
CA LEU F 115 -12.12 -12.80 32.54
C LEU F 115 -11.25 -11.85 33.36
N GLY F 116 -10.07 -11.55 32.83
CA GLY F 116 -9.09 -10.74 33.52
C GLY F 116 -7.78 -10.63 32.76
N ASP F 117 -6.72 -10.24 33.48
CA ASP F 117 -5.39 -9.94 32.93
C ASP F 117 -4.52 -9.53 34.12
N ASN F 118 -3.20 -9.49 33.90
CA ASN F 118 -2.24 -9.27 34.98
C ASN F 118 -2.42 -10.22 36.18
N GLY F 119 -3.04 -11.38 35.96
CA GLY F 119 -3.16 -12.44 36.94
C GLY F 119 -4.36 -12.32 37.87
N ARG F 120 -5.20 -11.30 37.66
CA ARG F 120 -6.38 -11.06 38.50
C ARG F 120 -7.63 -10.88 37.62
N LEU F 121 -8.81 -11.19 38.16
CA LEU F 121 -10.08 -10.97 37.43
C LEU F 121 -10.40 -9.46 37.26
N TYR F 122 -11.22 -9.13 36.27
CA TYR F 122 -11.65 -7.73 36.05
C TYR F 122 -12.61 -7.29 37.15
N THR F 123 -12.76 -5.98 37.31
CA THR F 123 -13.56 -5.45 38.40
C THR F 123 -14.90 -6.17 38.42
N ASN F 124 -15.29 -6.62 39.59
CA ASN F 124 -16.59 -7.27 39.78
C ASN F 124 -16.80 -8.68 39.12
N PHE F 125 -15.76 -9.25 38.49
CA PHE F 125 -15.84 -10.66 38.02
C PHE F 125 -15.52 -11.58 39.18
N ASP F 126 -16.20 -12.72 39.25
CA ASP F 126 -15.89 -13.69 40.29
C ASP F 126 -15.82 -15.08 39.69
N MSE F 127 -15.75 -16.10 40.56
CA MSE F 127 -15.59 -17.47 40.10
C MSE F 127 -16.80 -17.97 39.35
O MSE F 127 -16.66 -18.87 38.54
CB MSE F 127 -15.20 -18.42 41.26
CG MSE F 127 -13.72 -18.32 41.69
SE MSE F 127 -12.38 -18.48 40.19
CE MSE F 127 -12.02 -20.41 40.37
N GLU F 128 -17.98 -17.41 39.60
N GLU F 128 -17.97 -17.40 39.62
CA GLU F 128 -19.17 -17.84 38.86
CA GLU F 128 -19.20 -17.74 38.91
C GLU F 128 -19.02 -17.51 37.38
C GLU F 128 -19.04 -17.49 37.41
N MSE F 129 -18.45 -16.34 37.09
CA MSE F 129 -18.19 -15.95 35.70
C MSE F 129 -17.11 -16.86 35.10
O MSE F 129 -17.24 -17.24 33.96
CB MSE F 129 -17.77 -14.47 35.58
CG MSE F 129 -17.50 -14.00 34.16
SE MSE F 129 -19.09 -13.65 33.09
CE MSE F 129 -19.66 -11.91 33.89
N VAL F 130 -16.09 -17.20 35.87
CA VAL F 130 -15.05 -18.15 35.40
C VAL F 130 -15.67 -19.49 35.07
N LYS F 131 -16.39 -20.06 36.05
CA LYS F 131 -17.12 -21.33 35.92
C LYS F 131 -17.95 -21.38 34.65
N GLU F 132 -18.83 -20.41 34.44
CA GLU F 132 -19.65 -20.37 33.21
C GLU F 132 -18.87 -20.22 31.92
N MSE F 133 -17.81 -19.40 31.97
CA MSE F 133 -16.93 -19.21 30.78
C MSE F 133 -16.27 -20.52 30.36
O MSE F 133 -15.97 -20.74 29.19
CB MSE F 133 -15.86 -18.13 31.05
CG MSE F 133 -15.10 -17.69 29.81
SE MSE F 133 -16.21 -16.91 28.39
CE MSE F 133 -16.61 -15.11 29.09
N ARG F 134 -16.04 -21.41 31.31
CA ARG F 134 -15.47 -22.72 30.99
C ARG F 134 -16.45 -23.51 30.12
N HIS F 135 -17.76 -23.36 30.35
CA HIS F 135 -18.75 -23.98 29.49
C HIS F 135 -18.87 -23.26 28.12
N LEU F 136 -18.86 -21.93 28.10
CA LEU F 136 -19.09 -21.27 26.82
C LEU F 136 -17.98 -21.68 25.82
N ILE F 137 -16.73 -21.79 26.26
CA ILE F 137 -15.63 -22.06 25.34
C ILE F 137 -15.75 -23.43 24.67
N THR F 138 -16.48 -24.34 25.29
CA THR F 138 -16.79 -25.64 24.67
C THR F 138 -17.61 -25.49 23.39
N LYS F 139 -18.23 -24.33 23.17
CA LYS F 139 -19.07 -24.11 22.00
C LYS F 139 -18.33 -23.50 20.78
N ALA F 140 -17.12 -22.98 21.01
CA ALA F 140 -16.42 -22.16 20.06
C ALA F 140 -15.47 -22.96 19.16
N ASP F 141 -15.18 -22.44 17.96
CA ASP F 141 -14.22 -23.07 17.02
C ASP F 141 -12.84 -22.51 17.29
N VAL F 142 -12.78 -21.28 17.78
CA VAL F 142 -11.55 -20.54 17.98
C VAL F 142 -11.64 -19.82 19.33
N ILE F 143 -10.70 -20.02 20.25
CA ILE F 143 -10.69 -19.24 21.51
C ILE F 143 -9.33 -18.51 21.70
N THR F 144 -9.34 -17.36 22.39
CA THR F 144 -8.16 -16.46 22.49
C THR F 144 -7.83 -15.97 23.91
N PRO F 145 -7.65 -16.91 24.83
CA PRO F 145 -7.32 -16.53 26.20
C PRO F 145 -5.96 -15.81 26.31
N ASN F 146 -5.91 -14.76 27.13
CA ASN F 146 -4.60 -14.32 27.63
C ASN F 146 -4.14 -15.37 28.66
N LEU F 147 -2.91 -15.21 29.14
CA LEU F 147 -2.35 -16.15 30.12
C LEU F 147 -3.19 -16.20 31.41
N THR F 148 -3.64 -15.04 31.92
CA THR F 148 -4.49 -15.01 33.16
C THR F 148 -5.72 -15.89 32.93
N GLU F 149 -6.33 -15.67 31.78
CA GLU F 149 -7.54 -16.40 31.37
C GLU F 149 -7.31 -17.90 31.17
N LEU F 150 -6.16 -18.26 30.64
CA LEU F 150 -5.82 -19.67 30.42
C LEU F 150 -5.87 -20.45 31.73
N PHE F 151 -5.28 -19.85 32.77
CA PHE F 151 -5.19 -20.52 34.06
C PHE F 151 -6.54 -20.57 34.76
N TYR F 152 -7.33 -19.50 34.65
CA TYR F 152 -8.72 -19.55 35.14
C TYR F 152 -9.52 -20.61 34.41
N LEU F 153 -9.34 -20.71 33.10
CA LEU F 153 -10.06 -21.72 32.32
C LEU F 153 -9.74 -23.13 32.78
N LEU F 154 -8.45 -23.40 32.99
CA LEU F 154 -7.97 -24.76 33.37
C LEU F 154 -8.06 -25.08 34.86
N ASP F 155 -8.47 -24.09 35.65
CA ASP F 155 -8.59 -24.23 37.09
C ASP F 155 -7.25 -24.56 37.78
N GLU F 156 -6.20 -23.88 37.35
CA GLU F 156 -4.84 -24.04 37.85
C GLU F 156 -4.33 -22.70 38.33
N PRO F 157 -3.32 -22.72 39.20
CA PRO F 157 -2.75 -21.45 39.59
C PRO F 157 -1.91 -20.83 38.47
N TYR F 158 -1.95 -19.50 38.41
CA TYR F 158 -1.17 -18.69 37.48
C TYR F 158 0.34 -18.92 37.62
N LYS F 159 1.00 -19.29 36.52
CA LYS F 159 2.46 -19.37 36.45
C LYS F 159 2.95 -18.51 35.25
N ALA F 160 3.89 -17.60 35.51
CA ALA F 160 4.48 -16.75 34.46
C ALA F 160 5.80 -17.31 33.89
N ASP F 161 6.13 -18.55 34.26
CA ASP F 161 7.31 -19.23 33.74
C ASP F 161 7.01 -20.71 33.47
N SER F 162 6.07 -20.96 32.55
CA SER F 162 5.80 -22.29 32.03
C SER F 162 6.72 -22.58 30.86
N THR F 163 7.06 -23.86 30.65
CA THR F 163 7.95 -24.29 29.54
C THR F 163 7.20 -24.31 28.22
N ASP F 164 7.91 -24.43 27.09
CA ASP F 164 7.22 -24.47 25.80
C ASP F 164 6.36 -25.71 25.73
N GLU F 165 6.86 -26.87 26.16
CA GLU F 165 6.00 -28.06 26.02
C GLU F 165 4.87 -28.02 27.03
N GLU F 166 5.04 -27.29 28.13
CA GLU F 166 3.96 -27.14 29.11
C GLU F 166 2.83 -26.32 28.48
N LEU F 167 3.24 -25.34 27.68
CA LEU F 167 2.29 -24.49 26.97
C LEU F 167 1.58 -25.29 25.87
N LYS F 168 2.31 -26.12 25.13
CA LYS F 168 1.68 -26.98 24.15
C LYS F 168 0.68 -27.86 24.89
N GLU F 169 1.08 -28.37 26.05
CA GLU F 169 0.15 -29.13 26.91
C GLU F 169 -1.18 -28.38 27.17
N TYR F 170 -1.08 -27.15 27.65
CA TYR F 170 -2.27 -26.34 27.90
C TYR F 170 -3.11 -26.14 26.60
N LEU F 171 -2.44 -25.89 25.48
CA LEU F 171 -3.14 -25.69 24.20
C LEU F 171 -3.95 -26.94 23.85
N ARG F 172 -3.35 -28.12 24.04
N ARG F 172 -3.37 -28.13 24.05
CA ARG F 172 -4.05 -29.37 23.74
CA ARG F 172 -4.09 -29.37 23.76
C ARG F 172 -5.21 -29.60 24.71
C ARG F 172 -5.25 -29.53 24.71
N LEU F 173 -5.01 -29.28 25.99
CA LEU F 173 -6.05 -29.46 27.02
C LEU F 173 -7.26 -28.58 26.68
N LEU F 174 -7.02 -27.33 26.32
CA LEU F 174 -8.13 -26.46 25.99
C LEU F 174 -8.80 -26.92 24.68
N SER F 175 -8.00 -27.29 23.68
CA SER F 175 -8.54 -27.80 22.41
C SER F 175 -9.46 -29.00 22.59
N ASP F 176 -9.07 -29.90 23.49
CA ASP F 176 -9.86 -31.09 23.76
C ASP F 176 -11.23 -30.73 24.34
N LYS F 177 -11.39 -29.52 24.90
CA LYS F 177 -12.68 -29.13 25.40
C LYS F 177 -13.62 -28.66 24.29
N GLY F 178 -13.10 -28.57 23.07
CA GLY F 178 -13.94 -28.18 21.92
C GLY F 178 -13.26 -27.46 20.74
N PRO F 179 -12.70 -26.26 21.00
CA PRO F 179 -12.14 -25.41 19.96
C PRO F 179 -11.09 -26.10 19.13
N GLN F 180 -11.21 -26.01 17.81
CA GLN F 180 -10.17 -26.48 16.89
C GLN F 180 -8.91 -25.63 17.02
N VAL F 181 -9.08 -24.34 17.27
CA VAL F 181 -7.98 -23.42 17.32
C VAL F 181 -7.97 -22.73 18.68
N VAL F 182 -6.82 -22.77 19.34
CA VAL F 182 -6.62 -22.15 20.62
C VAL F 182 -5.41 -21.23 20.51
N ILE F 183 -5.57 -19.97 20.93
CA ILE F 183 -4.45 -19.03 20.94
C ILE F 183 -4.24 -18.49 22.37
N ILE F 184 -3.01 -18.56 22.85
CA ILE F 184 -2.70 -17.96 24.15
C ILE F 184 -1.91 -16.67 23.93
N THR F 185 -2.47 -15.56 24.40
CA THR F 185 -1.82 -14.26 24.31
C THR F 185 -1.11 -13.86 25.66
N SER F 186 -0.25 -12.85 25.57
CA SER F 186 0.33 -12.20 26.75
C SER F 186 1.20 -13.14 27.58
N VAL F 187 1.94 -14.02 26.93
CA VAL F 187 2.80 -14.92 27.68
C VAL F 187 4.13 -14.17 27.91
N PRO F 188 4.49 -13.94 29.19
CA PRO F 188 5.77 -13.28 29.47
C PRO F 188 6.93 -14.05 28.86
N VAL F 189 8.04 -13.35 28.61
CA VAL F 189 9.21 -13.92 27.94
C VAL F 189 10.41 -14.10 28.90
N HIS F 190 11.25 -15.08 28.57
CA HIS F 190 12.44 -15.37 29.36
C HIS F 190 13.51 -14.32 29.03
N ASP F 191 13.90 -13.57 30.06
CA ASP F 191 14.95 -12.57 29.95
C ASP F 191 14.56 -11.29 29.20
N GLU F 192 13.29 -11.12 28.82
CA GLU F 192 12.91 -9.96 27.98
C GLU F 192 11.67 -9.25 28.50
N PRO F 193 11.85 -8.42 29.53
CA PRO F 193 10.67 -7.87 30.20
C PRO F 193 9.93 -6.82 29.40
N HIS F 194 10.49 -6.34 28.28
CA HIS F 194 9.72 -5.46 27.38
C HIS F 194 8.93 -6.25 26.28
N LYS F 195 9.20 -7.57 26.16
CA LYS F 195 8.55 -8.44 25.17
C LYS F 195 7.48 -9.37 25.75
N THR F 196 6.60 -9.84 24.88
CA THR F 196 5.57 -10.83 25.23
C THR F 196 5.53 -11.90 24.11
N SER F 197 4.76 -12.97 24.30
CA SER F 197 4.63 -13.98 23.24
C SER F 197 3.22 -14.57 23.10
N VAL F 198 2.98 -15.19 21.94
CA VAL F 198 1.70 -15.83 21.60
C VAL F 198 1.99 -17.26 21.17
N TYR F 199 1.15 -18.17 21.63
CA TYR F 199 1.24 -19.59 21.27
C TYR F 199 -0.10 -20.01 20.70
N ALA F 200 -0.08 -20.88 19.70
CA ALA F 200 -1.33 -21.33 19.11
C ALA F 200 -1.24 -22.78 18.66
N TYR F 201 -2.40 -23.41 18.60
CA TYR F 201 -2.53 -24.79 18.16
C TYR F 201 -3.71 -24.89 17.24
N ASN F 202 -3.54 -25.71 16.21
CA ASN F 202 -4.62 -25.98 15.27
C ASN F 202 -4.77 -27.47 15.19
N ARG F 203 -5.91 -27.96 15.65
N ARG F 203 -5.91 -27.98 15.65
CA ARG F 203 -6.22 -29.39 15.62
CA ARG F 203 -6.17 -29.41 15.62
C ARG F 203 -6.20 -29.91 14.20
C ARG F 203 -6.19 -29.91 14.20
N GLN F 204 -6.61 -29.06 13.27
CA GLN F 204 -6.60 -29.44 11.86
C GLN F 204 -5.18 -29.26 11.36
N GLY F 205 -4.51 -30.39 11.15
CA GLY F 205 -3.10 -30.46 10.78
C GLY F 205 -2.18 -30.63 11.99
N ASN F 206 -2.75 -30.57 13.18
CA ASN F 206 -1.98 -30.79 14.41
C ASN F 206 -0.72 -29.90 14.50
N ARG F 207 -0.84 -28.61 14.17
CA ARG F 207 0.34 -27.75 14.16
C ARG F 207 0.34 -26.78 15.34
N TYR F 208 1.54 -26.48 15.84
CA TYR F 208 1.72 -25.51 16.91
C TYR F 208 2.48 -24.30 16.46
N TRP F 209 2.06 -23.11 16.88
CA TRP F 209 2.72 -21.87 16.49
C TRP F 209 3.15 -21.02 17.68
N LYS F 210 4.20 -20.23 17.44
CA LYS F 210 4.68 -19.26 18.41
C LYS F 210 5.06 -17.94 17.74
N VAL F 211 4.69 -16.82 18.37
CA VAL F 211 5.24 -15.54 17.96
C VAL F 211 5.79 -14.74 19.15
N THR F 212 6.87 -14.02 18.92
CA THR F 212 7.45 -13.14 19.90
C THR F 212 7.14 -11.70 19.56
N CYS F 213 6.68 -10.92 20.54
CA CYS F 213 6.20 -9.54 20.30
C CYS F 213 6.95 -8.52 21.16
N PRO F 214 7.43 -7.44 20.52
CA PRO F 214 8.13 -6.42 21.26
C PRO F 214 7.16 -5.37 21.78
N TYR F 215 6.21 -5.84 22.56
CA TYR F 215 5.23 -5.00 23.21
C TYR F 215 4.60 -5.79 24.37
N LEU F 216 3.92 -5.07 25.26
CA LEU F 216 3.29 -5.66 26.43
C LEU F 216 1.83 -5.29 26.33
N PRO F 217 1.00 -6.18 25.83
CA PRO F 217 -0.38 -5.77 25.53
C PRO F 217 -1.21 -5.44 26.77
N ALA F 218 -0.84 -6.03 27.90
CA ALA F 218 -1.53 -5.78 29.15
C ALA F 218 -1.48 -4.31 29.53
N HIS F 219 -0.50 -3.55 29.03
CA HIS F 219 -0.42 -2.09 29.30
C HIS F 219 -1.49 -1.26 28.58
N TYR F 220 -2.23 -1.89 27.67
CA TYR F 220 -3.15 -1.16 26.82
C TYR F 220 -4.44 -1.96 26.87
N PRO F 221 -5.38 -1.55 27.73
CA PRO F 221 -6.70 -2.18 27.78
C PRO F 221 -7.35 -2.34 26.41
N GLY F 222 -7.82 -3.55 26.16
CA GLY F 222 -8.56 -3.85 24.95
C GLY F 222 -7.76 -4.48 23.82
N THR F 223 -6.44 -4.65 24.00
CA THR F 223 -5.63 -5.29 22.97
C THR F 223 -6.02 -6.75 22.67
N GLY F 224 -6.66 -7.44 23.60
CA GLY F 224 -7.27 -8.77 23.27
C GLY F 224 -8.50 -8.68 22.36
N ASP F 225 -9.28 -7.62 22.53
CA ASP F 225 -10.38 -7.34 21.61
C ASP F 225 -9.81 -6.99 20.21
N THR F 226 -8.77 -6.17 20.17
CA THR F 226 -8.12 -5.90 18.89
C THR F 226 -7.60 -7.19 18.29
N PHE F 227 -6.90 -7.98 19.08
CA PHE F 227 -6.26 -9.22 18.55
C PHE F 227 -7.27 -10.18 17.92
N THR F 228 -8.32 -10.47 18.67
CA THR F 228 -9.32 -11.45 18.25
C THR F 228 -10.16 -10.94 17.08
N SER F 229 -10.41 -9.63 17.02
CA SER F 229 -11.10 -9.05 15.88
C SER F 229 -10.30 -9.31 14.61
N VAL F 230 -9.01 -9.01 14.66
CA VAL F 230 -8.16 -9.20 13.45
C VAL F 230 -8.06 -10.68 13.10
N ILE F 231 -7.87 -11.52 14.13
CA ILE F 231 -7.88 -12.95 13.91
C ILE F 231 -9.17 -13.36 13.21
N THR F 232 -10.31 -12.90 13.71
CA THR F 232 -11.61 -13.27 13.14
C THR F 232 -11.77 -12.84 11.68
N GLY F 233 -11.44 -11.59 11.38
CA GLY F 233 -11.56 -11.17 9.98
C GLY F 233 -10.56 -11.89 9.08
N SER F 234 -9.37 -12.14 9.60
CA SER F 234 -8.33 -12.75 8.80
C SER F 234 -8.75 -14.19 8.43
N LEU F 235 -9.19 -14.95 9.43
CA LEU F 235 -9.75 -16.31 9.16
C LEU F 235 -10.96 -16.29 8.21
N MSE F 236 -11.84 -15.30 8.37
N MSE F 236 -11.84 -15.30 8.39
CA MSE F 236 -13.01 -15.19 7.48
CA MSE F 236 -13.01 -15.12 7.52
C MSE F 236 -12.67 -14.84 6.02
C MSE F 236 -12.65 -14.85 6.04
O MSE F 236 -13.36 -15.23 5.09
O MSE F 236 -13.32 -15.31 5.11
CB MSE F 236 -14.01 -14.19 8.06
CB MSE F 236 -13.89 -13.99 8.06
CG MSE F 236 -14.65 -14.68 9.35
CG MSE F 236 -14.69 -14.39 9.30
SE MSE F 236 -15.98 -13.44 10.02
SE MSE F 236 -16.22 -15.50 8.78
CE MSE F 236 -17.34 -13.58 8.62
CE MSE F 236 -17.49 -14.07 8.39
N GLN F 237 -11.60 -14.07 5.84
CA GLN F 237 -11.04 -13.80 4.50
C GLN F 237 -10.31 -15.01 3.92
N GLY F 238 -10.19 -16.09 4.68
CA GLY F 238 -9.62 -17.31 4.16
C GLY F 238 -8.13 -17.43 4.41
N ASP F 239 -7.54 -16.55 5.22
CA ASP F 239 -6.12 -16.67 5.61
C ASP F 239 -5.90 -17.88 6.54
N SER F 240 -4.70 -18.42 6.51
CA SER F 240 -4.31 -19.53 7.36
C SER F 240 -4.02 -19.00 8.77
N LEU F 241 -3.96 -19.89 9.75
CA LEU F 241 -3.74 -19.48 11.12
C LEU F 241 -2.42 -18.69 11.26
N PRO F 242 -1.32 -19.20 10.67
CA PRO F 242 -0.10 -18.42 10.84
C PRO F 242 -0.19 -17.02 10.24
N MSE F 243 -0.93 -16.85 9.14
N MSE F 243 -0.92 -16.89 9.12
CA MSE F 243 -1.13 -15.53 8.58
CA MSE F 243 -1.19 -15.61 8.49
C MSE F 243 -1.99 -14.69 9.49
C MSE F 243 -2.00 -14.72 9.44
O MSE F 243 -1.71 -13.50 9.67
O MSE F 243 -1.67 -13.55 9.61
CB MSE F 243 -1.78 -15.63 7.21
CB MSE F 243 -1.98 -15.82 7.17
CG MSE F 243 -2.13 -14.29 6.60
CG MSE F 243 -1.21 -16.48 5.98
SE MSE F 243 -0.52 -13.26 6.16
SE MSE F 243 -2.37 -16.89 4.43
CE MSE F 243 0.16 -14.28 4.63
CE MSE F 243 -2.63 -15.06 3.78
N ALA F 244 -3.03 -15.29 10.08
CA ALA F 244 -3.86 -14.54 11.01
C ALA F 244 -3.07 -14.06 12.24
N LEU F 245 -2.22 -14.92 12.79
CA LEU F 245 -1.35 -14.52 13.87
C LEU F 245 -0.43 -13.34 13.47
N ASP F 246 0.11 -13.43 12.26
CA ASP F 246 1.01 -12.37 11.74
C ASP F 246 0.29 -11.03 11.67
N ARG F 247 -0.91 -11.05 11.11
CA ARG F 247 -1.67 -9.82 10.97
C ARG F 247 -2.10 -9.21 12.29
N ALA F 248 -2.55 -10.05 13.24
CA ALA F 248 -3.01 -9.58 14.53
C ALA F 248 -1.83 -8.92 15.28
N THR F 249 -0.69 -9.61 15.33
CA THR F 249 0.46 -9.11 16.10
C THR F 249 1.08 -7.89 15.42
N GLN F 250 1.26 -7.91 14.10
CA GLN F 250 1.72 -6.71 13.38
C GLN F 250 0.81 -5.49 13.64
N PHE F 251 -0.49 -5.68 13.51
CA PHE F 251 -1.43 -4.58 13.74
C PHE F 251 -1.31 -4.02 15.13
N ILE F 252 -1.33 -4.89 16.13
CA ILE F 252 -1.21 -4.45 17.49
C ILE F 252 0.10 -3.69 17.66
N LEU F 253 1.18 -4.20 17.06
CA LEU F 253 2.50 -3.56 17.23
C LEU F 253 2.47 -2.13 16.69
N GLN F 254 1.91 -1.96 15.50
CA GLN F 254 1.83 -0.63 14.92
C GLN F 254 0.96 0.28 15.83
N GLY F 255 -0.17 -0.24 16.31
CA GLY F 255 -1.06 0.49 17.20
C GLY F 255 -0.38 1.04 18.47
N ILE F 256 0.48 0.21 19.05
CA ILE F 256 1.25 0.57 20.27
C ILE F 256 2.37 1.54 19.93
N ARG F 257 3.19 1.21 18.92
CA ARG F 257 4.30 2.10 18.54
C ARG F 257 3.83 3.52 18.15
N ALA F 258 2.62 3.62 17.58
CA ALA F 258 1.96 4.89 17.30
C ALA F 258 1.65 5.74 18.52
N THR F 259 1.60 5.15 19.71
CA THR F 259 1.47 5.97 20.96
C THR F 259 2.76 6.56 21.50
N PHE F 260 3.92 6.11 20.98
N PHE F 260 3.90 6.11 20.97
CA PHE F 260 5.19 6.54 21.54
CA PHE F 260 5.20 6.51 21.50
C PHE F 260 5.51 7.96 21.10
C PHE F 260 5.61 7.91 21.05
N GLY F 261 6.29 8.64 21.92
CA GLY F 261 6.91 9.92 21.59
C GLY F 261 6.49 11.14 22.39
N TYR F 262 5.37 11.00 23.09
CA TYR F 262 4.69 12.07 23.81
C TYR F 262 3.96 11.47 25.01
N GLU F 263 3.68 12.27 26.05
CA GLU F 263 2.91 11.79 27.22
C GLU F 263 1.67 11.14 26.65
N TYR F 264 1.41 9.91 27.04
CA TYR F 264 0.22 9.16 26.59
C TYR F 264 -0.39 8.40 27.77
N ASP F 265 -1.67 8.57 27.99
CA ASP F 265 -2.39 7.78 28.99
C ASP F 265 -2.73 6.43 28.35
N ASN F 266 -1.97 5.39 28.70
CA ASN F 266 -2.10 4.08 28.06
C ASN F 266 -3.48 3.44 28.27
N ARG F 267 -4.21 3.90 29.29
CA ARG F 267 -5.59 3.40 29.50
C ARG F 267 -6.53 3.64 28.31
N GLU F 268 -6.23 4.67 27.51
CA GLU F 268 -6.98 4.95 26.26
C GLU F 268 -6.85 3.94 25.14
N GLY F 269 -5.89 3.03 25.28
CA GLY F 269 -5.69 1.94 24.37
C GLY F 269 -4.68 2.22 23.27
N ILE F 270 -4.61 1.30 22.31
CA ILE F 270 -3.77 1.48 21.13
C ILE F 270 -4.39 2.58 20.25
N LEU F 271 -3.57 3.19 19.41
CA LEU F 271 -4.07 4.23 18.51
C LEU F 271 -4.75 3.62 17.27
N LEU F 272 -5.91 3.02 17.49
CA LEU F 272 -6.54 2.19 16.47
C LEU F 272 -6.73 2.93 15.17
N GLU F 273 -7.35 4.11 15.25
CA GLU F 273 -7.84 4.82 14.09
C GLU F 273 -6.69 5.32 13.28
N LYS F 274 -5.51 5.45 13.87
CA LYS F 274 -4.33 5.90 13.15
C LYS F 274 -3.71 4.74 12.35
N VAL F 275 -3.95 3.49 12.73
CA VAL F 275 -3.32 2.34 12.08
C VAL F 275 -4.32 1.43 11.31
N LEU F 276 -5.60 1.78 11.34
CA LEU F 276 -6.67 0.94 10.82
C LEU F 276 -6.48 0.63 9.33
N HIS F 277 -6.04 1.62 8.55
CA HIS F 277 -5.76 1.39 7.13
C HIS F 277 -4.56 0.48 6.86
N ASN F 278 -3.77 0.09 7.87
CA ASN F 278 -2.67 -0.86 7.63
C ASN F 278 -3.15 -2.32 7.48
N LEU F 279 -4.43 -2.56 7.74
CA LEU F 279 -4.96 -3.93 7.72
C LEU F 279 -4.86 -4.47 6.32
N ASP F 280 -4.99 -3.57 5.35
CA ASP F 280 -4.79 -3.82 3.91
C ASP F 280 -3.37 -4.20 3.44
N MSE F 281 -2.35 -3.76 4.17
N MSE F 281 -2.34 -3.75 4.15
CA MSE F 281 -0.99 -3.73 3.64
CA MSE F 281 -0.99 -3.72 3.60
C MSE F 281 -0.34 -5.12 3.69
C MSE F 281 -0.34 -5.11 3.68
O MSE F 281 -0.86 -6.03 4.33
O MSE F 281 -0.86 -6.01 4.35
CB MSE F 281 -0.16 -2.72 4.44
CB MSE F 281 -0.15 -2.70 4.34
CG MSE F 281 -0.69 -1.30 4.39
CG MSE F 281 0.35 -3.20 5.68
SE MSE F 281 -0.44 -0.54 2.60
SE MSE F 281 1.59 -1.98 6.58
CE MSE F 281 -1.78 -1.58 1.62
CE MSE F 281 3.20 -2.44 5.56
N PRO F 282 0.80 -5.30 2.99
CA PRO F 282 1.56 -6.54 3.13
C PRO F 282 1.99 -6.79 4.56
N ILE F 283 1.96 -8.05 4.96
CA ILE F 283 2.17 -8.42 6.35
C ILE F 283 3.47 -9.19 6.40
N GLN F 284 4.35 -8.80 7.33
CA GLN F 284 5.62 -9.50 7.47
C GLN F 284 5.35 -10.79 8.24
N MSE F 285 5.99 -11.87 7.83
CA MSE F 285 5.89 -13.14 8.56
C MSE F 285 6.45 -13.03 9.98
O MSE F 285 7.56 -12.54 10.17
CB MSE F 285 6.60 -14.24 7.79
CG MSE F 285 5.71 -14.96 6.83
SE MSE F 285 6.69 -16.48 6.10
CE MSE F 285 8.16 -15.43 5.30
N ALA F 286 5.70 -13.50 10.97
CA ALA F 286 6.07 -13.36 12.40
C ALA F 286 6.03 -14.68 13.17
N SER F 287 4.95 -15.43 12.97
CA SER F 287 4.76 -16.71 13.63
C SER F 287 5.68 -17.76 13.04
N TYR F 288 6.06 -18.73 13.88
CA TYR F 288 6.85 -19.87 13.45
C TYR F 288 6.37 -21.13 14.13
N GLU F 289 6.62 -22.25 13.48
CA GLU F 289 6.05 -23.48 13.93
C GLU F 289 6.88 -24.11 15.06
N LEU F 290 6.22 -24.49 16.14
CA LEU F 290 6.84 -25.24 17.22
C LEU F 290 6.79 -26.73 16.86
N ILE F 291 7.95 -27.31 16.52
CA ILE F 291 8.07 -28.77 16.30
C ILE F 291 8.48 -29.51 17.61
OP4 PXL G . -9.19 -10.61 -28.02
C5A PXL G . -8.41 -10.01 -29.04
C5 PXL G . -7.48 -11.07 -29.65
C6 PXL G . -7.17 -12.29 -29.08
N1 PXL G . -6.39 -13.18 -29.69
C2 PXL G . -5.78 -13.01 -30.87
C3 PXL G . -6.00 -11.74 -31.57
C4 PXL G . -6.92 -10.77 -30.93
C4A PXL G . -7.22 -9.45 -31.47
O4A PXL G . -6.46 -9.12 -32.33
O3 PXL G . -5.50 -11.45 -32.79
C2A PXL G . -4.87 -14.14 -31.34
CL CL H . -27.05 -3.16 -12.44
OP4 PXL I . 31.54 10.09 8.72
C5A PXL I . 32.36 9.75 7.64
C5 PXL I . 32.69 11.04 6.89
C6 PXL I . 31.94 12.22 6.94
N1 PXL I . 32.21 13.32 6.20
C2 PXL I . 33.33 13.34 5.42
C3 PXL I . 34.23 12.15 5.29
C4 PXL I . 33.87 10.97 6.06
C4A PXL I . 34.57 9.66 6.06
O4A PXL I . 35.44 9.53 5.26
O3 PXL I . 35.34 12.20 4.46
C2A PXL I . 33.63 14.59 4.66
OP4 PXL J . 8.78 -27.13 -13.41
C5A PXL J . 8.06 -28.28 -13.01
C5 PXL J . 7.13 -28.75 -14.08
C6 PXL J . 6.81 -28.01 -15.21
N1 PXL J . 5.93 -28.44 -16.12
C2 PXL J . 5.27 -29.63 -16.05
C3 PXL J . 5.51 -30.52 -14.87
C4 PXL J . 6.48 -30.06 -13.86
C4A PXL J . 6.81 -30.81 -12.63
O4A PXL J . 6.20 -31.83 -12.44
O3 PXL J . 4.87 -31.71 -14.76
C2A PXL J . 4.32 -29.99 -17.17
CL CL K . 26.85 -12.60 -4.62
OP4 PXL L . -31.18 7.92 11.70
C5A PXL L . -32.17 7.01 11.27
C5 PXL L . -32.48 6.05 12.41
C6 PXL L . -31.68 5.89 13.54
N1 PXL L . -31.96 5.02 14.53
C2 PXL L . -33.07 4.21 14.55
C3 PXL L . -34.00 4.27 13.38
C4 PXL L . -33.68 5.24 12.27
C4A PXL L . -34.44 5.43 11.02
O4A PXL L . -35.30 4.65 10.73
O3 PXL L . -35.14 3.51 13.29
C2A PXL L . -33.27 3.25 15.72
OP4 PXL M . 12.16 26.95 -4.24
C5A PXL M . 11.76 27.76 -3.20
C5 PXL M . 13.02 28.23 -2.47
C6 PXL M . 14.29 27.64 -2.47
N1 PXL M . 15.32 28.10 -1.74
C2 PXL M . 15.22 29.22 -0.95
C3 PXL M . 13.94 29.92 -0.87
C4 PXL M . 12.79 29.39 -1.65
C4A PXL M . 11.41 29.92 -1.67
O4A PXL M . 11.18 30.73 -0.80
O3 PXL M . 13.80 31.04 -0.13
C2A PXL M . 16.42 29.69 -0.20
CL CL N . 1.96 13.33 -22.31
OP4 PXL O . -12.03 -7.34 26.58
C5A PXL O . -11.57 -6.40 27.53
C5 PXL O . -12.73 -5.61 28.09
C6 PXL O . -14.03 -5.57 27.54
N1 PXL O . -15.04 -4.83 28.09
C2 PXL O . -14.91 -4.06 29.20
C3 PXL O . -13.60 -4.02 29.89
C4 PXL O . -12.46 -4.82 29.31
C4A PXL O . -11.09 -4.83 29.85
O4A PXL O . -10.80 -4.01 30.68
O3 PXL O . -13.48 -3.25 31.01
C2A PXL O . -16.07 -3.25 29.79
CL CL P . -2.18 -23.99 11.09
#